data_5Z68
#
_entry.id   5Z68
#
_cell.length_a   108.118
_cell.length_b   138.821
_cell.length_c   179.567
_cell.angle_alpha   90.00
_cell.angle_beta   90.00
_cell.angle_gamma   90.00
#
_symmetry.space_group_name_H-M   'P 21 21 21'
#
loop_
_entity.id
_entity.type
_entity.pdbx_description
1 polymer 'DNA replication and repair protein RecF'
2 non-polymer "ADENOSINE-5'-TRIPHOSPHATE"
3 non-polymer IMIDAZOLE
4 non-polymer 'MAGNESIUM ION'
5 water water
#
_entity_poly.entity_id   1
_entity_poly.type   'polypeptide(L)'
_entity_poly.pdbx_seq_one_letter_code
;HHHHAYYSMYLKEIFVDNFRNLKKQKLEFCEGVNLIYGLNAQGKSNLLEAIRLLSMGRSFRGSKMSELVKFDEEYFYVRG
LVRSADFYEKKIEFGYKVNGNKVIKVNGNKLKSTGEILGHFLTVIFSPEDIEIIKEGPSRRRKYLDACISVIDKNYFFDL
LQYNKTLSNRNSLLKKIKEEGKGEDLLEIFDEKLAEYGARIIKVRNNYLEKLKNSMSKFLMEISNEKLEIIYLNSAGVKE
VHEENLIREKLKNRLTKSLTLDLKYLSTQVGPHREDFKILINGYDSRVYSSQGQKRTAALCLKLSELEILEEETGEKPVL
LLDDVMSELDDNRKKYILKKLEGFQSFITHTSKSDVEGDCCFKIYDGIVDKLA
;
_entity_poly.pdbx_strand_id   A,B,C,D
#
loop_
_chem_comp.id
_chem_comp.type
_chem_comp.name
_chem_comp.formula
ATP non-polymer ADENOSINE-5'-TRIPHOSPHATE 'C10 H16 N5 O13 P3'
IMD non-polymer IMIDAZOLE 'C3 H5 N2 1'
MG non-polymer 'MAGNESIUM ION' 'Mg 2'
#
# COMPACT_ATOMS: atom_id res chain seq x y z
N ALA A 5 14.77 54.22 19.86
CA ALA A 5 14.23 53.05 19.19
C ALA A 5 14.78 52.26 20.35
N TYR A 6 13.89 51.73 21.18
CA TYR A 6 14.01 50.57 22.07
C TYR A 6 14.38 49.23 21.45
N TYR A 7 15.10 48.48 22.24
CA TYR A 7 15.45 47.09 21.98
C TYR A 7 14.27 46.16 21.87
N SER A 8 14.18 45.42 20.78
CA SER A 8 13.11 44.43 20.60
C SER A 8 13.17 43.28 21.60
N MET A 9 12.05 42.63 21.91
CA MET A 9 12.12 41.36 22.64
C MET A 9 12.90 40.42 21.75
N TYR A 10 13.79 39.64 22.35
CA TYR A 10 14.65 38.79 21.57
C TYR A 10 15.05 37.61 22.44
N LEU A 11 14.89 36.41 21.90
CA LEU A 11 15.19 35.22 22.68
C LEU A 11 16.56 34.76 22.28
N LYS A 12 17.54 35.03 23.15
CA LYS A 12 18.95 34.71 22.91
C LYS A 12 19.18 33.22 22.86
N GLU A 13 18.76 32.53 23.92
CA GLU A 13 18.85 31.09 23.97
C GLU A 13 17.75 30.39 24.79
N ILE A 14 17.56 29.12 24.48
CA ILE A 14 16.58 28.33 25.20
C ILE A 14 17.25 27.02 25.63
N PHE A 15 16.97 26.63 26.86
CA PHE A 15 17.38 25.33 27.30
C PHE A 15 16.11 24.50 27.58
N VAL A 16 16.09 23.29 27.05
CA VAL A 16 14.97 22.42 27.26
C VAL A 16 15.51 21.13 27.83
N ASP A 17 14.83 20.62 28.85
CA ASP A 17 15.18 19.33 29.43
C ASP A 17 13.88 18.56 29.65
N ASN A 18 13.77 17.43 28.93
CA ASN A 18 12.66 16.54 29.09
C ASN A 18 11.34 17.13 28.62
N PHE A 19 11.39 17.94 27.57
CA PHE A 19 10.19 18.63 27.11
C PHE A 19 9.67 17.99 25.84
N ARG A 20 8.61 17.18 25.97
CA ARG A 20 8.02 16.43 24.85
C ARG A 20 9.09 15.61 24.13
N ASN A 21 9.04 15.56 22.81
CA ASN A 21 9.92 14.66 22.10
C ASN A 21 11.29 15.24 21.95
N LEU A 22 11.40 16.52 22.32
CA LEU A 22 12.67 17.27 22.25
C LEU A 22 13.78 16.72 23.16
N LYS A 23 14.96 16.44 22.59
CA LYS A 23 16.10 15.95 23.40
C LYS A 23 16.57 17.02 24.38
N LYS A 24 17.57 16.69 25.18
CA LYS A 24 18.14 17.68 26.10
C LYS A 24 19.10 18.53 25.31
N GLN A 25 18.84 19.84 25.26
CA GLN A 25 19.73 20.69 24.53
C GLN A 25 19.58 22.17 24.87
N LYS A 26 20.51 22.95 24.35
CA LYS A 26 20.56 24.39 24.51
C LYS A 26 20.75 24.91 23.11
N LEU A 27 19.88 25.80 22.67
CA LEU A 27 19.99 26.32 21.30
C LEU A 27 20.20 27.82 21.32
N GLU A 28 20.93 28.36 20.34
N GLU A 28 20.89 28.37 20.32
CA GLU A 28 21.17 29.82 20.29
CA GLU A 28 21.11 29.80 20.30
C GLU A 28 20.60 30.42 19.01
C GLU A 28 20.62 30.42 19.00
N PHE A 29 19.73 31.41 19.15
CA PHE A 29 19.00 31.95 18.04
C PHE A 29 19.40 33.36 17.61
N CYS A 30 18.88 33.78 16.47
CA CYS A 30 19.19 35.05 15.86
C CYS A 30 18.17 36.12 16.14
N GLU A 31 18.66 37.34 16.28
CA GLU A 31 17.88 38.53 16.03
C GLU A 31 17.51 38.39 14.57
N GLY A 32 16.22 38.35 14.27
CA GLY A 32 15.82 38.07 12.90
C GLY A 32 15.00 36.81 12.68
N VAL A 33 14.98 36.30 11.46
CA VAL A 33 14.11 35.16 11.15
C VAL A 33 14.79 33.80 11.34
N ASN A 34 14.49 33.16 12.46
CA ASN A 34 14.93 31.81 12.71
C ASN A 34 14.01 30.82 12.04
N LEU A 35 14.47 30.17 10.99
CA LEU A 35 13.62 29.21 10.31
C LEU A 35 13.84 27.81 10.84
N ILE A 36 12.90 27.31 11.62
CA ILE A 36 12.97 25.92 12.06
C ILE A 36 12.28 24.98 11.06
N TYR A 37 13.00 24.00 10.53
CA TYR A 37 12.40 23.11 9.55
C TYR A 37 12.71 21.64 9.78
N GLY A 38 11.88 20.79 9.21
CA GLY A 38 12.00 19.35 9.35
C GLY A 38 10.77 18.59 8.87
N LEU A 39 10.90 17.26 8.79
CA LEU A 39 9.78 16.36 8.51
C LEU A 39 8.77 16.50 9.61
N ASN A 40 7.57 15.92 9.47
CA ASN A 40 6.62 16.13 10.54
C ASN A 40 6.81 15.10 11.63
N ALA A 41 6.37 15.49 12.82
CA ALA A 41 6.43 14.71 14.05
C ALA A 41 7.85 14.62 14.54
N GLN A 42 8.59 15.70 14.34
CA GLN A 42 9.99 15.73 14.72
C GLN A 42 10.20 16.65 15.91
N GLY A 43 9.45 17.74 15.97
CA GLY A 43 9.39 18.51 17.20
C GLY A 43 9.26 20.01 17.02
N LYS A 44 9.10 20.45 15.78
CA LYS A 44 8.90 21.88 15.49
C LYS A 44 7.83 22.61 16.32
N SER A 45 6.67 22.01 16.54
CA SER A 45 5.65 22.71 17.31
C SER A 45 5.97 22.60 18.77
N ASN A 46 6.53 21.44 19.13
CA ASN A 46 6.97 21.23 20.49
C ASN A 46 7.93 22.32 20.89
N LEU A 47 8.89 22.61 20.01
CA LEU A 47 9.89 23.62 20.24
C LEU A 47 9.20 24.98 20.38
N LEU A 48 8.34 25.31 19.42
CA LEU A 48 7.58 26.57 19.49
C LEU A 48 6.79 26.65 20.80
N GLU A 49 6.27 25.50 21.24
CA GLU A 49 5.53 25.43 22.49
C GLU A 49 6.40 25.75 23.69
N ALA A 50 7.65 25.30 23.66
CA ALA A 50 8.55 25.52 24.80
C ALA A 50 8.84 27.00 24.88
N ILE A 51 9.04 27.62 23.72
CA ILE A 51 9.27 29.05 23.69
C ILE A 51 8.12 29.75 24.37
N ARG A 52 6.94 29.61 23.80
CA ARG A 52 5.79 30.35 24.30
C ARG A 52 5.46 30.05 25.77
N LEU A 53 5.78 28.85 26.23
CA LEU A 53 5.69 28.55 27.65
C LEU A 53 6.37 29.63 28.51
N LEU A 54 7.56 30.10 28.09
CA LEU A 54 8.34 31.16 28.75
C LEU A 54 7.65 32.50 28.74
N SER A 55 6.77 32.64 27.75
CA SER A 55 6.03 33.88 27.57
C SER A 55 4.69 33.83 28.26
N MET A 56 4.11 32.64 28.37
CA MET A 56 2.70 32.53 28.70
C MET A 56 2.37 31.66 29.93
N GLY A 57 3.30 30.79 30.31
CA GLY A 57 3.16 30.01 31.54
C GLY A 57 2.34 28.75 31.36
N ARG A 58 2.07 28.39 30.09
CA ARG A 58 1.25 27.23 29.77
C ARG A 58 1.33 26.85 28.29
N SER A 59 0.70 25.75 27.93
CA SER A 59 0.76 25.30 26.56
C SER A 59 -0.15 26.13 25.66
N PHE A 60 0.37 26.62 24.53
CA PHE A 60 -0.45 27.43 23.60
C PHE A 60 -1.46 26.53 22.90
N ARG A 61 -1.35 25.25 23.15
CA ARG A 61 -2.16 24.24 22.48
C ARG A 61 -3.20 23.72 23.47
N GLY A 62 -3.19 24.26 24.67
CA GLY A 62 -4.11 23.81 25.68
C GLY A 62 -3.75 22.53 26.41
N SER A 63 -2.69 21.84 25.97
CA SER A 63 -2.25 20.61 26.66
C SER A 63 -2.06 20.86 28.14
N LYS A 64 -2.14 19.81 28.95
CA LYS A 64 -1.89 20.02 30.37
C LYS A 64 -0.43 19.69 30.73
N MET A 65 0.03 20.29 31.82
CA MET A 65 1.44 20.27 32.19
C MET A 65 2.00 18.84 32.14
N SER A 66 1.32 17.92 32.80
CA SER A 66 1.75 16.53 32.81
C SER A 66 2.05 15.99 31.40
N GLU A 67 1.40 16.51 30.36
CA GLU A 67 1.62 15.95 29.01
C GLU A 67 2.84 16.56 28.34
N LEU A 68 3.32 17.68 28.88
CA LEU A 68 4.50 18.31 28.34
C LEU A 68 5.72 17.51 28.74
N VAL A 69 5.66 16.90 29.93
CA VAL A 69 6.72 16.00 30.37
C VAL A 69 7.02 14.97 29.32
N LYS A 70 8.29 14.79 28.97
CA LYS A 70 8.72 13.70 28.10
C LYS A 70 8.12 12.40 28.60
N PHE A 71 7.95 11.42 27.72
CA PHE A 71 7.32 10.16 28.12
C PHE A 71 8.16 9.42 29.16
N ASP A 72 7.47 8.98 30.21
CA ASP A 72 8.07 8.18 31.25
C ASP A 72 9.15 8.95 31.94
N GLU A 73 8.85 10.19 32.32
CA GLU A 73 9.85 11.02 33.00
C GLU A 73 9.20 11.67 34.20
N GLU A 74 9.99 12.34 35.04
CA GLU A 74 9.39 12.87 36.27
C GLU A 74 9.26 14.39 36.26
N TYR A 75 9.94 15.05 35.34
CA TYR A 75 9.89 16.51 35.33
C TYR A 75 10.15 17.03 33.92
N PHE A 76 10.01 18.33 33.74
CA PHE A 76 10.62 18.96 32.58
C PHE A 76 11.09 20.34 33.01
N TYR A 77 12.04 20.91 32.29
CA TYR A 77 12.63 22.19 32.68
C TYR A 77 12.92 22.99 31.44
N VAL A 78 12.57 24.27 31.47
CA VAL A 78 12.91 25.16 30.38
C VAL A 78 13.59 26.43 30.91
N ARG A 79 14.63 26.87 30.20
CA ARG A 79 15.32 28.11 30.54
C ARG A 79 15.34 29.00 29.32
N GLY A 80 15.08 30.30 29.52
CA GLY A 80 15.25 31.24 28.44
C GLY A 80 16.12 32.42 28.82
N LEU A 81 16.89 32.91 27.88
CA LEU A 81 17.54 34.20 28.05
C LEU A 81 16.99 35.22 27.07
N VAL A 82 16.34 36.24 27.61
CA VAL A 82 15.63 37.16 26.74
C VAL A 82 16.16 38.59 26.91
N ARG A 83 16.15 39.33 25.81
CA ARG A 83 16.44 40.74 25.82
C ARG A 83 15.16 41.57 25.57
N SER A 84 14.70 42.30 26.57
CA SER A 84 13.54 43.16 26.38
C SER A 84 14.03 44.58 26.10
N ALA A 85 13.20 45.58 26.34
CA ALA A 85 13.60 46.95 26.06
C ALA A 85 14.48 47.47 27.19
N ASP A 86 14.22 47.00 28.40
CA ASP A 86 14.93 47.43 29.60
C ASP A 86 15.78 46.32 30.21
N PHE A 87 16.17 45.34 29.42
CA PHE A 87 16.92 44.23 29.97
C PHE A 87 17.92 43.75 28.96
N TYR A 88 19.09 43.34 29.44
CA TYR A 88 20.12 42.92 28.50
C TYR A 88 20.05 41.40 28.37
N GLU A 89 19.84 40.75 29.51
CA GLU A 89 19.67 39.32 29.56
C GLU A 89 18.86 39.02 30.82
N LYS A 90 17.62 38.56 30.63
CA LYS A 90 16.77 38.10 31.71
C LYS A 90 16.68 36.59 31.64
N LYS A 91 16.78 35.96 32.81
CA LYS A 91 16.56 34.52 32.92
C LYS A 91 15.09 34.29 33.18
N ILE A 92 14.43 33.49 32.36
CA ILE A 92 13.12 32.99 32.75
C ILE A 92 13.27 31.51 32.82
N GLU A 93 12.84 30.95 33.94
CA GLU A 93 13.00 29.53 34.16
C GLU A 93 11.67 28.94 34.49
N PHE A 94 11.38 27.80 33.87
CA PHE A 94 10.12 27.12 34.12
C PHE A 94 10.34 25.65 34.32
N GLY A 95 9.81 25.15 35.44
CA GLY A 95 9.95 23.74 35.76
C GLY A 95 8.64 23.16 36.25
N TYR A 96 8.43 21.90 35.93
CA TYR A 96 7.26 21.15 36.39
C TYR A 96 7.68 19.72 36.72
N LYS A 97 7.41 19.28 37.94
CA LYS A 97 7.65 17.89 38.31
C LYS A 97 6.29 17.27 38.39
N VAL A 98 6.15 16.00 38.02
CA VAL A 98 4.80 15.39 37.83
C VAL A 98 4.00 15.13 39.11
N ASN A 99 4.57 15.49 40.25
CA ASN A 99 3.87 15.70 41.51
C ASN A 99 3.00 16.97 41.51
N GLY A 100 2.91 17.64 40.37
CA GLY A 100 2.13 18.87 40.25
C GLY A 100 2.82 20.17 40.67
N ASN A 101 4.12 20.12 40.93
CA ASN A 101 4.82 21.31 41.36
C ASN A 101 5.19 22.21 40.19
N LYS A 102 4.54 23.37 40.08
CA LYS A 102 4.95 24.41 39.12
C LYS A 102 5.92 25.43 39.72
N VAL A 103 7.07 25.60 39.08
CA VAL A 103 8.09 26.50 39.60
C VAL A 103 8.63 27.47 38.56
N ILE A 104 8.37 28.75 38.77
CA ILE A 104 8.83 29.75 37.83
C ILE A 104 9.82 30.71 38.49
N LYS A 105 10.94 30.95 37.83
CA LYS A 105 11.87 31.96 38.32
C LYS A 105 12.19 32.97 37.24
N VAL A 106 12.22 34.24 37.63
CA VAL A 106 12.74 35.30 36.76
C VAL A 106 13.98 35.91 37.41
N ASN A 107 15.10 35.85 36.69
CA ASN A 107 16.40 36.31 37.20
C ASN A 107 16.75 35.68 38.54
N GLY A 108 16.41 34.40 38.71
CA GLY A 108 16.74 33.69 39.93
C GLY A 108 15.62 33.66 40.96
N ASN A 109 14.81 34.71 40.97
CA ASN A 109 13.77 34.85 41.98
C ASN A 109 12.52 34.08 41.67
N LYS A 110 12.18 33.11 42.51
CA LYS A 110 10.98 32.34 42.28
C LYS A 110 9.79 33.29 42.36
N LEU A 111 8.95 33.26 41.33
CA LEU A 111 7.72 34.05 41.33
C LEU A 111 6.71 33.45 42.30
N LYS A 112 5.87 34.31 42.86
CA LYS A 112 4.84 33.85 43.80
C LYS A 112 3.77 33.00 43.09
N SER A 113 3.10 33.57 42.10
CA SER A 113 2.04 32.89 41.37
C SER A 113 2.38 32.75 39.88
N THR A 114 1.93 31.67 39.24
CA THR A 114 2.29 31.41 37.86
C THR A 114 2.00 32.60 36.94
N GLY A 115 0.90 33.27 37.21
CA GLY A 115 0.48 34.39 36.38
C GLY A 115 1.50 35.49 36.29
N GLU A 116 2.37 35.56 37.29
CA GLU A 116 3.35 36.62 37.37
C GLU A 116 4.36 36.51 36.25
N ILE A 117 4.38 35.40 35.53
CA ILE A 117 5.33 35.26 34.44
C ILE A 117 4.91 36.11 33.24
N LEU A 118 3.67 36.56 33.27
CA LEU A 118 3.07 37.30 32.17
C LEU A 118 3.74 38.61 31.94
N GLY A 119 4.17 38.85 30.71
CA GLY A 119 4.68 40.18 30.39
C GLY A 119 6.19 40.28 30.26
N HIS A 120 6.94 39.41 30.96
CA HIS A 120 8.40 39.37 30.90
C HIS A 120 8.93 39.05 29.50
N PHE A 121 8.50 37.92 28.96
CA PHE A 121 8.87 37.57 27.61
C PHE A 121 7.60 37.71 26.76
N LEU A 122 7.65 38.49 25.68
CA LEU A 122 6.44 38.78 24.87
C LEU A 122 6.43 38.17 23.48
N THR A 123 5.54 37.20 23.27
CA THR A 123 5.43 36.54 21.98
C THR A 123 4.04 36.67 21.46
N VAL A 124 3.92 36.66 20.13
CA VAL A 124 2.63 36.51 19.45
C VAL A 124 2.71 35.27 18.55
N ILE A 125 1.77 34.34 18.72
CA ILE A 125 1.89 33.12 17.95
C ILE A 125 0.73 32.99 16.96
N PHE A 126 1.11 32.77 15.70
CA PHE A 126 0.18 32.59 14.59
C PHE A 126 0.05 31.13 14.20
N SER A 127 -0.99 30.42 14.59
CA SER A 127 -1.13 29.07 14.02
C SER A 127 -2.43 28.89 13.22
N PRO A 128 -2.45 27.88 12.33
CA PRO A 128 -3.67 27.51 11.63
C PRO A 128 -4.82 27.23 12.57
N GLU A 129 -4.52 26.77 13.78
CA GLU A 129 -5.57 26.54 14.78
C GLU A 129 -6.04 27.85 15.46
N ASP A 130 -5.84 28.95 14.75
CA ASP A 130 -6.42 30.26 15.12
C ASP A 130 -7.84 30.44 14.57
N ILE A 131 -8.11 29.80 13.44
CA ILE A 131 -9.45 29.72 12.88
C ILE A 131 -10.47 29.45 13.97
N GLU A 132 -10.13 28.57 14.90
CA GLU A 132 -11.04 28.18 15.96
C GLU A 132 -11.63 29.35 16.71
N ILE A 133 -10.88 30.44 16.81
CA ILE A 133 -11.37 31.66 17.49
C ILE A 133 -12.56 32.26 16.75
N ILE A 134 -12.61 32.07 15.43
CA ILE A 134 -13.73 32.56 14.65
C ILE A 134 -14.96 31.67 14.76
N LYS A 135 -14.73 30.35 14.69
CA LYS A 135 -15.78 29.35 14.62
C LYS A 135 -15.98 28.28 15.67
N GLU A 136 -15.55 28.56 16.90
CA GLU A 136 -16.04 27.84 18.05
C GLU A 136 -16.82 28.70 19.04
N GLY A 137 -16.98 28.18 20.24
CA GLY A 137 -17.96 28.70 21.20
C GLY A 137 -17.58 29.98 21.91
N PRO A 138 -18.47 30.45 22.78
CA PRO A 138 -18.08 31.68 23.43
C PRO A 138 -16.87 31.42 24.31
N SER A 139 -16.61 30.17 24.65
CA SER A 139 -15.42 29.82 25.43
C SER A 139 -14.16 30.32 24.72
N ARG A 140 -13.91 29.74 23.56
CA ARG A 140 -12.71 30.01 22.81
C ARG A 140 -12.44 31.49 22.66
N ARG A 141 -13.49 32.31 22.59
CA ARG A 141 -13.30 33.72 22.31
C ARG A 141 -13.08 34.47 23.60
N ARG A 142 -13.92 34.20 24.57
CA ARG A 142 -13.78 34.85 25.86
C ARG A 142 -12.37 34.66 26.40
N LYS A 143 -11.94 33.40 26.44
CA LYS A 143 -10.59 33.04 26.84
C LYS A 143 -9.51 33.75 26.03
N TYR A 144 -9.55 33.71 24.71
CA TYR A 144 -8.55 34.44 23.93
C TYR A 144 -8.59 35.93 24.20
N LEU A 145 -9.75 36.47 24.58
CA LEU A 145 -9.81 37.88 24.91
C LEU A 145 -9.10 38.13 26.24
N ASP A 146 -9.34 37.25 27.20
CA ASP A 146 -8.66 37.32 28.50
C ASP A 146 -7.16 37.22 28.34
N ALA A 147 -6.70 36.31 27.49
CA ALA A 147 -5.28 36.12 27.31
C ALA A 147 -4.69 37.40 26.75
N CYS A 148 -5.28 37.87 25.66
CA CYS A 148 -4.84 39.09 24.98
C CYS A 148 -4.68 40.26 25.94
N ILE A 149 -5.68 40.46 26.79
CA ILE A 149 -5.71 41.58 27.71
C ILE A 149 -4.76 41.40 28.87
N SER A 150 -4.80 40.24 29.50
CA SER A 150 -3.99 40.03 30.70
C SER A 150 -2.51 40.21 30.42
N VAL A 151 -2.09 40.00 29.17
CA VAL A 151 -0.68 40.11 28.84
C VAL A 151 -0.25 41.57 28.92
N ILE A 152 -1.06 42.45 28.36
CA ILE A 152 -0.87 43.87 28.47
C ILE A 152 -1.20 44.40 29.85
N ASP A 153 -2.28 43.92 30.44
CA ASP A 153 -2.86 44.57 31.62
C ASP A 153 -2.78 43.77 32.92
N LYS A 154 -1.63 43.86 33.60
CA LYS A 154 -1.41 43.26 34.91
C LYS A 154 -2.63 43.38 35.84
N ASN A 155 -3.30 44.53 35.78
CA ASN A 155 -4.35 44.85 36.73
C ASN A 155 -5.62 44.04 36.52
N TYR A 156 -6.09 44.05 35.27
CA TYR A 156 -7.21 43.23 34.81
C TYR A 156 -7.00 41.76 35.19
N PHE A 157 -5.79 41.23 34.96
CA PHE A 157 -5.50 39.83 35.25
C PHE A 157 -5.71 39.51 36.72
N PHE A 158 -5.49 40.50 37.57
CA PHE A 158 -5.76 40.29 38.98
C PHE A 158 -7.27 40.34 39.22
N ASP A 159 -7.94 41.30 38.58
CA ASP A 159 -9.41 41.41 38.64
C ASP A 159 -10.07 40.08 38.33
N LEU A 160 -9.61 39.49 37.23
CA LEU A 160 -10.11 38.23 36.71
C LEU A 160 -9.97 37.07 37.68
N LEU A 161 -8.78 36.94 38.26
CA LEU A 161 -8.53 35.89 39.26
C LEU A 161 -9.50 36.01 40.41
N GLN A 162 -9.73 37.25 40.81
CA GLN A 162 -10.55 37.52 41.98
C GLN A 162 -12.01 37.33 41.66
N TYR A 163 -12.37 37.61 40.41
CA TYR A 163 -13.70 37.32 39.91
C TYR A 163 -13.99 35.81 39.97
N ASN A 164 -13.17 35.01 39.30
CA ASN A 164 -13.42 33.57 39.24
C ASN A 164 -13.34 32.89 40.60
N LYS A 165 -12.57 33.46 41.51
CA LYS A 165 -12.44 32.96 42.87
C LYS A 165 -13.76 33.12 43.62
N THR A 166 -14.32 34.33 43.61
CA THR A 166 -15.56 34.55 44.36
C THR A 166 -16.76 34.07 43.53
N LEU A 167 -16.56 33.85 42.23
CA LEU A 167 -17.57 33.18 41.41
C LEU A 167 -17.71 31.74 41.86
N SER A 168 -16.60 31.01 41.87
CA SER A 168 -16.58 29.68 42.47
C SER A 168 -17.09 29.69 43.91
N ASN A 169 -16.69 30.71 44.68
CA ASN A 169 -17.22 30.89 46.03
C ASN A 169 -18.75 30.96 46.07
N ARG A 170 -19.31 31.77 45.17
CA ARG A 170 -20.75 31.98 45.12
C ARG A 170 -21.47 30.68 44.79
N ASN A 171 -20.94 29.95 43.83
CA ASN A 171 -21.63 28.75 43.35
C ASN A 171 -21.66 27.66 44.41
N SER A 172 -20.72 27.68 45.35
CA SER A 172 -20.70 26.74 46.46
C SER A 172 -21.72 27.14 47.53
N LEU A 173 -22.04 28.43 47.59
CA LEU A 173 -23.10 28.92 48.45
C LEU A 173 -24.44 28.50 47.88
N LEU A 174 -24.57 28.50 46.55
CA LEU A 174 -25.79 28.04 45.88
C LEU A 174 -26.08 26.58 46.21
N LYS A 175 -25.03 25.75 46.26
CA LYS A 175 -25.19 24.35 46.65
C LYS A 175 -25.37 24.22 48.17
N LYS A 176 -25.45 25.35 48.87
CA LYS A 176 -25.74 25.33 50.30
C LYS A 176 -27.00 26.17 50.62
N ILE A 177 -27.64 26.68 49.57
CA ILE A 177 -28.89 27.43 49.76
C ILE A 177 -30.08 26.51 49.54
N LYS A 178 -30.26 26.04 48.31
CA LYS A 178 -31.42 25.24 47.96
C LYS A 178 -31.20 23.77 48.33
N GLU A 179 -30.08 23.50 48.99
CA GLU A 179 -29.83 22.16 49.53
C GLU A 179 -30.00 22.09 51.04
N GLU A 180 -29.49 23.11 51.74
CA GLU A 180 -29.40 23.04 53.21
C GLU A 180 -30.06 24.20 53.98
N GLY A 181 -30.67 25.15 53.27
CA GLY A 181 -31.38 26.23 53.93
C GLY A 181 -30.51 27.39 54.39
N LYS A 182 -31.15 28.45 54.91
CA LYS A 182 -30.48 29.71 55.25
C LYS A 182 -29.68 30.24 54.07
N GLY A 183 -28.42 30.61 54.31
CA GLY A 183 -27.56 31.16 53.28
C GLY A 183 -28.01 32.51 52.71
N GLU A 184 -29.24 32.91 53.06
CA GLU A 184 -29.86 34.11 52.52
C GLU A 184 -29.04 35.37 52.73
N ASP A 185 -28.68 35.61 53.98
CA ASP A 185 -27.92 36.78 54.36
C ASP A 185 -26.65 36.89 53.52
N LEU A 186 -25.71 35.97 53.78
CA LEU A 186 -24.38 35.96 53.14
C LEU A 186 -24.43 36.11 51.62
N LEU A 187 -25.58 35.76 51.02
CA LEU A 187 -25.78 35.89 49.58
C LEU A 187 -25.69 37.34 49.08
N GLU A 188 -26.21 38.28 49.87
CA GLU A 188 -26.18 39.71 49.54
C GLU A 188 -24.82 40.25 49.08
N ILE A 189 -23.76 39.87 49.81
CA ILE A 189 -22.42 40.42 49.57
C ILE A 189 -21.77 39.94 48.27
N PHE A 190 -21.79 38.63 48.03
CA PHE A 190 -21.20 38.07 46.81
C PHE A 190 -21.65 38.84 45.57
N ASP A 191 -22.95 39.16 45.52
CA ASP A 191 -23.51 39.89 44.39
C ASP A 191 -22.85 41.25 44.23
N GLU A 192 -22.57 41.91 45.35
CA GLU A 192 -21.85 43.19 45.33
C GLU A 192 -20.43 43.00 44.86
N LYS A 193 -19.81 41.93 45.35
CA LYS A 193 -18.42 41.62 45.00
C LYS A 193 -18.32 41.27 43.51
N LEU A 194 -19.14 40.31 43.08
CA LEU A 194 -19.16 39.88 41.69
C LEU A 194 -19.41 41.06 40.76
N ALA A 195 -20.28 41.97 41.20
CA ALA A 195 -20.58 43.16 40.42
C ALA A 195 -19.41 44.16 40.40
N GLU A 196 -18.65 44.24 41.49
CA GLU A 196 -17.52 45.18 41.54
C GLU A 196 -16.45 44.76 40.53
N TYR A 197 -16.02 43.51 40.64
CA TYR A 197 -15.02 42.97 39.74
C TYR A 197 -15.54 42.95 38.32
N GLY A 198 -16.70 42.33 38.15
CA GLY A 198 -17.32 42.22 36.84
C GLY A 198 -17.16 43.49 36.04
N ALA A 199 -17.62 44.60 36.62
CA ALA A 199 -17.64 45.87 35.92
C ALA A 199 -16.23 46.34 35.56
N ARG A 200 -15.22 45.93 36.31
CA ARG A 200 -13.85 46.26 35.93
C ARG A 200 -13.55 45.57 34.62
N ILE A 201 -13.64 44.25 34.66
CA ILE A 201 -13.53 43.43 33.47
C ILE A 201 -14.27 44.00 32.26
N ILE A 202 -15.55 44.36 32.43
CA ILE A 202 -16.39 44.83 31.32
C ILE A 202 -15.85 46.11 30.67
N LYS A 203 -15.41 47.06 31.49
CA LYS A 203 -14.90 48.33 30.98
C LYS A 203 -13.61 48.07 30.21
N VAL A 204 -12.74 47.23 30.77
CA VAL A 204 -11.48 46.88 30.13
C VAL A 204 -11.74 46.05 28.87
N ARG A 205 -12.55 44.99 29.00
CA ARG A 205 -12.88 44.17 27.83
C ARG A 205 -13.38 45.02 26.69
N ASN A 206 -14.25 45.98 27.02
CA ASN A 206 -14.79 46.89 26.02
C ASN A 206 -13.72 47.75 25.41
N ASN A 207 -12.83 48.23 26.26
CA ASN A 207 -11.68 48.97 25.78
C ASN A 207 -10.90 48.20 24.70
N TYR A 208 -10.56 46.95 24.99
CA TYR A 208 -9.74 46.18 24.06
C TYR A 208 -10.52 45.89 22.78
N LEU A 209 -11.79 45.57 22.92
CA LEU A 209 -12.62 45.27 21.76
C LEU A 209 -12.78 46.49 20.82
N GLU A 210 -12.87 47.70 21.38
CA GLU A 210 -12.89 48.89 20.53
C GLU A 210 -11.58 49.01 19.76
N LYS A 211 -10.46 48.76 20.43
CA LYS A 211 -9.16 48.78 19.75
C LYS A 211 -9.06 47.65 18.72
N LEU A 212 -9.62 46.50 19.08
CA LEU A 212 -9.64 45.36 18.19
C LEU A 212 -10.39 45.71 16.92
N LYS A 213 -11.61 46.21 17.10
CA LYS A 213 -12.47 46.65 15.99
C LYS A 213 -11.75 47.56 15.02
N ASN A 214 -11.12 48.59 15.58
CA ASN A 214 -10.49 49.64 14.80
C ASN A 214 -9.34 49.12 13.98
N SER A 215 -8.42 48.43 14.66
CA SER A 215 -7.25 47.85 14.03
C SER A 215 -7.62 46.80 13.01
N MET A 216 -8.57 45.94 13.37
CA MET A 216 -8.90 44.78 12.55
C MET A 216 -9.52 45.19 11.25
N SER A 217 -10.49 46.09 11.35
CA SER A 217 -11.11 46.65 10.17
C SER A 217 -10.06 47.13 9.20
N LYS A 218 -9.15 47.99 9.68
CA LYS A 218 -8.13 48.55 8.79
C LYS A 218 -7.42 47.44 8.07
N PHE A 219 -7.15 46.33 8.76
CA PHE A 219 -6.51 45.19 8.12
C PHE A 219 -7.46 44.56 7.13
N LEU A 220 -8.57 44.04 7.65
CA LEU A 220 -9.52 43.26 6.86
C LEU A 220 -9.88 44.03 5.59
N MET A 221 -9.93 45.35 5.72
CA MET A 221 -10.13 46.23 4.57
C MET A 221 -9.03 46.05 3.52
N GLU A 222 -7.79 46.27 3.92
CA GLU A 222 -6.63 46.16 3.02
C GLU A 222 -6.52 44.79 2.34
N ILE A 223 -6.90 43.73 3.04
CA ILE A 223 -6.60 42.36 2.62
C ILE A 223 -7.67 41.72 1.73
N SER A 224 -8.93 41.76 2.16
CA SER A 224 -9.99 41.09 1.38
C SER A 224 -11.15 42.00 1.01
N ASN A 225 -11.05 43.27 1.40
CA ASN A 225 -12.01 44.29 1.00
C ASN A 225 -13.40 44.15 1.68
N GLU A 226 -13.55 43.18 2.56
CA GLU A 226 -14.79 43.01 3.33
C GLU A 226 -14.86 44.05 4.46
N LYS A 227 -16.05 44.29 4.99
CA LYS A 227 -16.22 45.29 6.04
C LYS A 227 -16.47 44.67 7.42
N LEU A 228 -15.59 44.95 8.38
CA LEU A 228 -15.67 44.35 9.72
C LEU A 228 -16.38 45.23 10.72
N GLU A 229 -17.28 44.64 11.49
CA GLU A 229 -17.84 45.31 12.67
C GLU A 229 -17.77 44.28 13.81
N ILE A 230 -17.95 44.71 15.06
CA ILE A 230 -17.72 43.82 16.21
C ILE A 230 -18.66 44.13 17.38
N ILE A 231 -19.39 43.13 17.86
CA ILE A 231 -20.40 43.39 18.88
C ILE A 231 -20.06 42.78 20.22
N TYR A 232 -19.88 43.60 21.26
CA TYR A 232 -19.52 42.99 22.55
C TYR A 232 -20.74 42.70 23.41
N LEU A 233 -21.19 41.45 23.37
CA LEU A 233 -22.33 41.02 24.19
C LEU A 233 -22.01 41.02 25.66
N ASN A 234 -21.91 42.19 26.26
CA ASN A 234 -21.60 42.24 27.68
C ASN A 234 -22.74 41.68 28.55
N SER A 235 -22.40 41.33 29.78
CA SER A 235 -23.30 40.71 30.74
C SER A 235 -24.28 41.68 31.35
N ALA A 236 -24.23 42.93 30.93
CA ALA A 236 -25.04 43.94 31.58
C ALA A 236 -25.99 44.56 30.58
N GLY A 237 -26.09 43.94 29.41
CA GLY A 237 -27.00 44.37 28.35
C GLY A 237 -26.85 45.82 27.91
N VAL A 238 -25.84 46.48 28.42
CA VAL A 238 -25.65 47.90 28.21
C VAL A 238 -24.82 48.12 26.97
N LYS A 239 -25.29 47.61 25.84
CA LYS A 239 -24.62 47.79 24.57
C LYS A 239 -24.37 49.28 24.34
N GLU A 240 -23.10 49.61 24.04
CA GLU A 240 -22.65 50.96 23.72
C GLU A 240 -22.59 51.88 24.95
N VAL A 241 -21.94 51.42 26.02
CA VAL A 241 -21.73 52.29 27.20
C VAL A 241 -20.31 52.25 27.78
N HIS A 242 -20.02 53.27 28.59
CA HIS A 242 -18.68 53.48 29.14
C HIS A 242 -18.67 54.29 30.44
N GLU A 243 -19.18 53.69 31.52
CA GLU A 243 -19.01 54.25 32.86
C GLU A 243 -19.27 53.19 33.92
N GLU A 244 -18.20 52.79 34.62
CA GLU A 244 -18.24 51.69 35.56
C GLU A 244 -19.22 51.87 36.73
N ASN A 245 -19.50 53.13 37.08
CA ASN A 245 -20.47 53.43 38.13
C ASN A 245 -21.80 52.69 37.93
N LEU A 246 -22.27 52.67 36.69
CA LEU A 246 -23.59 52.16 36.38
C LEU A 246 -23.63 50.66 36.08
N ILE A 247 -22.62 50.17 35.35
CA ILE A 247 -22.54 48.76 34.98
C ILE A 247 -22.52 47.87 36.23
N ARG A 248 -22.01 48.41 37.33
CA ARG A 248 -22.04 47.71 38.61
C ARG A 248 -23.47 47.43 39.08
N GLU A 249 -24.36 48.37 38.85
CA GLU A 249 -25.74 48.19 39.31
C GLU A 249 -26.44 47.18 38.41
N LYS A 250 -26.39 47.41 37.10
CA LYS A 250 -27.01 46.49 36.14
C LYS A 250 -26.63 45.03 36.40
N LEU A 251 -25.37 44.78 36.69
CA LEU A 251 -24.93 43.43 37.04
C LEU A 251 -25.53 43.00 38.38
N LYS A 252 -25.52 43.90 39.34
CA LYS A 252 -26.12 43.61 40.64
C LYS A 252 -27.60 43.35 40.40
N ASN A 253 -28.13 44.05 39.41
CA ASN A 253 -29.52 43.99 39.01
C ASN A 253 -29.86 42.63 38.38
N ARG A 254 -29.29 42.36 37.21
CA ARG A 254 -29.55 41.12 36.48
C ARG A 254 -29.22 39.89 37.34
N LEU A 255 -28.36 40.07 38.32
CA LEU A 255 -27.90 38.97 39.16
C LEU A 255 -28.98 38.57 40.16
N THR A 256 -29.89 39.49 40.45
CA THR A 256 -31.00 39.19 41.35
C THR A 256 -32.13 38.49 40.59
N LYS A 257 -32.52 39.09 39.46
CA LYS A 257 -33.56 38.53 38.59
C LYS A 257 -33.30 37.05 38.26
N SER A 258 -32.04 36.71 38.03
CA SER A 258 -31.68 35.35 37.67
C SER A 258 -31.38 34.50 38.90
N LEU A 259 -32.04 34.79 40.01
CA LEU A 259 -31.78 34.01 41.23
C LEU A 259 -32.32 32.58 41.14
N THR A 260 -33.57 32.41 40.70
CA THR A 260 -34.16 31.07 40.72
C THR A 260 -33.56 30.20 39.61
N LEU A 261 -33.19 30.82 38.50
CA LEU A 261 -32.44 30.12 37.47
C LEU A 261 -31.15 29.62 38.10
N ASP A 262 -30.40 30.55 38.68
CA ASP A 262 -29.14 30.27 39.35
C ASP A 262 -29.26 29.05 40.27
N LEU A 263 -30.35 29.01 41.02
CA LEU A 263 -30.57 27.91 41.96
C LEU A 263 -30.91 26.62 41.24
N LYS A 264 -31.58 26.72 40.10
CA LYS A 264 -31.99 25.54 39.36
C LYS A 264 -30.79 24.78 38.78
N TYR A 265 -29.78 25.53 38.31
CA TYR A 265 -28.64 24.95 37.62
C TYR A 265 -27.40 24.85 38.50
N LEU A 266 -27.49 25.40 39.71
CA LEU A 266 -26.37 25.45 40.65
C LEU A 266 -25.13 26.13 40.06
N SER A 267 -25.39 27.06 39.16
CA SER A 267 -24.36 27.87 38.56
C SER A 267 -24.87 29.30 38.53
N THR A 268 -23.98 30.27 38.37
CA THR A 268 -24.41 31.64 38.25
C THR A 268 -24.53 31.94 36.78
N GLN A 269 -25.48 32.78 36.38
CA GLN A 269 -25.77 32.88 34.95
C GLN A 269 -25.51 34.27 34.33
N VAL A 270 -25.46 35.31 35.15
CA VAL A 270 -25.49 36.68 34.60
C VAL A 270 -24.13 37.20 34.08
N GLY A 271 -23.06 36.99 34.86
CA GLY A 271 -21.81 37.73 34.66
C GLY A 271 -20.82 37.43 33.54
N PRO A 272 -19.70 38.17 33.49
CA PRO A 272 -18.72 38.19 32.39
C PRO A 272 -18.02 36.87 32.10
N HIS A 273 -18.29 35.83 32.88
CA HIS A 273 -17.85 34.49 32.51
C HIS A 273 -18.81 33.81 31.52
N ARG A 274 -19.81 34.56 31.05
CA ARG A 274 -20.77 34.05 30.07
C ARG A 274 -20.90 34.98 28.87
N GLU A 275 -19.94 35.89 28.72
CA GLU A 275 -19.97 36.86 27.62
C GLU A 275 -19.44 36.30 26.32
N ASP A 276 -19.52 37.13 25.28
CA ASP A 276 -18.93 36.81 23.99
C ASP A 276 -18.90 38.07 23.14
N PHE A 277 -18.17 38.04 22.04
CA PHE A 277 -18.17 39.15 21.11
C PHE A 277 -18.25 38.61 19.68
N LYS A 278 -19.17 39.16 18.89
CA LYS A 278 -19.43 38.63 17.56
C LYS A 278 -18.62 39.33 16.51
N ILE A 279 -18.08 38.55 15.59
CA ILE A 279 -17.24 39.08 14.53
C ILE A 279 -18.04 39.12 13.22
N LEU A 280 -18.76 40.21 13.00
CA LEU A 280 -19.56 40.40 11.78
C LEU A 280 -18.75 40.83 10.56
N ILE A 281 -18.91 40.10 9.47
CA ILE A 281 -18.28 40.44 8.20
C ILE A 281 -19.33 40.77 7.15
N ASN A 282 -19.41 42.04 6.77
CA ASN A 282 -20.43 42.53 5.85
C ASN A 282 -21.83 42.24 6.42
N GLY A 283 -22.03 42.63 7.66
CA GLY A 283 -23.32 42.53 8.31
C GLY A 283 -23.60 41.15 8.89
N TYR A 284 -22.85 40.16 8.44
CA TYR A 284 -23.16 38.80 8.84
C TYR A 284 -22.15 38.19 9.82
N ASP A 285 -22.65 37.84 11.01
CA ASP A 285 -21.97 36.99 11.98
C ASP A 285 -21.15 35.89 11.30
N SER A 286 -19.83 35.89 11.48
CA SER A 286 -18.97 35.02 10.69
C SER A 286 -18.84 33.64 11.34
N ARG A 287 -19.28 33.54 12.58
CA ARG A 287 -19.40 32.23 13.18
C ARG A 287 -20.33 31.36 12.35
N VAL A 288 -21.40 31.98 11.85
CA VAL A 288 -22.48 31.27 11.19
C VAL A 288 -22.38 31.20 9.66
N TYR A 289 -21.98 32.31 9.03
CA TYR A 289 -22.20 32.40 7.60
C TYR A 289 -20.95 32.52 6.77
N SER A 290 -19.87 32.99 7.37
CA SER A 290 -18.62 33.11 6.61
C SER A 290 -18.13 31.80 6.00
N SER A 291 -17.45 31.93 4.86
CA SER A 291 -16.77 30.84 4.19
C SER A 291 -15.55 30.36 4.97
N GLN A 292 -14.72 29.54 4.35
CA GLN A 292 -13.59 29.00 5.06
C GLN A 292 -12.40 29.93 4.96
N GLY A 293 -11.98 30.28 3.74
CA GLY A 293 -10.92 31.25 3.57
C GLY A 293 -11.37 32.61 4.06
N GLN A 294 -12.67 32.75 4.21
CA GLN A 294 -13.26 33.98 4.70
C GLN A 294 -13.01 34.05 6.20
N LYS A 295 -12.72 32.89 6.79
CA LYS A 295 -12.34 32.83 8.20
C LYS A 295 -10.82 32.83 8.34
N ARG A 296 -10.12 32.19 7.39
CA ARG A 296 -8.67 32.26 7.36
C ARG A 296 -8.26 33.72 7.29
N THR A 297 -9.04 34.54 6.61
CA THR A 297 -8.74 35.95 6.53
C THR A 297 -9.09 36.63 7.85
N ALA A 298 -10.28 36.33 8.37
CA ALA A 298 -10.71 36.92 9.62
C ALA A 298 -9.74 36.61 10.76
N ALA A 299 -9.14 35.41 10.72
CA ALA A 299 -8.22 34.97 11.78
C ALA A 299 -6.93 35.75 11.75
N LEU A 300 -6.24 35.66 10.62
CA LEU A 300 -5.04 36.44 10.35
C LEU A 300 -5.22 37.88 10.78
N CYS A 301 -6.39 38.45 10.53
CA CYS A 301 -6.63 39.83 10.91
C CYS A 301 -6.65 40.01 12.42
N LEU A 302 -7.40 39.13 13.09
CA LEU A 302 -7.45 39.09 14.54
C LEU A 302 -6.05 39.07 15.12
N LYS A 303 -5.20 38.25 14.52
CA LYS A 303 -3.84 38.10 14.99
C LYS A 303 -3.04 39.37 14.77
N LEU A 304 -2.92 39.78 13.51
CA LEU A 304 -2.29 41.03 13.12
C LEU A 304 -2.61 42.16 14.07
N SER A 305 -3.87 42.20 14.51
CA SER A 305 -4.33 43.30 15.33
C SER A 305 -3.84 43.11 16.72
N GLU A 306 -3.63 41.87 17.12
CA GLU A 306 -3.13 41.56 18.46
C GLU A 306 -1.71 42.09 18.60
N LEU A 307 -0.88 41.68 17.64
CA LEU A 307 0.49 42.17 17.51
C LEU A 307 0.55 43.68 17.52
N GLU A 308 -0.24 44.32 16.67
CA GLU A 308 -0.26 45.77 16.58
C GLU A 308 -0.61 46.44 17.91
N ILE A 309 -1.68 46.00 18.54
CA ILE A 309 -2.13 46.60 19.78
C ILE A 309 -1.09 46.39 20.85
N LEU A 310 -0.59 45.17 20.91
CA LEU A 310 0.39 44.76 21.90
C LEU A 310 1.62 45.64 21.86
N GLU A 311 2.20 45.79 20.68
CA GLU A 311 3.33 46.70 20.50
C GLU A 311 3.05 48.05 21.14
N GLU A 312 1.88 48.63 20.88
CA GLU A 312 1.69 50.02 21.26
C GLU A 312 1.22 50.26 22.70
N GLU A 313 0.99 49.22 23.48
CA GLU A 313 0.50 49.41 24.86
C GLU A 313 1.48 48.87 25.89
N THR A 314 2.53 48.22 25.41
CA THR A 314 3.58 47.72 26.29
C THR A 314 4.87 48.43 25.97
N GLY A 315 4.93 49.02 24.78
CA GLY A 315 6.13 49.68 24.35
C GLY A 315 7.19 48.67 23.97
N GLU A 316 6.77 47.42 23.83
CA GLU A 316 7.68 46.37 23.39
C GLU A 316 7.45 45.94 21.95
N LYS A 317 8.11 44.88 21.54
CA LYS A 317 8.08 44.43 20.16
C LYS A 317 8.36 42.94 20.22
N PRO A 318 7.27 42.15 20.22
CA PRO A 318 7.24 40.73 20.56
C PRO A 318 8.04 39.86 19.64
N VAL A 319 8.39 38.67 20.09
CA VAL A 319 8.87 37.62 19.20
C VAL A 319 7.66 37.04 18.46
N LEU A 320 7.81 36.74 17.18
CA LEU A 320 6.71 36.15 16.41
C LEU A 320 6.93 34.67 16.18
N LEU A 321 6.03 33.86 16.73
CA LEU A 321 6.00 32.42 16.46
C LEU A 321 5.02 32.14 15.31
N LEU A 322 5.56 31.70 14.17
CA LEU A 322 4.79 31.40 12.98
C LEU A 322 4.71 29.90 12.81
N ASP A 323 3.73 29.29 13.47
CA ASP A 323 3.55 27.84 13.50
C ASP A 323 2.86 27.21 12.27
N ASP A 324 3.65 26.70 11.32
CA ASP A 324 3.10 25.94 10.19
C ASP A 324 2.11 26.82 9.38
N VAL A 325 2.36 28.12 9.42
CA VAL A 325 1.54 29.11 8.76
C VAL A 325 2.07 29.37 7.36
N MET A 326 3.15 28.71 6.96
CA MET A 326 3.79 29.08 5.71
C MET A 326 3.67 28.04 4.61
N SER A 327 3.20 26.84 4.96
CA SER A 327 2.90 25.84 3.93
C SER A 327 1.92 26.40 2.90
N GLU A 328 0.83 26.97 3.39
CA GLU A 328 -0.29 27.46 2.56
C GLU A 328 -0.07 28.88 2.00
N LEU A 329 0.97 29.09 1.21
CA LEU A 329 1.19 30.42 0.62
C LEU A 329 1.63 30.39 -0.85
N ASP A 330 1.88 31.57 -1.41
CA ASP A 330 1.98 31.71 -2.86
C ASP A 330 3.31 32.30 -3.35
N ASP A 331 4.28 32.45 -2.45
CA ASP A 331 5.59 33.05 -2.73
C ASP A 331 5.48 34.55 -3.04
N ASN A 332 4.27 35.02 -3.37
CA ASN A 332 4.02 36.43 -3.56
C ASN A 332 3.53 37.03 -2.25
N ARG A 333 3.38 36.17 -1.25
CA ARG A 333 3.07 36.60 0.11
C ARG A 333 4.12 35.99 1.04
N LYS A 334 4.71 34.88 0.59
CA LYS A 334 5.76 34.20 1.34
C LYS A 334 7.06 35.03 1.32
N LYS A 335 7.43 35.55 0.16
CA LYS A 335 8.59 36.43 0.05
C LYS A 335 8.17 37.85 0.42
N TYR A 336 6.87 38.03 0.64
CA TYR A 336 6.36 39.33 1.05
C TYR A 336 6.44 39.55 2.57
N ILE A 337 5.65 38.79 3.33
CA ILE A 337 5.56 39.03 4.77
C ILE A 337 6.89 38.80 5.44
N LEU A 338 7.78 38.08 4.76
CA LEU A 338 9.17 37.99 5.17
C LEU A 338 9.78 39.39 5.32
N LYS A 339 9.48 40.27 4.38
CA LYS A 339 9.88 41.68 4.49
C LYS A 339 9.19 42.36 5.69
N LYS A 340 7.89 42.08 5.85
CA LYS A 340 7.11 42.58 6.97
C LYS A 340 7.64 42.14 8.34
N LEU A 341 8.44 41.09 8.34
CA LEU A 341 8.94 40.51 9.57
C LEU A 341 10.22 41.18 10.07
N GLU A 342 10.79 42.08 9.27
CA GLU A 342 12.16 42.60 9.47
C GLU A 342 12.56 42.91 10.92
N GLY A 343 11.94 43.91 11.52
CA GLY A 343 12.35 44.35 12.85
C GLY A 343 12.23 43.36 14.01
N PHE A 344 11.52 42.25 13.80
CA PHE A 344 11.21 41.31 14.87
C PHE A 344 12.05 40.05 14.85
N GLN A 345 12.07 39.34 15.98
CA GLN A 345 12.54 37.96 15.96
C GLN A 345 11.42 36.99 15.57
N SER A 346 11.63 36.28 14.48
CA SER A 346 10.65 35.31 14.01
C SER A 346 11.16 33.91 14.30
N PHE A 347 10.25 33.05 14.76
CA PHE A 347 10.47 31.62 14.61
C PHE A 347 9.42 31.18 13.62
N ILE A 348 9.85 30.59 12.51
CA ILE A 348 8.96 30.14 11.46
C ILE A 348 9.16 28.66 11.24
N THR A 349 8.17 27.81 11.56
CA THR A 349 8.28 26.37 11.26
C THR A 349 7.82 26.03 9.87
N HIS A 350 8.47 25.05 9.24
CA HIS A 350 8.19 24.64 7.87
C HIS A 350 8.74 23.22 7.65
N THR A 351 8.64 22.69 6.44
CA THR A 351 9.12 21.34 6.17
C THR A 351 10.20 21.29 5.08
N SER A 352 10.34 22.40 4.37
CA SER A 352 11.34 22.55 3.33
C SER A 352 12.44 23.55 3.74
N LYS A 353 13.69 23.22 3.46
CA LYS A 353 14.79 24.18 3.68
C LYS A 353 14.85 25.14 2.50
N SER A 354 14.43 24.66 1.34
CA SER A 354 14.50 25.41 0.09
C SER A 354 13.55 26.61 0.06
N ASP A 355 14.16 27.78 0.25
CA ASP A 355 13.50 29.08 0.14
C ASP A 355 12.17 29.30 0.89
N VAL A 356 12.27 29.14 2.21
CA VAL A 356 11.97 30.24 3.12
C VAL A 356 13.32 30.36 3.82
N GLU A 357 14.23 31.15 3.26
CA GLU A 357 15.62 31.08 3.70
C GLU A 357 16.03 32.33 4.46
N GLY A 358 15.35 32.58 5.58
CA GLY A 358 15.64 33.73 6.42
C GLY A 358 17.02 33.79 7.04
N ASP A 359 17.15 34.68 8.02
CA ASP A 359 18.44 35.09 8.55
C ASP A 359 19.22 33.94 9.22
N CYS A 360 18.53 32.99 9.83
CA CYS A 360 19.16 31.74 10.28
C CYS A 360 18.19 30.58 10.13
N CYS A 361 18.69 29.38 9.93
CA CYS A 361 17.78 28.25 9.93
C CYS A 361 18.34 26.95 10.45
N PHE A 362 17.64 26.38 11.41
CA PHE A 362 17.97 25.09 11.99
C PHE A 362 17.15 23.96 11.35
N LYS A 363 17.63 22.73 11.46
CA LYS A 363 16.88 21.57 10.98
C LYS A 363 16.62 20.59 12.12
N ILE A 364 15.37 20.21 12.33
CA ILE A 364 15.08 19.35 13.44
C ILE A 364 14.66 17.97 12.96
N TYR A 365 15.20 16.97 13.65
CA TYR A 365 14.88 15.59 13.41
C TYR A 365 15.07 14.84 14.72
N ASP A 366 14.06 14.10 15.13
CA ASP A 366 14.09 13.28 16.35
C ASP A 366 14.38 14.11 17.58
N GLY A 367 13.84 15.32 17.61
CA GLY A 367 13.91 16.10 18.83
C GLY A 367 15.23 16.81 19.04
N ILE A 368 16.12 16.75 18.04
CA ILE A 368 17.40 17.43 18.07
C ILE A 368 17.52 18.48 16.95
N VAL A 369 17.88 19.68 17.33
CA VAL A 369 18.02 20.78 16.41
C VAL A 369 19.50 21.06 16.10
N ASP A 370 19.92 20.92 14.85
CA ASP A 370 21.27 21.28 14.44
C ASP A 370 21.12 22.46 13.48
N LYS A 371 22.18 23.21 13.19
CA LYS A 371 22.01 24.54 12.59
C LYS A 371 22.09 24.68 11.05
N LEU A 372 22.30 23.63 10.27
CA LEU A 372 21.92 23.73 8.84
C LEU A 372 21.60 22.36 8.24
N TYR B 6 -21.79 -3.76 -12.67
CA TYR B 6 -21.33 -2.56 -11.98
C TYR B 6 -22.49 -1.66 -11.53
N TYR B 7 -22.71 -0.59 -12.27
CA TYR B 7 -23.74 0.42 -11.98
C TYR B 7 -23.50 1.07 -10.59
N SER B 8 -22.53 1.97 -10.56
CA SER B 8 -22.21 2.80 -9.40
C SER B 8 -23.20 3.94 -9.15
N MET B 9 -23.15 4.58 -7.98
CA MET B 9 -24.05 5.72 -7.71
C MET B 9 -23.61 6.88 -8.57
N TYR B 10 -24.43 7.92 -8.64
CA TYR B 10 -24.29 8.94 -9.67
C TYR B 10 -25.29 10.09 -9.47
N LEU B 11 -24.79 11.30 -9.29
CA LEU B 11 -25.68 12.44 -9.26
C LEU B 11 -25.80 13.00 -10.68
N LYS B 12 -26.90 12.67 -11.37
CA LYS B 12 -27.17 13.09 -12.77
C LYS B 12 -27.32 14.60 -12.92
N GLU B 13 -28.16 15.17 -12.07
CA GLU B 13 -28.36 16.60 -12.07
C GLU B 13 -28.84 17.04 -10.70
N ILE B 14 -28.71 18.33 -10.44
CA ILE B 14 -29.21 18.88 -9.19
C ILE B 14 -29.85 20.19 -9.55
N PHE B 15 -30.92 20.50 -8.85
CA PHE B 15 -31.60 21.78 -9.01
C PHE B 15 -31.69 22.40 -7.62
N VAL B 16 -31.28 23.64 -7.50
CA VAL B 16 -31.31 24.23 -6.17
C VAL B 16 -32.01 25.54 -6.28
N ASP B 17 -32.97 25.74 -5.39
CA ASP B 17 -33.70 26.98 -5.37
C ASP B 17 -33.59 27.55 -4.00
N ASN B 18 -33.10 28.80 -3.95
CA ASN B 18 -33.04 29.58 -2.73
C ASN B 18 -32.08 28.98 -1.72
N PHE B 19 -31.03 28.32 -2.22
CA PHE B 19 -30.13 27.59 -1.35
C PHE B 19 -28.86 28.35 -1.06
N ARG B 20 -28.78 28.84 0.16
CA ARG B 20 -27.58 29.49 0.64
C ARG B 20 -27.22 30.68 -0.29
N ASN B 21 -25.99 30.70 -0.76
CA ASN B 21 -25.46 31.68 -1.70
C ASN B 21 -26.04 31.55 -3.07
N LEU B 22 -26.39 30.30 -3.38
CA LEU B 22 -26.58 29.84 -4.74
C LEU B 22 -27.84 30.42 -5.42
N LYS B 23 -27.65 30.96 -6.62
CA LYS B 23 -28.80 31.41 -7.41
C LYS B 23 -29.64 30.21 -7.81
N LYS B 24 -30.87 30.46 -8.26
CA LYS B 24 -31.80 29.38 -8.59
C LYS B 24 -31.39 28.74 -9.91
N GLN B 25 -30.95 27.49 -9.87
CA GLN B 25 -30.36 26.89 -11.06
C GLN B 25 -30.42 25.38 -11.06
N LYS B 26 -30.31 24.83 -12.26
CA LYS B 26 -30.30 23.39 -12.47
C LYS B 26 -28.97 23.10 -13.10
N LEU B 27 -28.24 22.16 -12.52
CA LEU B 27 -26.91 21.80 -12.98
C LEU B 27 -26.88 20.34 -13.38
N GLU B 28 -26.25 20.06 -14.51
CA GLU B 28 -26.09 18.69 -14.96
C GLU B 28 -24.64 18.29 -14.85
N PHE B 29 -24.38 17.11 -14.31
CA PHE B 29 -23.01 16.69 -14.04
C PHE B 29 -22.61 15.48 -14.85
N CYS B 30 -21.31 15.36 -15.14
CA CYS B 30 -20.81 14.18 -15.81
C CYS B 30 -20.19 13.24 -14.79
N GLU B 31 -20.42 11.94 -14.94
CA GLU B 31 -19.76 10.98 -14.04
C GLU B 31 -18.25 11.00 -14.27
N GLY B 32 -17.51 10.67 -13.21
CA GLY B 32 -16.09 11.00 -13.12
C GLY B 32 -15.80 12.27 -12.29
N VAL B 33 -14.79 13.02 -12.69
CA VAL B 33 -14.35 14.12 -11.85
C VAL B 33 -14.91 15.48 -12.23
N ASN B 34 -15.83 15.98 -11.42
CA ASN B 34 -16.35 17.32 -11.62
C ASN B 34 -15.57 18.38 -10.87
N LEU B 35 -14.49 18.88 -11.46
CA LEU B 35 -13.75 19.97 -10.85
C LEU B 35 -14.68 21.19 -10.65
N ILE B 36 -14.67 21.79 -9.46
CA ILE B 36 -15.41 23.03 -9.23
C ILE B 36 -14.52 24.10 -8.63
N TYR B 37 -14.18 25.14 -9.39
CA TYR B 37 -13.33 26.19 -8.84
C TYR B 37 -13.99 27.57 -8.74
N GLY B 38 -13.56 28.35 -7.75
CA GLY B 38 -14.14 29.65 -7.42
C GLY B 38 -13.22 30.44 -6.52
N LEU B 39 -13.74 31.36 -5.69
CA LEU B 39 -12.87 32.13 -4.77
C LEU B 39 -13.53 32.75 -3.50
N ASN B 40 -13.89 31.91 -2.55
CA ASN B 40 -14.26 32.35 -1.20
C ASN B 40 -15.60 33.14 -1.09
N ALA B 41 -15.98 33.81 -2.16
CA ALA B 41 -17.36 34.30 -2.29
C ALA B 41 -17.86 33.72 -3.60
N GLN B 42 -18.36 32.50 -3.49
CA GLN B 42 -18.69 31.76 -4.68
C GLN B 42 -19.71 30.65 -4.41
N GLY B 43 -19.41 29.74 -3.49
CA GLY B 43 -20.38 28.74 -3.08
C GLY B 43 -20.01 27.31 -3.38
N LYS B 44 -18.75 27.11 -3.72
CA LYS B 44 -18.13 25.77 -3.80
C LYS B 44 -18.61 24.81 -2.70
N SER B 45 -18.47 25.24 -1.46
CA SER B 45 -18.81 24.35 -0.36
C SER B 45 -20.31 24.26 -0.28
N ASN B 46 -20.97 25.39 -0.58
CA ASN B 46 -22.43 25.49 -0.61
C ASN B 46 -23.06 24.50 -1.59
N LEU B 47 -22.48 24.37 -2.78
CA LEU B 47 -22.95 23.34 -3.69
C LEU B 47 -22.77 21.97 -3.03
N LEU B 48 -21.54 21.65 -2.66
CA LEU B 48 -21.23 20.39 -1.99
C LEU B 48 -22.17 20.10 -0.82
N GLU B 49 -22.59 21.13 -0.10
CA GLU B 49 -23.53 20.94 0.98
C GLU B 49 -24.87 20.42 0.48
N ALA B 50 -25.44 21.11 -0.51
CA ALA B 50 -26.73 20.73 -1.09
C ALA B 50 -26.68 19.28 -1.54
N ILE B 51 -25.58 18.92 -2.20
CA ILE B 51 -25.39 17.56 -2.63
C ILE B 51 -25.44 16.58 -1.46
N ARG B 52 -24.72 16.84 -0.36
CA ARG B 52 -24.76 15.83 0.69
C ARG B 52 -26.11 15.81 1.39
N LEU B 53 -26.83 16.94 1.32
CA LEU B 53 -28.14 17.05 1.94
C LEU B 53 -29.08 15.97 1.42
N LEU B 54 -28.98 15.72 0.12
CA LEU B 54 -29.66 14.59 -0.53
C LEU B 54 -29.27 13.22 0.02
N SER B 55 -28.17 13.16 0.74
CA SER B 55 -27.60 11.90 1.23
C SER B 55 -27.95 11.65 2.69
N MET B 56 -27.92 12.72 3.48
CA MET B 56 -28.09 12.66 4.94
C MET B 56 -29.28 13.43 5.51
N GLY B 57 -29.71 14.46 4.78
CA GLY B 57 -30.88 15.21 5.20
C GLY B 57 -30.54 16.20 6.27
N ARG B 58 -29.26 16.56 6.35
CA ARG B 58 -28.80 17.64 7.21
C ARG B 58 -27.55 18.26 6.63
N SER B 59 -27.08 19.34 7.22
CA SER B 59 -25.80 19.96 6.82
C SER B 59 -24.50 19.22 7.27
N PHE B 60 -23.50 19.10 6.40
CA PHE B 60 -22.30 18.43 6.90
C PHE B 60 -21.49 19.39 7.73
N ARG B 61 -21.79 20.67 7.63
CA ARG B 61 -21.13 21.67 8.45
C ARG B 61 -21.88 21.91 9.76
N GLY B 62 -22.81 21.01 10.08
CA GLY B 62 -23.55 21.10 11.33
C GLY B 62 -24.51 22.28 11.45
N SER B 63 -24.82 22.94 10.34
CA SER B 63 -25.61 24.17 10.39
C SER B 63 -27.10 23.92 10.55
N LYS B 64 -27.77 24.84 11.22
CA LYS B 64 -29.22 24.79 11.39
C LYS B 64 -29.82 24.84 9.99
N MET B 65 -30.93 24.14 9.75
CA MET B 65 -31.66 24.31 8.51
C MET B 65 -32.34 25.62 8.13
N SER B 66 -32.51 26.53 9.11
CA SER B 66 -32.54 28.00 9.17
C SER B 66 -31.48 28.71 8.30
N GLU B 67 -30.20 28.41 8.55
CA GLU B 67 -29.12 29.05 7.79
C GLU B 67 -28.90 28.54 6.34
N LEU B 68 -29.53 27.42 5.99
CA LEU B 68 -29.40 26.93 4.63
C LEU B 68 -30.25 27.82 3.70
N VAL B 69 -31.39 28.25 4.23
CA VAL B 69 -32.30 29.20 3.59
C VAL B 69 -31.59 30.48 3.22
N LYS B 70 -31.62 30.83 1.94
CA LYS B 70 -30.97 32.05 1.45
C LYS B 70 -31.43 33.27 2.23
N PHE B 71 -30.53 34.25 2.35
CA PHE B 71 -30.79 35.50 3.07
C PHE B 71 -32.08 36.19 2.66
N ASP B 72 -32.98 36.38 3.63
CA ASP B 72 -34.27 37.04 3.42
C ASP B 72 -35.20 36.24 2.51
N GLU B 73 -35.25 34.92 2.64
CA GLU B 73 -36.30 34.15 1.98
C GLU B 73 -37.07 33.41 3.04
N GLU B 74 -37.92 32.47 2.64
CA GLU B 74 -38.77 31.81 3.61
C GLU B 74 -38.68 30.32 3.48
N TYR B 75 -37.98 29.88 2.44
CA TYR B 75 -37.89 28.46 2.10
C TYR B 75 -36.65 28.20 1.24
N PHE B 76 -36.28 26.94 1.06
CA PHE B 76 -35.28 26.56 0.05
C PHE B 76 -35.63 25.18 -0.47
N TYR B 77 -35.19 24.88 -1.69
CA TYR B 77 -35.54 23.61 -2.30
C TYR B 77 -34.33 23.03 -3.05
N VAL B 78 -34.08 21.76 -2.78
CA VAL B 78 -33.05 21.02 -3.50
C VAL B 78 -33.70 19.80 -4.11
N ARG B 79 -33.52 19.62 -5.42
CA ARG B 79 -33.93 18.38 -6.08
C ARG B 79 -32.73 17.70 -6.74
N GLY B 80 -32.65 16.39 -6.59
CA GLY B 80 -31.61 15.63 -7.26
C GLY B 80 -32.04 14.36 -7.98
N LEU B 81 -31.40 14.12 -9.11
CA LEU B 81 -31.71 12.97 -9.93
C LEU B 81 -30.57 12.00 -9.86
N VAL B 82 -30.84 10.81 -9.36
CA VAL B 82 -29.78 9.88 -8.96
C VAL B 82 -29.89 8.50 -9.60
N ARG B 83 -28.78 7.92 -10.04
CA ARG B 83 -28.77 6.50 -10.39
C ARG B 83 -28.08 5.60 -9.32
N SER B 84 -28.87 4.80 -8.62
CA SER B 84 -28.35 3.72 -7.77
C SER B 84 -27.89 2.56 -8.66
N ALA B 85 -27.75 1.37 -8.07
CA ALA B 85 -27.25 0.21 -8.80
C ALA B 85 -28.40 -0.53 -9.42
N ASP B 86 -29.48 -0.59 -8.65
CA ASP B 86 -30.72 -1.18 -9.12
C ASP B 86 -31.82 -0.13 -9.25
N PHE B 87 -31.40 1.11 -9.51
CA PHE B 87 -32.33 2.20 -9.81
C PHE B 87 -31.84 2.98 -11.04
N TYR B 88 -32.64 2.96 -12.11
CA TYR B 88 -32.26 3.62 -13.35
C TYR B 88 -32.23 5.11 -13.14
N GLU B 89 -33.22 5.60 -12.39
CA GLU B 89 -33.25 6.98 -11.97
C GLU B 89 -34.14 7.12 -10.74
N LYS B 90 -33.65 7.88 -9.76
CA LYS B 90 -34.39 8.11 -8.53
C LYS B 90 -34.35 9.59 -8.21
N LYS B 91 -35.52 10.12 -7.88
CA LYS B 91 -35.65 11.54 -7.60
C LYS B 91 -35.59 11.69 -6.09
N ILE B 92 -34.63 12.46 -5.58
CA ILE B 92 -34.68 12.80 -4.18
C ILE B 92 -35.01 14.30 -4.10
N GLU B 93 -35.88 14.67 -3.16
CA GLU B 93 -36.25 16.07 -2.97
C GLU B 93 -36.13 16.51 -1.53
N PHE B 94 -35.39 17.60 -1.33
CA PHE B 94 -35.37 18.21 -0.02
C PHE B 94 -35.97 19.61 -0.12
N GLY B 95 -36.96 19.83 0.74
CA GLY B 95 -37.54 21.15 0.86
C GLY B 95 -37.73 21.51 2.30
N TYR B 96 -37.39 22.75 2.59
CA TYR B 96 -37.56 23.34 3.91
C TYR B 96 -38.14 24.75 3.81
N LYS B 97 -39.06 25.07 4.71
CA LYS B 97 -39.61 26.41 4.78
C LYS B 97 -39.20 26.91 6.17
N VAL B 98 -39.13 28.24 6.37
CA VAL B 98 -38.93 28.84 7.70
C VAL B 98 -40.06 28.61 8.71
N ASN B 99 -41.08 27.85 8.34
CA ASN B 99 -42.04 27.35 9.30
C ASN B 99 -41.34 26.40 10.27
N GLY B 100 -40.52 25.52 9.72
CA GLY B 100 -39.87 24.45 10.46
C GLY B 100 -40.30 23.13 9.88
N ASN B 101 -40.74 23.16 8.62
CA ASN B 101 -41.20 21.96 7.98
C ASN B 101 -40.16 21.41 7.03
N LYS B 102 -39.48 20.37 7.47
CA LYS B 102 -38.65 19.58 6.57
C LYS B 102 -39.64 18.76 5.73
N VAL B 103 -39.47 18.79 4.42
CA VAL B 103 -40.24 17.89 3.59
C VAL B 103 -39.25 17.13 2.70
N ILE B 104 -39.42 15.81 2.65
CA ILE B 104 -38.52 14.97 1.89
C ILE B 104 -39.30 13.95 1.08
N LYS B 105 -39.18 14.06 -0.24
CA LYS B 105 -39.83 13.14 -1.15
C LYS B 105 -38.79 12.33 -1.86
N VAL B 106 -39.04 11.04 -1.98
CA VAL B 106 -38.26 10.17 -2.85
C VAL B 106 -39.21 9.57 -3.86
N ASN B 107 -39.06 9.97 -5.12
CA ASN B 107 -39.99 9.58 -6.19
C ASN B 107 -41.42 10.00 -5.87
N GLY B 108 -41.63 11.28 -5.69
CA GLY B 108 -42.97 11.78 -5.41
C GLY B 108 -43.56 11.41 -4.05
N ASN B 109 -43.06 10.32 -3.46
CA ASN B 109 -43.59 9.86 -2.17
C ASN B 109 -42.89 10.46 -0.97
N LYS B 110 -43.51 11.45 -0.34
CA LYS B 110 -42.97 12.09 0.86
C LYS B 110 -42.74 11.07 1.98
N LEU B 111 -41.59 11.21 2.65
CA LEU B 111 -41.10 10.26 3.66
C LEU B 111 -41.63 10.56 5.05
N LYS B 112 -41.92 9.51 5.82
CA LYS B 112 -42.52 9.66 7.15
C LYS B 112 -41.64 10.47 8.10
N SER B 113 -40.41 10.01 8.31
CA SER B 113 -39.42 10.69 9.15
C SER B 113 -38.18 11.04 8.35
N THR B 114 -37.50 12.13 8.70
CA THR B 114 -36.30 12.57 7.96
C THR B 114 -35.27 11.45 7.75
N GLY B 115 -35.18 10.55 8.74
CA GLY B 115 -34.18 9.50 8.71
C GLY B 115 -34.25 8.49 7.59
N GLU B 116 -35.38 8.46 6.90
CA GLU B 116 -35.57 7.46 5.86
C GLU B 116 -34.85 7.85 4.59
N ILE B 117 -34.22 9.02 4.59
CA ILE B 117 -33.53 9.46 3.39
C ILE B 117 -32.19 8.75 3.30
N LEU B 118 -31.77 8.23 4.45
CA LEU B 118 -30.52 7.47 4.55
C LEU B 118 -30.54 6.24 3.65
N GLY B 119 -29.55 6.15 2.77
CA GLY B 119 -29.42 4.98 1.94
C GLY B 119 -29.68 5.22 0.48
N HIS B 120 -30.66 6.08 0.17
CA HIS B 120 -31.10 6.23 -1.20
C HIS B 120 -29.98 6.83 -2.03
N PHE B 121 -29.34 7.89 -1.52
CA PHE B 121 -28.16 8.46 -2.19
C PHE B 121 -26.92 8.45 -1.27
N LEU B 122 -25.88 7.75 -1.70
CA LEU B 122 -24.64 7.50 -0.93
C LEU B 122 -23.45 8.41 -1.27
N THR B 123 -23.00 9.18 -0.29
CA THR B 123 -21.83 10.02 -0.49
C THR B 123 -20.81 9.84 0.61
N VAL B 124 -19.55 10.05 0.27
CA VAL B 124 -18.51 10.20 1.26
C VAL B 124 -17.90 11.58 1.03
N ILE B 125 -17.99 12.44 2.04
CA ILE B 125 -17.52 13.83 1.93
C ILE B 125 -16.16 13.96 2.68
N PHE B 126 -15.11 14.29 1.92
CA PHE B 126 -13.75 14.51 2.44
C PHE B 126 -13.51 15.99 2.67
N SER B 127 -13.65 16.43 3.92
CA SER B 127 -13.50 17.83 4.29
C SER B 127 -12.24 18.00 5.08
N PRO B 128 -11.57 19.17 4.99
CA PRO B 128 -10.33 19.26 5.79
C PRO B 128 -10.68 19.38 7.27
N GLU B 129 -11.93 19.70 7.57
CA GLU B 129 -12.45 19.77 8.94
C GLU B 129 -12.78 18.38 9.52
N ASP B 130 -12.42 17.32 8.80
CA ASP B 130 -12.56 15.98 9.35
C ASP B 130 -11.53 15.75 10.44
N ILE B 131 -10.46 16.55 10.38
CA ILE B 131 -9.40 16.59 11.40
C ILE B 131 -9.98 16.71 12.81
N GLU B 132 -11.15 17.32 12.94
CA GLU B 132 -11.80 17.45 14.24
C GLU B 132 -12.23 16.13 14.87
N ILE B 133 -12.37 15.09 14.06
CA ILE B 133 -12.80 13.83 14.63
C ILE B 133 -11.63 13.30 15.44
N ILE B 134 -10.43 13.61 14.99
CA ILE B 134 -9.26 13.32 15.79
C ILE B 134 -9.20 14.26 17.01
N LYS B 135 -9.47 15.56 16.82
CA LYS B 135 -9.19 16.55 17.86
C LYS B 135 -10.30 16.74 18.88
N GLU B 136 -11.57 16.74 18.51
CA GLU B 136 -12.60 17.13 19.48
C GLU B 136 -12.91 16.04 20.52
N GLY B 137 -13.89 16.30 21.38
CA GLY B 137 -14.18 15.35 22.44
C GLY B 137 -14.99 14.16 21.98
N PRO B 138 -15.24 13.19 22.88
CA PRO B 138 -15.96 11.97 22.51
C PRO B 138 -17.29 12.22 21.78
N SER B 139 -18.01 13.28 22.14
CA SER B 139 -19.22 13.65 21.42
C SER B 139 -18.98 13.67 19.91
N ARG B 140 -18.04 14.46 19.43
CA ARG B 140 -17.76 14.48 18.00
C ARG B 140 -17.54 13.08 17.42
N ARG B 141 -16.75 12.23 18.10
CA ARG B 141 -16.42 10.92 17.55
C ARG B 141 -17.64 10.00 17.57
N ARG B 142 -18.43 10.10 18.62
CA ARG B 142 -19.60 9.26 18.83
C ARG B 142 -20.65 9.55 17.74
N LYS B 143 -20.97 10.82 17.50
CA LYS B 143 -21.80 11.23 16.37
C LYS B 143 -21.35 10.66 15.04
N TYR B 144 -20.13 10.99 14.65
CA TYR B 144 -19.52 10.40 13.46
C TYR B 144 -19.81 8.91 13.37
N LEU B 145 -19.65 8.22 14.49
CA LEU B 145 -19.76 6.77 14.50
C LEU B 145 -21.16 6.34 14.09
N ASP B 146 -22.17 6.97 14.69
CA ASP B 146 -23.57 6.73 14.36
C ASP B 146 -23.85 7.01 12.89
N ALA B 147 -23.39 8.15 12.42
CA ALA B 147 -23.58 8.50 11.03
C ALA B 147 -22.97 7.45 10.10
N CYS B 148 -21.90 6.82 10.49
CA CYS B 148 -21.35 5.86 9.56
C CYS B 148 -22.20 4.61 9.54
N ILE B 149 -22.77 4.25 10.69
CA ILE B 149 -23.43 2.97 10.76
C ILE B 149 -24.81 3.09 10.16
N SER B 150 -25.57 4.09 10.63
CA SER B 150 -26.90 4.37 10.11
C SER B 150 -27.02 4.44 8.61
N VAL B 151 -26.04 5.01 7.92
CA VAL B 151 -26.11 5.03 6.47
C VAL B 151 -26.03 3.59 5.90
N ILE B 152 -25.44 2.67 6.68
CA ILE B 152 -25.26 1.27 6.30
C ILE B 152 -26.35 0.35 6.87
N ASP B 153 -26.89 0.72 8.03
CA ASP B 153 -27.77 -0.17 8.77
C ASP B 153 -28.98 0.53 9.38
N LYS B 154 -30.13 0.40 8.74
CA LYS B 154 -31.37 1.01 9.22
C LYS B 154 -31.76 0.45 10.58
N ASN B 155 -31.45 -0.84 10.80
CA ASN B 155 -31.68 -1.45 12.10
C ASN B 155 -31.03 -0.66 13.22
N TYR B 156 -29.71 -0.49 13.11
CA TYR B 156 -28.94 0.34 14.05
C TYR B 156 -29.59 1.71 14.21
N PHE B 157 -29.95 2.35 13.10
CA PHE B 157 -30.64 3.64 13.19
C PHE B 157 -31.86 3.62 14.08
N PHE B 158 -32.72 2.61 13.89
CA PHE B 158 -33.97 2.51 14.64
C PHE B 158 -33.64 2.39 16.10
N ASP B 159 -32.77 1.43 16.41
CA ASP B 159 -32.34 1.19 17.79
C ASP B 159 -31.81 2.44 18.47
N LEU B 160 -31.17 3.31 17.70
CA LEU B 160 -30.59 4.54 18.23
C LEU B 160 -31.69 5.46 18.69
N LEU B 161 -32.60 5.72 17.75
CA LEU B 161 -33.79 6.54 17.97
C LEU B 161 -34.63 6.07 19.13
N GLN B 162 -34.93 4.76 19.16
CA GLN B 162 -35.65 4.23 20.30
C GLN B 162 -34.85 4.48 21.55
N TYR B 163 -33.57 4.10 21.51
CA TYR B 163 -32.69 4.24 22.64
C TYR B 163 -32.79 5.64 23.19
N ASN B 164 -32.68 6.65 22.32
CA ASN B 164 -32.67 8.02 22.83
C ASN B 164 -34.02 8.44 23.45
N LYS B 165 -35.10 7.98 22.82
CA LYS B 165 -36.43 8.27 23.33
C LYS B 165 -36.52 7.76 24.77
N THR B 166 -36.16 6.48 24.94
CA THR B 166 -36.19 5.85 26.25
C THR B 166 -35.29 6.57 27.23
N LEU B 167 -34.11 6.97 26.75
CA LEU B 167 -33.16 7.66 27.60
C LEU B 167 -33.83 8.93 28.06
N SER B 168 -34.50 9.62 27.14
CA SER B 168 -35.05 10.91 27.48
C SER B 168 -36.17 10.75 28.49
N ASN B 169 -37.03 9.75 28.27
CA ASN B 169 -38.05 9.37 29.23
C ASN B 169 -37.45 9.09 30.61
N ARG B 170 -36.45 8.20 30.64
CA ARG B 170 -35.81 7.83 31.91
C ARG B 170 -35.23 9.04 32.64
N ASN B 171 -34.75 10.02 31.90
CA ASN B 171 -34.23 11.24 32.51
C ASN B 171 -35.33 12.04 33.22
N SER B 172 -36.49 12.14 32.58
CA SER B 172 -37.62 12.80 33.21
C SER B 172 -37.94 12.10 34.52
N LEU B 173 -38.14 10.79 34.43
CA LEU B 173 -38.46 9.98 35.60
C LEU B 173 -37.47 10.17 36.74
N LEU B 174 -36.19 10.37 36.45
CA LEU B 174 -35.20 10.66 37.50
C LEU B 174 -35.54 11.97 38.19
N LYS B 175 -35.95 12.96 37.40
CA LYS B 175 -36.24 14.29 37.92
C LYS B 175 -37.29 14.20 39.01
N LYS B 176 -38.41 13.56 38.66
CA LYS B 176 -39.54 13.37 39.56
C LYS B 176 -39.16 12.54 40.78
N ILE B 177 -38.31 11.53 40.61
CA ILE B 177 -37.91 10.70 41.75
C ILE B 177 -37.15 11.51 42.77
N LYS B 178 -36.12 12.22 42.31
CA LYS B 178 -35.25 12.98 43.22
C LYS B 178 -36.04 13.95 44.07
N GLU B 179 -37.02 14.60 43.46
CA GLU B 179 -37.72 15.68 44.15
C GLU B 179 -39.07 15.24 44.73
N GLU B 180 -39.94 14.65 43.91
CA GLU B 180 -41.35 14.49 44.30
C GLU B 180 -41.68 13.23 45.12
N GLY B 181 -40.85 12.19 45.00
CA GLY B 181 -41.07 10.96 45.75
C GLY B 181 -39.80 10.14 45.88
N LYS B 182 -39.29 10.03 47.11
CA LYS B 182 -37.98 9.44 47.38
C LYS B 182 -37.67 8.11 46.69
N GLY B 183 -38.70 7.38 46.27
CA GLY B 183 -38.48 6.08 45.66
C GLY B 183 -39.42 5.62 44.56
N GLU B 184 -38.88 5.45 43.35
CA GLU B 184 -39.54 4.65 42.34
C GLU B 184 -38.63 3.48 41.97
N ASP B 185 -39.12 2.28 42.19
CA ASP B 185 -38.43 1.11 41.69
C ASP B 185 -38.82 0.99 40.23
N LEU B 186 -39.95 1.60 39.87
CA LEU B 186 -40.52 1.44 38.52
C LEU B 186 -39.61 2.01 37.45
N LEU B 187 -38.57 2.69 37.91
CA LEU B 187 -37.39 3.04 37.12
C LEU B 187 -36.75 1.77 36.53
N GLU B 188 -37.09 0.62 37.11
CA GLU B 188 -36.56 -0.66 36.70
C GLU B 188 -36.90 -1.02 35.25
N ILE B 189 -38.08 -0.56 34.81
CA ILE B 189 -38.62 -0.97 33.53
C ILE B 189 -37.84 -0.30 32.40
N PHE B 190 -37.44 0.94 32.64
CA PHE B 190 -36.63 1.68 31.68
C PHE B 190 -35.16 1.20 31.62
N ASP B 191 -34.53 1.09 32.78
CA ASP B 191 -33.23 0.44 32.95
C ASP B 191 -33.13 -0.84 32.10
N GLU B 192 -34.09 -1.73 32.29
CA GLU B 192 -34.22 -2.92 31.47
C GLU B 192 -34.30 -2.66 29.96
N LYS B 193 -35.01 -1.60 29.61
CA LYS B 193 -35.21 -1.25 28.21
C LYS B 193 -33.93 -0.66 27.63
N LEU B 194 -33.34 0.31 28.34
CA LEU B 194 -32.01 0.87 28.00
C LEU B 194 -30.93 -0.20 27.85
N ALA B 195 -30.86 -1.11 28.81
CA ALA B 195 -29.91 -2.20 28.76
C ALA B 195 -30.10 -3.05 27.52
N GLU B 196 -31.36 -3.31 27.17
CA GLU B 196 -31.64 -4.21 26.07
C GLU B 196 -31.28 -3.60 24.72
N TYR B 197 -31.49 -2.29 24.62
CA TYR B 197 -31.18 -1.52 23.42
C TYR B 197 -29.73 -1.11 23.34
N GLY B 198 -29.15 -0.74 24.48
CA GLY B 198 -27.75 -0.33 24.55
C GLY B 198 -26.88 -1.50 24.10
N ALA B 199 -27.26 -2.69 24.53
CA ALA B 199 -26.48 -3.86 24.20
C ALA B 199 -26.45 -4.11 22.70
N ARG B 200 -27.54 -3.81 22.00
CA ARG B 200 -27.56 -4.02 20.56
C ARG B 200 -26.70 -2.95 19.92
N ILE B 201 -26.82 -1.73 20.44
CA ILE B 201 -26.01 -0.63 19.96
C ILE B 201 -24.50 -0.92 20.15
N ILE B 202 -24.12 -1.26 21.39
CA ILE B 202 -22.73 -1.62 21.70
C ILE B 202 -22.22 -2.75 20.78
N LYS B 203 -23.02 -3.77 20.58
CA LYS B 203 -22.61 -4.92 19.79
C LYS B 203 -22.36 -4.55 18.32
N VAL B 204 -23.13 -3.58 17.80
CA VAL B 204 -22.96 -3.13 16.41
C VAL B 204 -21.78 -2.19 16.25
N ARG B 205 -21.70 -1.18 17.12
CA ARG B 205 -20.51 -0.33 17.19
C ARG B 205 -19.25 -1.17 17.30
N ASN B 206 -19.25 -2.18 18.16
CA ASN B 206 -18.10 -3.04 18.21
C ASN B 206 -17.80 -3.61 16.83
N ASN B 207 -18.83 -4.10 16.18
CA ASN B 207 -18.64 -4.67 14.85
C ASN B 207 -18.04 -3.67 13.86
N TYR B 208 -18.51 -2.42 13.89
CA TYR B 208 -17.96 -1.42 12.98
C TYR B 208 -16.49 -1.14 13.23
N LEU B 209 -16.18 -0.89 14.51
CA LEU B 209 -14.85 -0.53 14.94
C LEU B 209 -13.81 -1.65 14.67
N GLU B 210 -14.17 -2.92 14.83
CA GLU B 210 -13.22 -3.96 14.42
C GLU B 210 -12.88 -3.74 12.95
N LYS B 211 -13.87 -3.37 12.14
CA LYS B 211 -13.61 -3.15 10.72
C LYS B 211 -12.73 -1.93 10.53
N LEU B 212 -13.07 -0.84 11.22
CA LEU B 212 -12.27 0.36 11.15
C LEU B 212 -10.81 0.06 11.60
N LYS B 213 -10.63 -0.74 12.66
CA LYS B 213 -9.29 -1.19 13.08
C LYS B 213 -8.59 -1.77 11.87
N ASN B 214 -9.11 -2.89 11.37
CA ASN B 214 -8.52 -3.59 10.25
C ASN B 214 -8.29 -2.67 9.07
N SER B 215 -9.29 -1.87 8.73
CA SER B 215 -9.17 -1.05 7.53
C SER B 215 -8.15 0.10 7.71
N MET B 216 -8.33 0.91 8.75
CA MET B 216 -7.46 2.06 9.03
C MET B 216 -6.02 1.62 9.29
N SER B 217 -5.85 0.50 9.98
CA SER B 217 -4.51 -0.02 10.21
CA SER B 217 -4.52 -0.07 10.20
C SER B 217 -3.76 -0.13 8.87
N LYS B 218 -4.32 -0.85 7.91
CA LYS B 218 -3.65 -1.03 6.63
C LYS B 218 -3.36 0.31 5.95
N PHE B 219 -4.31 1.25 5.99
CA PHE B 219 -4.06 2.56 5.40
C PHE B 219 -2.96 3.28 6.20
N LEU B 220 -3.09 3.29 7.51
CA LEU B 220 -2.18 4.05 8.31
C LEU B 220 -0.81 3.45 8.13
N MET B 221 -0.77 2.13 7.92
CA MET B 221 0.51 1.47 7.73
C MET B 221 1.10 1.84 6.38
N GLU B 222 0.34 1.64 5.32
CA GLU B 222 0.80 1.97 3.98
C GLU B 222 1.17 3.45 3.84
N ILE B 223 0.38 4.35 4.42
CA ILE B 223 0.64 5.79 4.27
C ILE B 223 1.92 6.26 4.96
N SER B 224 2.12 5.86 6.20
CA SER B 224 3.17 6.48 7.01
C SER B 224 3.88 5.55 7.99
N ASN B 225 3.71 4.23 7.81
CA ASN B 225 4.48 3.24 8.54
C ASN B 225 4.19 3.24 10.05
N GLU B 226 3.06 3.85 10.44
CA GLU B 226 2.66 3.96 11.85
C GLU B 226 1.59 2.93 12.24
N LYS B 227 1.69 2.41 13.46
CA LYS B 227 0.81 1.37 13.97
C LYS B 227 -0.49 1.93 14.53
N LEU B 228 -1.61 1.49 13.96
CA LEU B 228 -2.91 2.02 14.35
C LEU B 228 -3.57 1.09 15.36
N GLU B 229 -4.38 1.66 16.22
CA GLU B 229 -5.07 0.84 17.17
C GLU B 229 -6.35 1.55 17.57
N ILE B 230 -7.45 0.80 17.69
CA ILE B 230 -8.69 1.44 18.07
C ILE B 230 -9.13 0.85 19.35
N ILE B 231 -9.44 1.69 20.31
CA ILE B 231 -9.91 1.20 21.57
C ILE B 231 -11.28 1.73 21.75
N TYR B 232 -12.23 0.81 21.89
CA TYR B 232 -13.64 1.16 22.05
C TYR B 232 -13.90 1.27 23.53
N LEU B 233 -14.23 2.46 23.99
CA LEU B 233 -14.56 2.68 25.40
C LEU B 233 -16.05 2.58 25.63
N ASN B 234 -16.59 1.37 25.59
CA ASN B 234 -18.02 1.14 25.68
C ASN B 234 -18.54 1.19 27.10
N SER B 235 -19.86 1.13 27.27
CA SER B 235 -20.48 1.40 28.56
C SER B 235 -20.46 0.17 29.44
N ALA B 236 -20.26 -0.98 28.80
CA ALA B 236 -20.21 -2.24 29.53
C ALA B 236 -18.91 -2.33 30.33
N GLY B 237 -17.90 -1.61 29.87
CA GLY B 237 -16.56 -1.65 30.45
C GLY B 237 -15.92 -2.97 30.05
N VAL B 238 -15.94 -3.30 28.78
CA VAL B 238 -15.47 -4.61 28.39
C VAL B 238 -14.32 -4.45 27.41
N LYS B 239 -13.38 -5.37 27.46
CA LYS B 239 -12.22 -5.27 26.62
C LYS B 239 -12.48 -6.01 25.34
N GLU B 240 -13.04 -7.21 25.47
CA GLU B 240 -13.56 -7.97 24.34
C GLU B 240 -15.07 -7.97 24.45
N VAL B 241 -15.76 -8.21 23.35
CA VAL B 241 -17.17 -7.85 23.36
C VAL B 241 -18.16 -9.04 23.44
N HIS B 242 -17.86 -10.16 22.80
CA HIS B 242 -18.59 -11.41 23.05
C HIS B 242 -20.10 -11.43 22.77
N GLU B 243 -20.87 -11.76 23.80
CA GLU B 243 -22.30 -12.00 23.66
C GLU B 243 -23.13 -10.73 23.87
N GLU B 244 -24.17 -10.53 23.04
CA GLU B 244 -25.06 -9.39 23.25
C GLU B 244 -25.79 -9.54 24.59
N ASN B 245 -26.05 -10.80 24.97
CA ASN B 245 -26.74 -11.10 26.22
C ASN B 245 -25.95 -10.62 27.43
N LEU B 246 -24.66 -10.89 27.36
CA LEU B 246 -23.69 -10.57 28.39
C LEU B 246 -23.61 -9.06 28.58
N ILE B 247 -23.49 -8.34 27.47
CA ILE B 247 -23.53 -6.89 27.49
C ILE B 247 -24.80 -6.36 28.12
N ARG B 248 -25.93 -6.97 27.78
N ARG B 248 -25.94 -6.96 27.79
CA ARG B 248 -27.23 -6.58 28.35
CA ARG B 248 -27.24 -6.59 28.35
C ARG B 248 -27.19 -6.67 29.88
C ARG B 248 -27.23 -6.69 29.88
N GLU B 249 -26.75 -7.81 30.39
CA GLU B 249 -26.63 -8.03 31.84
C GLU B 249 -25.65 -7.08 32.52
N LYS B 250 -24.57 -6.71 31.83
CA LYS B 250 -23.61 -5.77 32.39
C LYS B 250 -24.16 -4.36 32.45
N LEU B 251 -24.74 -3.90 31.34
CA LEU B 251 -25.35 -2.57 31.25
C LEU B 251 -26.41 -2.37 32.32
N LYS B 252 -27.29 -3.35 32.46
CA LYS B 252 -28.34 -3.29 33.48
C LYS B 252 -27.74 -3.13 34.88
N ASN B 253 -26.76 -3.96 35.24
CA ASN B 253 -26.12 -3.86 36.55
C ASN B 253 -25.46 -2.49 36.78
N ARG B 254 -24.70 -2.05 35.79
CA ARG B 254 -24.07 -0.76 35.91
C ARG B 254 -25.14 0.29 36.10
N LEU B 255 -26.30 0.07 35.47
CA LEU B 255 -27.42 1.01 35.58
C LEU B 255 -28.01 1.05 36.98
N THR B 256 -28.03 -0.09 37.66
CA THR B 256 -28.47 -0.15 39.04
C THR B 256 -27.45 0.49 39.99
N LYS B 257 -26.18 0.18 39.83
CA LYS B 257 -25.18 0.67 40.80
C LYS B 257 -24.92 2.18 40.66
N SER B 258 -25.38 2.76 39.55
CA SER B 258 -25.07 4.16 39.27
C SER B 258 -26.22 5.10 39.59
N LEU B 259 -27.26 4.57 40.24
CA LEU B 259 -28.45 5.36 40.54
C LEU B 259 -28.13 6.64 41.30
N THR B 260 -27.38 6.53 42.38
CA THR B 260 -27.13 7.68 43.22
C THR B 260 -26.55 8.80 42.40
N LEU B 261 -25.44 8.51 41.72
CA LEU B 261 -24.83 9.45 40.81
C LEU B 261 -25.87 9.99 39.83
N ASP B 262 -26.77 9.11 39.36
CA ASP B 262 -27.82 9.53 38.44
C ASP B 262 -28.85 10.47 39.11
N LEU B 263 -29.08 10.27 40.41
CA LEU B 263 -30.03 11.12 41.13
C LEU B 263 -29.39 12.44 41.55
N LYS B 264 -28.07 12.45 41.68
CA LYS B 264 -27.39 13.69 41.97
C LYS B 264 -27.49 14.63 40.78
N TYR B 265 -27.36 14.08 39.57
CA TYR B 265 -27.18 14.88 38.36
C TYR B 265 -28.42 15.01 37.48
N LEU B 266 -29.43 14.18 37.73
CA LEU B 266 -30.56 14.06 36.82
C LEU B 266 -30.07 13.81 35.39
N SER B 267 -29.25 12.78 35.26
CA SER B 267 -28.68 12.35 34.01
C SER B 267 -28.46 10.86 34.13
N THR B 268 -28.29 10.18 33.01
CA THR B 268 -28.01 8.77 33.05
C THR B 268 -26.54 8.57 32.71
N GLN B 269 -25.78 8.01 33.64
CA GLN B 269 -24.34 7.94 33.47
C GLN B 269 -23.93 6.69 32.69
N VAL B 270 -24.67 5.60 32.83
CA VAL B 270 -24.33 4.42 32.05
C VAL B 270 -25.00 4.52 30.69
N GLY B 271 -24.30 4.15 29.61
CA GLY B 271 -24.96 3.97 28.35
C GLY B 271 -24.28 4.52 27.11
N PRO B 272 -24.56 3.91 25.95
CA PRO B 272 -23.90 4.16 24.66
C PRO B 272 -24.04 5.58 24.18
N HIS B 273 -24.82 6.37 24.89
CA HIS B 273 -24.91 7.79 24.62
C HIS B 273 -23.74 8.55 25.22
N ARG B 274 -22.78 7.85 25.77
CA ARG B 274 -21.59 8.54 26.24
C ARG B 274 -20.38 7.64 26.18
N GLU B 275 -20.32 6.85 25.13
CA GLU B 275 -19.15 6.07 24.83
C GLU B 275 -18.21 6.89 24.03
N ASP B 276 -17.11 6.27 23.60
CA ASP B 276 -16.10 6.91 22.78
C ASP B 276 -15.14 5.87 22.27
N PHE B 277 -14.51 6.13 21.15
CA PHE B 277 -13.35 5.34 20.79
C PHE B 277 -12.09 6.21 20.75
N LYS B 278 -10.97 5.60 21.15
CA LYS B 278 -9.66 6.23 21.12
C LYS B 278 -8.95 5.76 19.90
N ILE B 279 -8.22 6.65 19.25
CA ILE B 279 -7.40 6.31 18.09
C ILE B 279 -5.90 6.35 18.41
N LEU B 280 -5.33 5.23 18.84
CA LEU B 280 -3.93 5.20 19.20
C LEU B 280 -3.03 5.08 17.98
N ILE B 281 -2.25 6.12 17.73
CA ILE B 281 -1.14 6.05 16.79
C ILE B 281 0.12 5.71 17.59
N ASN B 282 0.77 4.62 17.19
CA ASN B 282 1.96 4.11 17.86
C ASN B 282 1.82 4.09 19.34
N GLY B 283 0.75 3.49 19.83
CA GLY B 283 0.57 3.32 21.26
C GLY B 283 0.11 4.56 21.99
N TYR B 284 0.17 5.74 21.36
CA TYR B 284 -0.27 6.91 22.09
C TYR B 284 -1.59 7.56 21.53
N ASP B 285 -2.41 8.03 22.45
CA ASP B 285 -3.66 8.67 22.13
C ASP B 285 -3.43 9.78 21.13
N SER B 286 -4.09 9.73 19.97
CA SER B 286 -3.73 10.73 18.96
C SER B 286 -4.43 12.04 19.24
N ARG B 287 -5.25 12.05 20.27
CA ARG B 287 -6.01 13.25 20.63
C ARG B 287 -5.12 14.10 21.50
N VAL B 288 -4.22 13.39 22.19
CA VAL B 288 -3.36 13.97 23.21
C VAL B 288 -1.90 14.14 22.74
N TYR B 289 -1.39 13.17 21.99
CA TYR B 289 -0.01 13.19 21.56
C TYR B 289 0.07 12.94 20.08
N SER B 290 0.10 14.00 19.26
CA SER B 290 0.45 13.83 17.84
C SER B 290 0.56 15.13 17.07
N SER B 291 1.44 15.11 16.08
CA SER B 291 1.74 16.23 15.21
C SER B 291 0.51 16.64 14.45
N GLN B 292 0.37 17.94 14.17
CA GLN B 292 -0.69 18.39 13.28
C GLN B 292 -0.76 17.54 12.04
N GLY B 293 0.37 17.39 11.37
CA GLY B 293 0.43 16.60 10.16
C GLY B 293 0.08 15.14 10.34
N GLN B 294 0.15 14.66 11.57
CA GLN B 294 -0.07 13.24 11.73
C GLN B 294 -1.45 12.99 12.32
N LYS B 295 -2.06 14.05 12.82
CA LYS B 295 -3.51 14.04 12.99
C LYS B 295 -4.21 14.11 11.61
N ARG B 296 -3.72 14.96 10.72
CA ARG B 296 -4.25 15.04 9.36
C ARG B 296 -4.24 13.68 8.72
N THR B 297 -3.10 12.99 8.80
CA THR B 297 -3.03 11.67 8.21
C THR B 297 -4.02 10.71 8.89
N ALA B 298 -4.10 10.77 10.21
CA ALA B 298 -5.05 9.91 10.90
C ALA B 298 -6.45 10.16 10.32
N ALA B 299 -6.88 11.41 10.27
CA ALA B 299 -8.20 11.75 9.71
C ALA B 299 -8.38 11.24 8.29
N LEU B 300 -7.38 11.41 7.43
CA LEU B 300 -7.41 10.84 6.08
C LEU B 300 -7.70 9.32 6.06
N CYS B 301 -6.93 8.54 6.81
CA CYS B 301 -7.21 7.11 6.88
C CYS B 301 -8.59 6.82 7.50
N LEU B 302 -9.06 7.70 8.37
CA LEU B 302 -10.37 7.53 8.94
C LEU B 302 -11.39 7.55 7.79
N LYS B 303 -11.40 8.64 7.03
CA LYS B 303 -12.21 8.76 5.83
C LYS B 303 -12.03 7.65 4.79
N LEU B 304 -10.79 7.27 4.49
CA LEU B 304 -10.55 6.14 3.57
C LEU B 304 -11.29 4.92 4.07
N SER B 305 -11.17 4.62 5.35
CA SER B 305 -11.81 3.43 5.84
C SER B 305 -13.32 3.56 5.80
N GLU B 306 -13.84 4.77 6.03
CA GLU B 306 -15.29 4.98 5.99
C GLU B 306 -15.83 4.49 4.66
N LEU B 307 -15.23 5.03 3.59
CA LEU B 307 -15.48 4.66 2.21
C LEU B 307 -15.30 3.21 1.95
N GLU B 308 -14.17 2.65 2.36
CA GLU B 308 -13.90 1.25 2.05
C GLU B 308 -14.98 0.37 2.66
N ILE B 309 -15.34 0.64 3.92
CA ILE B 309 -16.36 -0.13 4.59
C ILE B 309 -17.71 0.05 3.94
N LEU B 310 -18.06 1.28 3.55
CA LEU B 310 -19.35 1.57 2.92
C LEU B 310 -19.55 0.76 1.64
N GLU B 311 -18.51 0.67 0.81
CA GLU B 311 -18.58 -0.20 -0.35
C GLU B 311 -18.71 -1.66 0.07
N GLU B 312 -17.96 -2.07 1.09
CA GLU B 312 -17.97 -3.47 1.47
C GLU B 312 -19.35 -3.95 1.94
N GLU B 313 -20.04 -3.12 2.72
CA GLU B 313 -21.27 -3.56 3.40
C GLU B 313 -22.52 -3.39 2.54
N THR B 314 -22.61 -2.24 1.86
CA THR B 314 -23.64 -1.98 0.87
C THR B 314 -22.88 -2.24 -0.40
N GLY B 315 -23.44 -2.99 -1.34
CA GLY B 315 -22.71 -3.27 -2.56
C GLY B 315 -22.41 -2.09 -3.50
N GLU B 316 -22.72 -0.88 -3.06
CA GLU B 316 -22.61 0.28 -3.92
C GLU B 316 -21.37 1.15 -3.76
N LYS B 317 -21.15 1.98 -4.77
CA LYS B 317 -19.95 2.77 -4.92
C LYS B 317 -20.37 4.21 -4.82
N PRO B 318 -20.00 4.88 -3.72
CA PRO B 318 -20.58 6.20 -3.39
C PRO B 318 -20.09 7.32 -4.28
N VAL B 319 -20.73 8.47 -4.17
CA VAL B 319 -20.33 9.66 -4.90
C VAL B 319 -19.39 10.40 -3.95
N LEU B 320 -18.16 10.66 -4.38
CA LEU B 320 -17.15 11.22 -3.46
C LEU B 320 -17.09 12.72 -3.55
N LEU B 321 -17.31 13.41 -2.44
CA LEU B 321 -17.17 14.87 -2.43
C LEU B 321 -15.91 15.30 -1.70
N LEU B 322 -15.03 16.01 -2.41
CA LEU B 322 -13.75 16.48 -1.90
C LEU B 322 -13.72 18.01 -1.74
N ASP B 323 -13.91 18.51 -0.53
CA ASP B 323 -14.00 19.97 -0.33
C ASP B 323 -12.77 20.55 0.27
N ASP B 324 -11.98 21.27 -0.54
CA ASP B 324 -10.75 21.94 -0.10
C ASP B 324 -9.69 20.97 0.36
N VAL B 325 -9.37 19.96 -0.43
CA VAL B 325 -8.26 19.10 -0.08
C VAL B 325 -7.18 19.15 -1.13
N MET B 326 -7.55 19.49 -2.36
CA MET B 326 -6.57 19.61 -3.43
C MET B 326 -5.53 20.70 -3.13
N SER B 327 -5.79 21.48 -2.08
CA SER B 327 -4.89 22.56 -1.65
C SER B 327 -3.56 22.06 -1.10
N GLU B 328 -3.63 21.11 -0.17
CA GLU B 328 -2.47 20.61 0.58
C GLU B 328 -1.56 19.64 -0.19
N LEU B 329 -1.52 19.78 -1.51
CA LEU B 329 -0.87 18.78 -2.35
C LEU B 329 -0.03 19.39 -3.48
N ASP B 330 0.89 18.59 -4.03
CA ASP B 330 1.73 18.98 -5.16
C ASP B 330 1.16 18.40 -6.46
N ASP B 331 1.98 18.29 -7.49
CA ASP B 331 1.49 17.94 -8.83
C ASP B 331 1.40 16.43 -9.13
N ASN B 332 2.44 15.66 -8.79
CA ASN B 332 2.40 14.21 -8.94
C ASN B 332 1.61 13.55 -7.81
N ARG B 333 1.42 14.27 -6.72
CA ARG B 333 0.60 13.79 -5.62
C ARG B 333 -0.89 13.97 -5.90
N LYS B 334 -1.21 14.87 -6.84
CA LYS B 334 -2.60 15.12 -7.17
C LYS B 334 -3.11 14.18 -8.24
N LYS B 335 -2.34 14.00 -9.31
CA LYS B 335 -2.76 13.07 -10.35
C LYS B 335 -2.70 11.63 -9.82
N TYR B 336 -1.90 11.42 -8.77
CA TYR B 336 -1.90 10.14 -8.06
C TYR B 336 -3.27 9.88 -7.45
N ILE B 337 -3.76 10.88 -6.73
CA ILE B 337 -5.07 10.83 -6.10
C ILE B 337 -6.16 10.66 -7.15
N LEU B 338 -6.17 11.54 -8.15
CA LEU B 338 -7.07 11.44 -9.29
C LEU B 338 -7.17 10.01 -9.81
N LYS B 339 -6.03 9.40 -10.11
CA LYS B 339 -5.97 8.02 -10.57
C LYS B 339 -6.64 7.04 -9.61
N LYS B 340 -6.67 7.35 -8.32
CA LYS B 340 -7.34 6.47 -7.36
C LYS B 340 -8.86 6.66 -7.37
N LEU B 341 -9.32 7.70 -8.06
CA LEU B 341 -10.74 8.02 -8.12
C LEU B 341 -11.51 7.46 -9.33
N GLU B 342 -11.01 6.42 -10.00
CA GLU B 342 -11.56 6.03 -11.31
C GLU B 342 -13.05 5.65 -11.28
N GLY B 343 -13.37 4.54 -10.61
CA GLY B 343 -14.73 4.04 -10.63
C GLY B 343 -15.77 4.96 -10.02
N PHE B 344 -15.37 6.19 -9.67
CA PHE B 344 -16.18 7.08 -8.85
C PHE B 344 -16.55 8.35 -9.57
N GLN B 345 -17.76 8.84 -9.32
CA GLN B 345 -18.06 10.21 -9.69
C GLN B 345 -17.53 11.13 -8.58
N SER B 346 -16.72 12.10 -8.97
CA SER B 346 -16.08 12.97 -7.98
C SER B 346 -16.62 14.37 -8.13
N PHE B 347 -16.89 15.02 -7.01
CA PHE B 347 -17.08 16.46 -7.01
C PHE B 347 -15.93 17.08 -6.23
N ILE B 348 -15.02 17.76 -6.92
CA ILE B 348 -13.78 18.23 -6.31
C ILE B 348 -13.70 19.76 -6.31
N THR B 349 -13.73 20.40 -5.13
CA THR B 349 -13.53 21.87 -5.11
C THR B 349 -12.07 22.22 -5.09
N HIS B 350 -11.75 23.32 -5.76
CA HIS B 350 -10.39 23.83 -5.76
C HIS B 350 -10.49 25.34 -5.94
N THR B 351 -9.43 25.96 -6.40
CA THR B 351 -9.39 27.41 -6.40
C THR B 351 -8.72 27.94 -7.67
N SER B 352 -8.13 27.00 -8.41
CA SER B 352 -7.58 27.26 -9.73
C SER B 352 -8.10 26.19 -10.68
N LYS B 353 -8.35 26.57 -11.94
CA LYS B 353 -8.76 25.62 -12.97
C LYS B 353 -7.58 25.07 -13.75
N SER B 354 -6.58 25.96 -13.96
CA SER B 354 -5.38 25.67 -14.75
C SER B 354 -4.49 24.59 -14.12
N ASP B 355 -4.96 23.95 -13.07
CA ASP B 355 -4.15 22.96 -12.39
C ASP B 355 -4.65 21.53 -12.65
N VAL B 356 -5.75 21.15 -11.99
CA VAL B 356 -6.23 19.77 -12.03
C VAL B 356 -7.25 19.56 -13.17
N GLU B 357 -7.00 18.55 -14.00
CA GLU B 357 -7.80 18.32 -15.21
C GLU B 357 -8.99 17.41 -14.93
N GLY B 358 -10.17 18.02 -14.87
CA GLY B 358 -11.37 17.26 -14.56
C GLY B 358 -12.14 16.82 -15.79
N ASP B 359 -12.79 15.66 -15.67
CA ASP B 359 -13.62 15.10 -16.73
C ASP B 359 -14.74 16.06 -17.19
N CYS B 360 -15.03 17.07 -16.38
CA CYS B 360 -15.70 18.29 -16.82
C CYS B 360 -15.69 19.28 -15.66
N CYS B 361 -15.46 20.56 -15.92
CA CYS B 361 -15.31 21.48 -14.81
C CYS B 361 -16.15 22.74 -14.90
N PHE B 362 -16.28 23.40 -13.76
CA PHE B 362 -17.24 24.46 -13.56
C PHE B 362 -16.60 25.66 -12.85
N LYS B 363 -16.64 26.85 -13.44
CA LYS B 363 -16.26 28.05 -12.70
C LYS B 363 -17.49 28.55 -11.95
N ILE B 364 -17.31 29.06 -10.75
CA ILE B 364 -18.44 29.58 -9.97
C ILE B 364 -18.05 30.93 -9.41
N TYR B 365 -18.83 31.98 -9.68
CA TYR B 365 -18.38 33.29 -9.21
C TYR B 365 -19.30 33.95 -8.19
N ASP B 366 -20.55 34.27 -8.55
CA ASP B 366 -21.35 35.03 -7.60
C ASP B 366 -22.43 34.16 -6.97
N GLY B 367 -22.35 32.87 -7.26
CA GLY B 367 -23.34 31.95 -6.73
C GLY B 367 -23.93 31.24 -7.91
N ILE B 368 -23.29 31.44 -9.05
CA ILE B 368 -23.73 30.90 -10.33
C ILE B 368 -22.72 29.92 -10.90
N VAL B 369 -23.14 28.68 -11.09
CA VAL B 369 -22.26 27.67 -11.65
C VAL B 369 -22.27 27.78 -13.18
N ASP B 370 -21.10 27.58 -13.81
CA ASP B 370 -21.00 27.64 -15.27
C ASP B 370 -20.04 26.56 -15.83
N LYS B 371 -20.59 25.63 -16.61
CA LYS B 371 -19.86 24.44 -17.09
C LYS B 371 -18.69 24.80 -18.02
N LEU B 372 -17.71 23.89 -18.10
CA LEU B 372 -16.57 23.98 -19.01
C LEU B 372 -15.91 25.36 -19.02
N ALA B 373 -15.12 25.66 -18.01
CA ALA B 373 -14.48 26.98 -17.91
C ALA B 373 -13.18 26.93 -17.13
N HIS C 1 15.90 14.32 8.16
CA HIS C 1 16.95 13.32 8.33
C HIS C 1 18.34 13.98 8.49
N HIS C 2 19.02 13.73 9.62
CA HIS C 2 20.25 14.46 10.01
C HIS C 2 21.55 13.98 9.38
N HIS C 3 22.65 14.35 10.01
CA HIS C 3 23.99 13.85 9.69
C HIS C 3 24.14 12.38 10.08
N HIS C 4 23.09 11.83 10.67
CA HIS C 4 23.07 10.46 11.21
C HIS C 4 22.93 9.37 10.15
N ALA C 5 23.07 9.73 8.88
CA ALA C 5 22.96 8.77 7.80
C ALA C 5 24.09 7.74 7.87
N TYR C 6 23.83 6.54 7.36
CA TYR C 6 24.82 5.46 7.34
C TYR C 6 25.47 5.35 5.95
N TYR C 7 26.72 4.92 5.91
CA TYR C 7 27.41 4.68 4.64
C TYR C 7 26.82 3.43 3.95
N SER C 8 26.19 3.61 2.80
CA SER C 8 25.46 2.54 2.12
C SER C 8 26.36 1.51 1.42
N MET C 9 26.08 0.21 1.64
CA MET C 9 26.78 -0.90 0.99
C MET C 9 27.26 -0.52 -0.38
N TYR C 10 28.56 -0.58 -0.60
CA TYR C 10 29.11 0.05 -1.79
C TYR C 10 30.29 -0.76 -2.32
N LEU C 11 30.22 -1.17 -3.58
CA LEU C 11 31.32 -1.88 -4.18
C LEU C 11 32.23 -0.89 -4.88
N LYS C 12 33.46 -0.77 -4.40
CA LYS C 12 34.42 0.21 -4.92
C LYS C 12 35.28 -0.35 -6.05
N GLU C 13 35.83 -1.53 -5.83
CA GLU C 13 36.79 -2.11 -6.76
C GLU C 13 36.64 -3.64 -6.86
N ILE C 14 36.93 -4.19 -8.03
CA ILE C 14 36.89 -5.64 -8.22
C ILE C 14 38.10 -6.06 -9.02
N PHE C 15 38.58 -7.26 -8.74
CA PHE C 15 39.64 -7.85 -9.54
C PHE C 15 39.21 -9.25 -9.90
N VAL C 16 39.27 -9.56 -11.19
CA VAL C 16 38.78 -10.84 -11.67
C VAL C 16 39.90 -11.52 -12.43
N ASP C 17 40.27 -12.70 -11.95
CA ASP C 17 41.24 -13.51 -12.67
C ASP C 17 40.63 -14.82 -13.14
N ASN C 18 40.78 -15.09 -14.44
CA ASN C 18 40.35 -16.36 -15.04
C ASN C 18 38.91 -16.67 -14.75
N PHE C 19 38.03 -15.69 -14.92
CA PHE C 19 36.63 -15.85 -14.52
C PHE C 19 35.74 -15.78 -15.74
N ARG C 20 35.08 -16.90 -16.05
CA ARG C 20 34.26 -17.04 -17.26
C ARG C 20 35.04 -16.47 -18.44
N ASN C 21 34.53 -15.46 -19.14
CA ASN C 21 35.26 -15.00 -20.31
C ASN C 21 35.93 -13.64 -20.10
N LEU C 22 35.82 -13.08 -18.90
CA LEU C 22 36.46 -11.82 -18.65
C LEU C 22 37.98 -12.03 -18.63
N LYS C 23 38.75 -11.01 -19.02
CA LYS C 23 40.19 -11.12 -18.94
C LYS C 23 40.66 -10.84 -17.53
N LYS C 24 41.97 -10.77 -17.37
CA LYS C 24 42.60 -10.36 -16.12
C LYS C 24 42.56 -8.85 -16.03
N GLN C 25 41.81 -8.32 -15.08
CA GLN C 25 41.67 -6.88 -14.99
C GLN C 25 41.14 -6.45 -13.64
N LYS C 26 41.55 -5.25 -13.26
CA LYS C 26 41.08 -4.59 -12.04
C LYS C 26 40.11 -3.51 -12.49
N LEU C 27 39.05 -3.31 -11.72
CA LEU C 27 38.02 -2.37 -12.11
C LEU C 27 37.50 -1.60 -10.91
N GLU C 28 37.28 -0.29 -11.10
CA GLU C 28 36.78 0.58 -10.04
C GLU C 28 35.51 1.29 -10.47
N PHE C 29 34.51 1.26 -9.58
CA PHE C 29 33.20 1.78 -9.91
C PHE C 29 32.79 2.91 -8.99
N CYS C 30 32.19 3.94 -9.56
CA CYS C 30 31.62 5.00 -8.75
C CYS C 30 30.36 4.50 -8.06
N GLU C 31 29.86 5.29 -7.11
CA GLU C 31 28.56 5.01 -6.51
C GLU C 31 27.47 5.49 -7.44
N GLY C 32 26.24 5.06 -7.18
CA GLY C 32 25.13 5.35 -8.08
C GLY C 32 25.10 4.39 -9.26
N VAL C 33 24.80 4.92 -10.42
CA VAL C 33 24.50 4.11 -11.59
C VAL C 33 25.70 3.83 -12.49
N ASN C 34 26.16 2.58 -12.47
CA ASN C 34 27.18 2.15 -13.43
C ASN C 34 26.54 1.48 -14.65
N LEU C 35 26.68 2.10 -15.82
CA LEU C 35 26.24 1.47 -17.05
C LEU C 35 27.28 0.47 -17.52
N ILE C 36 26.84 -0.73 -17.84
CA ILE C 36 27.73 -1.72 -18.44
C ILE C 36 27.17 -2.13 -19.77
N TYR C 37 27.55 -1.43 -20.83
CA TYR C 37 26.96 -1.71 -22.11
C TYR C 37 27.93 -2.49 -22.99
N GLY C 38 27.41 -3.50 -23.67
CA GLY C 38 28.18 -4.30 -24.60
C GLY C 38 27.24 -5.20 -25.39
N LEU C 39 27.73 -5.78 -26.49
CA LEU C 39 26.87 -6.61 -27.33
C LEU C 39 26.64 -7.96 -26.66
N ASN C 40 26.10 -8.91 -27.39
CA ASN C 40 25.65 -10.17 -26.80
C ASN C 40 26.85 -11.08 -26.61
N ALA C 41 26.79 -11.89 -25.55
CA ALA C 41 27.84 -12.86 -25.23
C ALA C 41 29.19 -12.16 -25.00
N GLN C 42 29.16 -11.17 -24.12
CA GLN C 42 30.32 -10.31 -23.92
C GLN C 42 30.78 -10.23 -22.48
N GLY C 43 30.04 -10.88 -21.58
CA GLY C 43 30.44 -10.98 -20.19
C GLY C 43 29.70 -10.08 -19.24
N LYS C 44 28.73 -9.31 -19.73
CA LYS C 44 27.94 -8.43 -18.86
C LYS C 44 27.36 -9.22 -17.68
N SER C 45 26.72 -10.34 -17.95
CA SER C 45 26.13 -11.14 -16.88
C SER C 45 27.25 -11.86 -16.11
N ASN C 46 28.37 -12.09 -16.78
CA ASN C 46 29.49 -12.72 -16.13
C ASN C 46 30.06 -11.81 -15.05
N LEU C 47 30.21 -10.53 -15.40
CA LEU C 47 30.67 -9.52 -14.45
C LEU C 47 29.74 -9.49 -13.24
N LEU C 48 28.45 -9.28 -13.47
CA LEU C 48 27.46 -9.32 -12.38
C LEU C 48 27.55 -10.61 -11.58
N GLU C 49 27.90 -11.72 -12.24
CA GLU C 49 28.03 -13.00 -11.55
C GLU C 49 29.16 -12.97 -10.51
N ALA C 50 30.31 -12.39 -10.88
CA ALA C 50 31.43 -12.20 -9.95
C ALA C 50 31.07 -11.30 -8.77
N ILE C 51 30.59 -10.10 -9.08
CA ILE C 51 30.01 -9.19 -8.10
C ILE C 51 29.10 -9.95 -7.15
N ARG C 52 28.08 -10.61 -7.69
CA ARG C 52 27.14 -11.34 -6.85
C ARG C 52 27.80 -12.51 -6.11
N LEU C 53 28.84 -13.08 -6.70
CA LEU C 53 29.63 -14.14 -6.08
C LEU C 53 30.17 -13.70 -4.74
N LEU C 54 30.60 -12.44 -4.70
CA LEU C 54 31.21 -11.82 -3.52
C LEU C 54 30.24 -11.61 -2.38
N SER C 55 28.95 -11.61 -2.68
CA SER C 55 27.96 -11.38 -1.65
C SER C 55 27.41 -12.71 -1.15
N MET C 56 27.62 -13.76 -1.95
CA MET C 56 26.70 -14.88 -1.92
C MET C 56 27.32 -16.28 -1.91
N GLY C 57 28.51 -16.40 -2.48
CA GLY C 57 29.19 -17.68 -2.49
C GLY C 57 28.96 -18.54 -3.71
N ARG C 58 28.16 -18.06 -4.66
CA ARG C 58 27.83 -18.83 -5.86
C ARG C 58 27.22 -18.01 -6.98
N SER C 59 26.96 -18.67 -8.09
CA SER C 59 26.34 -17.95 -9.19
C SER C 59 24.83 -17.86 -9.02
N PHE C 60 24.28 -16.69 -9.32
CA PHE C 60 22.85 -16.53 -9.30
C PHE C 60 22.24 -17.37 -10.43
N ARG C 61 23.02 -17.57 -11.49
CA ARG C 61 22.59 -18.41 -12.60
C ARG C 61 22.50 -19.89 -12.30
N GLY C 62 22.93 -20.31 -11.12
CA GLY C 62 22.79 -21.70 -10.73
C GLY C 62 23.93 -22.60 -11.19
N SER C 63 24.82 -22.10 -12.04
CA SER C 63 25.97 -22.89 -12.54
C SER C 63 26.76 -23.48 -11.40
N LYS C 64 27.58 -24.48 -11.70
CA LYS C 64 28.45 -24.99 -10.66
C LYS C 64 29.78 -24.22 -10.70
N MET C 65 30.49 -24.21 -9.58
CA MET C 65 31.81 -23.60 -9.47
C MET C 65 32.69 -23.89 -10.67
N SER C 66 32.85 -25.16 -11.01
CA SER C 66 33.77 -25.52 -12.07
C SER C 66 33.48 -24.78 -13.37
N GLU C 67 32.19 -24.46 -13.61
CA GLU C 67 31.81 -23.81 -14.86
C GLU C 67 32.13 -22.32 -14.86
N LEU C 68 32.37 -21.74 -13.68
CA LEU C 68 32.85 -20.35 -13.56
C LEU C 68 34.29 -20.17 -14.03
N VAL C 69 35.10 -21.21 -13.85
CA VAL C 69 36.48 -21.27 -14.32
C VAL C 69 36.59 -21.15 -15.85
N LYS C 70 37.17 -20.04 -16.30
CA LYS C 70 37.49 -19.77 -17.71
C LYS C 70 38.00 -21.01 -18.45
N PHE C 71 37.47 -21.23 -19.66
CA PHE C 71 37.78 -22.44 -20.42
C PHE C 71 39.28 -22.63 -20.51
N ASP C 72 39.70 -23.87 -20.23
CA ASP C 72 41.10 -24.29 -20.33
C ASP C 72 42.00 -23.81 -19.21
N GLU C 73 41.41 -23.44 -18.08
CA GLU C 73 42.18 -22.94 -16.95
C GLU C 73 41.78 -23.74 -15.70
N GLU C 74 42.53 -23.61 -14.60
CA GLU C 74 42.27 -24.50 -13.47
C GLU C 74 41.80 -23.79 -12.20
N TYR C 75 41.53 -22.50 -12.30
CA TYR C 75 41.22 -21.75 -11.10
C TYR C 75 40.66 -20.41 -11.50
N PHE C 76 39.94 -19.79 -10.58
CA PHE C 76 39.55 -18.40 -10.76
C PHE C 76 39.63 -17.73 -9.40
N TYR C 77 39.81 -16.42 -9.45
CA TYR C 77 40.02 -15.60 -8.26
C TYR C 77 39.21 -14.31 -8.42
N VAL C 78 38.41 -14.00 -7.42
CA VAL C 78 37.82 -12.67 -7.38
C VAL C 78 38.16 -11.99 -6.07
N ARG C 79 38.50 -10.70 -6.20
CA ARG C 79 38.78 -9.83 -5.08
C ARG C 79 37.87 -8.61 -5.19
N GLY C 80 37.21 -8.27 -4.10
CA GLY C 80 36.40 -7.08 -4.08
C GLY C 80 36.67 -6.19 -2.90
N LEU C 81 36.76 -4.88 -3.18
CA LEU C 81 36.88 -3.89 -2.12
C LEU C 81 35.56 -3.13 -1.95
N VAL C 82 34.86 -3.49 -0.88
CA VAL C 82 33.52 -2.96 -0.60
C VAL C 82 33.47 -2.17 0.71
N ARG C 83 32.70 -1.08 0.69
CA ARG C 83 32.38 -0.36 1.92
C ARG C 83 30.99 -0.79 2.45
N SER C 84 30.92 -1.12 3.73
CA SER C 84 29.66 -1.43 4.39
C SER C 84 29.14 -0.19 5.11
N ALA C 85 28.31 -0.36 6.13
CA ALA C 85 27.96 0.74 7.01
C ALA C 85 28.90 0.77 8.22
N ASP C 86 28.82 -0.28 9.04
CA ASP C 86 29.67 -0.44 10.20
C ASP C 86 31.15 -0.50 9.79
N PHE C 87 31.40 -0.92 8.55
CA PHE C 87 32.75 -0.95 8.00
C PHE C 87 32.96 0.24 7.07
N TYR C 88 34.22 0.60 6.84
CA TYR C 88 34.54 1.65 5.88
C TYR C 88 35.47 1.12 4.80
N GLU C 89 36.07 -0.05 5.06
CA GLU C 89 36.58 -0.85 3.95
C GLU C 89 36.75 -2.33 4.28
N LYS C 90 36.18 -3.15 3.39
CA LYS C 90 36.16 -4.60 3.55
C LYS C 90 36.70 -5.30 2.31
N LYS C 91 37.47 -6.37 2.52
CA LYS C 91 38.14 -7.07 1.43
C LYS C 91 37.65 -8.50 1.33
N ILE C 92 36.91 -8.77 0.24
CA ILE C 92 36.37 -10.10 0.01
C ILE C 92 37.05 -10.72 -1.19
N GLU C 93 37.48 -11.95 -0.96
CA GLU C 93 38.26 -12.68 -1.92
C GLU C 93 37.68 -14.05 -2.04
N PHE C 94 37.46 -14.45 -3.28
CA PHE C 94 36.96 -15.77 -3.57
C PHE C 94 37.87 -16.38 -4.61
N GLY C 95 38.32 -17.59 -4.31
CA GLY C 95 39.17 -18.30 -5.21
C GLY C 95 38.79 -19.76 -5.19
N TYR C 96 38.70 -20.32 -6.39
CA TYR C 96 38.27 -21.69 -6.55
C TYR C 96 39.17 -22.37 -7.55
N LYS C 97 39.62 -23.59 -7.20
CA LYS C 97 40.43 -24.43 -8.09
C LYS C 97 39.72 -25.79 -8.30
N VAL C 98 39.89 -26.38 -9.49
CA VAL C 98 39.07 -27.52 -9.88
C VAL C 98 39.31 -28.85 -9.12
N ASN C 99 40.11 -28.83 -8.06
CA ASN C 99 40.22 -30.04 -7.24
C ASN C 99 39.17 -30.00 -6.14
N GLY C 100 38.42 -28.91 -6.10
CA GLY C 100 37.32 -28.78 -5.17
C GLY C 100 37.51 -27.81 -4.01
N ASN C 101 38.74 -27.40 -3.74
CA ASN C 101 38.96 -26.51 -2.59
C ASN C 101 38.55 -25.06 -2.87
N LYS C 102 37.61 -24.58 -2.07
CA LYS C 102 37.19 -23.18 -2.15
C LYS C 102 37.88 -22.43 -1.03
N VAL C 103 38.55 -21.34 -1.36
CA VAL C 103 39.10 -20.47 -0.33
C VAL C 103 38.43 -19.11 -0.41
N ILE C 104 37.91 -18.68 0.73
CA ILE C 104 37.22 -17.41 0.81
C ILE C 104 37.83 -16.61 1.92
N LYS C 105 38.29 -15.42 1.62
CA LYS C 105 38.91 -14.62 2.67
C LYS C 105 38.23 -13.25 2.78
N VAL C 106 37.98 -12.85 4.02
CA VAL C 106 37.49 -11.52 4.34
C VAL C 106 38.51 -10.78 5.20
N ASN C 107 38.93 -9.61 4.70
CA ASN C 107 39.92 -8.76 5.39
C ASN C 107 41.30 -9.42 5.56
N GLY C 108 41.51 -10.56 4.92
CA GLY C 108 42.75 -11.29 5.05
C GLY C 108 42.52 -12.62 5.73
N ASN C 109 41.49 -12.66 6.56
CA ASN C 109 41.15 -13.86 7.31
C ASN C 109 40.42 -14.89 6.46
N LYS C 110 40.77 -16.16 6.63
CA LYS C 110 40.18 -17.26 5.85
C LYS C 110 39.00 -17.90 6.58
N LEU C 111 37.87 -18.05 5.90
CA LEU C 111 36.61 -18.44 6.54
C LEU C 111 36.50 -19.93 6.78
N LYS C 112 35.89 -20.29 7.90
CA LYS C 112 35.81 -21.68 8.32
C LYS C 112 34.80 -22.46 7.50
N SER C 113 33.54 -22.00 7.52
CA SER C 113 32.50 -22.59 6.70
C SER C 113 32.49 -21.89 5.34
N THR C 114 32.31 -22.68 4.28
CA THR C 114 32.30 -22.16 2.91
C THR C 114 31.15 -21.17 2.71
N GLY C 115 30.19 -21.17 3.64
CA GLY C 115 29.05 -20.27 3.57
C GLY C 115 28.98 -19.25 4.69
N GLU C 116 30.10 -18.62 5.01
CA GLU C 116 30.12 -17.59 6.04
C GLU C 116 30.33 -16.26 5.37
N ILE C 117 30.22 -16.24 4.04
CA ILE C 117 30.43 -15.01 3.28
C ILE C 117 29.10 -14.25 3.27
N LEU C 118 28.09 -14.93 3.79
CA LEU C 118 26.71 -14.44 3.81
C LEU C 118 26.48 -13.36 4.82
N GLY C 119 26.52 -12.12 4.37
CA GLY C 119 26.20 -11.02 5.24
C GLY C 119 27.09 -9.87 4.91
N HIS C 120 28.37 -10.17 4.68
CA HIS C 120 29.38 -9.13 4.52
C HIS C 120 29.03 -8.22 3.36
N PHE C 121 29.06 -8.76 2.14
CA PHE C 121 28.60 -7.98 0.98
C PHE C 121 27.10 -8.23 0.79
N LEU C 122 26.33 -7.19 0.51
CA LEU C 122 24.89 -7.33 0.29
C LEU C 122 24.45 -6.80 -1.06
N THR C 123 24.03 -7.71 -1.94
CA THR C 123 23.45 -7.28 -3.21
C THR C 123 22.07 -7.83 -3.41
N VAL C 124 21.28 -7.15 -4.23
CA VAL C 124 20.05 -7.73 -4.75
C VAL C 124 20.14 -7.73 -6.26
N ILE C 125 19.95 -8.92 -6.84
CA ILE C 125 20.13 -9.08 -8.28
C ILE C 125 18.78 -9.17 -8.98
N PHE C 126 18.64 -8.31 -9.99
CA PHE C 126 17.44 -8.19 -10.80
C PHE C 126 17.68 -8.72 -12.22
N SER C 127 17.14 -9.91 -12.51
CA SER C 127 17.22 -10.50 -13.85
C SER C 127 15.82 -10.83 -14.39
N PRO C 128 15.69 -10.91 -15.72
CA PRO C 128 14.45 -11.40 -16.30
C PRO C 128 14.17 -12.87 -16.08
N GLU C 129 15.24 -13.60 -15.78
CA GLU C 129 15.20 -14.96 -15.27
C GLU C 129 14.61 -15.13 -13.86
N ASP C 130 14.17 -14.04 -13.21
CA ASP C 130 13.48 -14.15 -11.92
C ASP C 130 12.02 -14.55 -12.10
N ILE C 131 11.52 -14.47 -13.34
CA ILE C 131 10.17 -14.95 -13.66
C ILE C 131 9.99 -16.39 -13.23
N GLU C 132 11.12 -17.11 -13.13
CA GLU C 132 11.10 -18.55 -12.91
C GLU C 132 10.57 -18.94 -11.54
N ILE C 133 10.48 -17.97 -10.63
CA ILE C 133 10.05 -18.26 -9.26
C ILE C 133 8.53 -18.39 -9.18
N ILE C 134 7.83 -17.48 -9.85
CA ILE C 134 6.40 -17.65 -10.09
C ILE C 134 6.11 -18.95 -10.87
N LYS C 135 6.95 -19.22 -11.87
CA LYS C 135 6.70 -20.25 -12.87
C LYS C 135 6.98 -21.71 -12.48
N GLU C 136 8.13 -21.99 -11.86
CA GLU C 136 8.58 -23.38 -11.78
C GLU C 136 8.06 -24.18 -10.60
N GLY C 137 8.77 -25.25 -10.28
CA GLY C 137 8.33 -26.18 -9.26
C GLY C 137 8.61 -25.68 -7.86
N PRO C 138 8.13 -26.41 -6.83
CA PRO C 138 8.38 -26.02 -5.44
C PRO C 138 9.86 -25.75 -5.21
N SER C 139 10.69 -26.69 -5.61
CA SER C 139 12.14 -26.59 -5.50
C SER C 139 12.73 -25.27 -5.94
N ARG C 140 12.10 -24.56 -6.86
CA ARG C 140 12.60 -23.25 -7.25
C ARG C 140 12.42 -22.26 -6.12
N ARG C 141 11.29 -22.35 -5.44
CA ARG C 141 10.92 -21.34 -4.45
C ARG C 141 11.51 -21.64 -3.09
N ARG C 142 11.58 -22.92 -2.75
CA ARG C 142 12.30 -23.39 -1.60
C ARG C 142 13.73 -22.82 -1.64
N LYS C 143 14.43 -23.05 -2.76
CA LYS C 143 15.77 -22.52 -2.97
C LYS C 143 15.88 -21.01 -2.85
N TYR C 144 14.82 -20.28 -3.20
CA TYR C 144 14.86 -18.83 -3.19
C TYR C 144 14.58 -18.33 -1.80
N LEU C 145 13.74 -19.09 -1.10
CA LEU C 145 13.31 -18.75 0.26
C LEU C 145 14.51 -18.87 1.19
N ASP C 146 15.23 -19.97 1.06
CA ASP C 146 16.46 -20.16 1.78
C ASP C 146 17.49 -19.07 1.43
N ALA C 147 17.58 -18.71 0.15
CA ALA C 147 18.57 -17.74 -0.29
C ALA C 147 18.19 -16.32 0.13
N CYS C 148 16.96 -16.14 0.58
CA CYS C 148 16.46 -14.81 0.94
C CYS C 148 16.55 -14.58 2.43
N ILE C 149 16.24 -15.64 3.17
CA ILE C 149 16.39 -15.62 4.61
C ILE C 149 17.85 -15.51 5.00
N SER C 150 18.66 -16.51 4.62
CA SER C 150 20.05 -16.64 5.08
C SER C 150 20.93 -15.40 4.98
N VAL C 151 20.71 -14.56 3.97
CA VAL C 151 21.45 -13.31 3.81
C VAL C 151 21.10 -12.33 4.96
N ILE C 152 20.19 -12.75 5.83
CA ILE C 152 19.68 -11.92 6.91
C ILE C 152 19.85 -12.61 8.25
N ASP C 153 19.61 -13.91 8.26
CA ASP C 153 19.57 -14.71 9.48
C ASP C 153 20.61 -15.83 9.35
N LYS C 154 21.54 -15.86 10.29
CA LYS C 154 22.62 -16.82 10.20
C LYS C 154 22.25 -18.10 10.94
N ASN C 155 21.51 -17.97 12.03
CA ASN C 155 21.04 -19.15 12.75
C ASN C 155 20.18 -20.03 11.86
N TYR C 156 19.45 -19.41 10.94
CA TYR C 156 18.63 -20.17 10.02
C TYR C 156 19.52 -20.99 9.10
N PHE C 157 20.50 -20.33 8.48
CA PHE C 157 21.45 -21.02 7.59
C PHE C 157 22.04 -22.23 8.30
N PHE C 158 22.62 -21.99 9.46
CA PHE C 158 23.14 -23.06 10.29
C PHE C 158 22.08 -24.13 10.53
N ASP C 159 20.88 -23.69 10.92
CA ASP C 159 19.78 -24.60 11.17
C ASP C 159 19.48 -25.45 9.96
N LEU C 160 19.42 -24.80 8.80
CA LEU C 160 19.10 -25.45 7.53
C LEU C 160 20.13 -26.51 7.19
N LEU C 161 21.40 -26.11 7.17
CA LEU C 161 22.54 -27.00 6.96
C LEU C 161 22.49 -28.22 7.86
N GLN C 162 22.27 -27.96 9.15
CA GLN C 162 22.22 -29.00 10.16
C GLN C 162 21.08 -29.96 9.88
N TYR C 163 19.97 -29.42 9.39
CA TYR C 163 18.83 -30.24 8.98
C TYR C 163 19.21 -31.10 7.78
N ASN C 164 20.00 -30.52 6.89
CA ASN C 164 20.42 -31.21 5.67
C ASN C 164 21.42 -32.31 5.98
N LYS C 165 22.38 -32.00 6.85
CA LYS C 165 23.37 -32.96 7.29
C LYS C 165 22.70 -34.19 7.87
N THR C 166 21.68 -33.97 8.71
CA THR C 166 20.97 -35.05 9.38
C THR C 166 19.95 -35.74 8.46
N LEU C 167 19.51 -35.02 7.43
CA LEU C 167 18.57 -35.59 6.46
C LEU C 167 19.18 -36.72 5.63
N SER C 168 20.35 -36.48 5.05
CA SER C 168 21.02 -37.47 4.21
C SER C 168 21.69 -38.53 5.06
N ASN C 169 21.84 -38.24 6.36
CA ASN C 169 22.28 -39.25 7.31
C ASN C 169 21.21 -40.32 7.45
N ARG C 170 19.97 -39.88 7.72
CA ARG C 170 18.82 -40.77 7.80
C ARG C 170 18.60 -41.50 6.48
N ASN C 171 18.73 -40.76 5.38
CA ASN C 171 18.57 -41.33 4.04
C ASN C 171 19.59 -42.44 3.73
N SER C 172 20.74 -42.39 4.38
CA SER C 172 21.77 -43.41 4.14
C SER C 172 21.59 -44.60 5.09
N LEU C 173 20.63 -44.50 6.01
CA LEU C 173 20.32 -45.63 6.87
C LEU C 173 19.24 -46.49 6.23
N LEU C 174 18.32 -45.84 5.53
CA LEU C 174 17.27 -46.55 4.80
C LEU C 174 17.87 -47.52 3.78
N LYS C 175 19.01 -47.15 3.19
CA LYS C 175 19.79 -48.08 2.37
C LYS C 175 20.81 -48.81 3.26
N LYS C 176 20.31 -49.26 4.41
CA LYS C 176 21.00 -50.15 5.33
C LYS C 176 19.91 -50.79 6.19
N ILE C 177 18.68 -50.65 5.73
CA ILE C 177 17.49 -51.11 6.45
C ILE C 177 16.55 -51.92 5.57
N LYS C 178 16.19 -51.36 4.42
CA LYS C 178 15.35 -52.07 3.46
C LYS C 178 16.15 -53.17 2.76
N GLU C 179 17.45 -53.21 3.02
CA GLU C 179 18.34 -54.19 2.41
C GLU C 179 19.01 -55.07 3.45
N GLU C 180 19.32 -54.50 4.61
CA GLU C 180 19.88 -55.29 5.69
C GLU C 180 18.74 -55.78 6.59
N GLY C 181 18.73 -55.34 7.84
CA GLY C 181 17.68 -55.68 8.80
C GLY C 181 17.46 -54.60 9.84
N LYS C 182 16.78 -54.96 10.93
CA LYS C 182 16.33 -54.01 11.96
C LYS C 182 17.24 -52.79 12.20
N GLY C 183 16.73 -51.62 11.87
CA GLY C 183 17.39 -50.37 12.15
C GLY C 183 16.47 -49.47 12.95
N GLU C 184 15.93 -50.02 14.00
CA GLU C 184 14.88 -49.34 14.76
C GLU C 184 15.41 -48.21 15.63
N ASP C 185 16.25 -48.53 16.61
CA ASP C 185 16.76 -47.56 17.58
C ASP C 185 17.43 -46.35 16.92
N LEU C 186 18.21 -46.61 15.88
CA LEU C 186 18.94 -45.56 15.17
C LEU C 186 18.02 -44.73 14.27
N LEU C 187 16.72 -45.02 14.33
CA LEU C 187 15.75 -44.37 13.46
C LEU C 187 14.80 -43.46 14.21
N GLU C 188 15.04 -43.27 15.50
CA GLU C 188 14.17 -42.40 16.28
C GLU C 188 14.99 -41.28 16.89
N ILE C 189 16.31 -41.45 16.89
CA ILE C 189 17.21 -40.34 17.20
C ILE C 189 17.16 -39.38 16.02
N PHE C 190 17.01 -39.92 14.82
CA PHE C 190 16.91 -39.11 13.60
C PHE C 190 15.49 -38.57 13.41
N ASP C 191 14.50 -39.33 13.85
CA ASP C 191 13.12 -38.94 13.66
C ASP C 191 12.78 -37.63 14.37
N GLU C 192 13.55 -37.27 15.40
CA GLU C 192 13.33 -35.98 16.07
C GLU C 192 14.58 -35.13 16.19
N LYS C 193 15.71 -35.63 15.69
CA LYS C 193 16.80 -34.71 15.35
C LYS C 193 16.29 -33.89 14.18
N LEU C 194 15.53 -34.56 13.29
CA LEU C 194 14.90 -33.93 12.12
C LEU C 194 13.74 -33.04 12.51
N ALA C 195 12.87 -33.58 13.36
CA ALA C 195 11.68 -32.87 13.79
C ALA C 195 12.06 -31.54 14.43
N GLU C 196 13.05 -31.57 15.32
CA GLU C 196 13.46 -30.37 16.02
C GLU C 196 14.07 -29.38 15.05
N TYR C 197 15.04 -29.83 14.25
CA TYR C 197 15.65 -28.96 13.26
C TYR C 197 14.58 -28.50 12.26
N GLY C 198 13.62 -29.38 11.96
CA GLY C 198 12.55 -29.05 11.04
C GLY C 198 11.74 -27.88 11.55
N ALA C 199 11.08 -28.07 12.69
CA ALA C 199 10.24 -27.06 13.34
C ALA C 199 10.87 -25.68 13.38
N ARG C 200 12.19 -25.66 13.54
CA ARG C 200 12.95 -24.41 13.55
C ARG C 200 12.84 -23.71 12.19
N ILE C 201 13.17 -24.44 11.15
CA ILE C 201 13.17 -23.92 9.79
C ILE C 201 11.78 -23.47 9.38
N ILE C 202 10.78 -24.21 9.85
CA ILE C 202 9.41 -23.89 9.50
C ILE C 202 9.01 -22.53 10.06
N LYS C 203 9.03 -22.42 11.39
CA LYS C 203 8.63 -21.19 12.09
C LYS C 203 9.30 -19.91 11.53
N VAL C 204 10.51 -20.07 10.98
CA VAL C 204 11.28 -18.95 10.42
C VAL C 204 10.89 -18.55 8.99
N ARG C 205 10.80 -19.55 8.11
CA ARG C 205 10.35 -19.32 6.74
C ARG C 205 9.04 -18.54 6.80
N ASN C 206 8.16 -19.03 7.65
CA ASN C 206 6.82 -18.48 7.80
C ASN C 206 6.82 -17.01 8.15
N ASN C 207 7.66 -16.65 9.12
CA ASN C 207 7.87 -15.27 9.47
C ASN C 207 8.24 -14.49 8.22
N TYR C 208 9.12 -15.06 7.39
CA TYR C 208 9.57 -14.36 6.19
C TYR C 208 8.41 -14.23 5.18
N LEU C 209 7.67 -15.32 4.99
CA LEU C 209 6.53 -15.32 4.07
C LEU C 209 5.48 -14.30 4.47
N GLU C 210 5.17 -14.21 5.76
CA GLU C 210 4.24 -13.18 6.25
C GLU C 210 4.76 -11.77 5.98
N LYS C 211 6.07 -11.58 6.10
CA LYS C 211 6.63 -10.26 5.81
C LYS C 211 6.69 -10.04 4.30
N LEU C 212 6.59 -11.14 3.56
CA LEU C 212 6.47 -11.10 2.10
C LEU C 212 5.04 -10.81 1.66
N LYS C 213 4.05 -11.42 2.33
CA LYS C 213 2.64 -11.18 2.01
C LYS C 213 2.38 -9.68 1.94
N ASN C 214 2.80 -8.98 3.00
CA ASN C 214 2.49 -7.57 3.17
C ASN C 214 3.25 -6.66 2.23
N SER C 215 4.49 -7.01 1.92
CA SER C 215 5.27 -6.11 1.11
C SER C 215 4.90 -6.33 -0.34
N MET C 216 4.73 -7.60 -0.71
CA MET C 216 4.49 -7.98 -2.11
C MET C 216 3.04 -7.71 -2.52
N SER C 217 2.16 -7.55 -1.54
CA SER C 217 0.80 -7.16 -1.86
C SER C 217 0.71 -5.63 -1.93
N LYS C 218 1.51 -4.94 -1.13
CA LYS C 218 1.57 -3.48 -1.20
C LYS C 218 2.02 -3.03 -2.58
N PHE C 219 2.95 -3.77 -3.18
CA PHE C 219 3.52 -3.39 -4.46
C PHE C 219 2.59 -3.76 -5.60
N LEU C 220 2.08 -4.99 -5.55
CA LEU C 220 1.22 -5.52 -6.61
C LEU C 220 -0.07 -4.70 -6.74
N MET C 221 -0.61 -4.30 -5.58
CA MET C 221 -1.77 -3.42 -5.49
C MET C 221 -1.56 -2.06 -6.18
N GLU C 222 -0.30 -1.63 -6.24
CA GLU C 222 0.03 -0.33 -6.80
C GLU C 222 0.11 -0.36 -8.31
N ILE C 223 0.72 -1.43 -8.85
CA ILE C 223 0.96 -1.53 -10.28
C ILE C 223 -0.26 -2.02 -11.03
N SER C 224 -0.88 -3.09 -10.54
CA SER C 224 -1.95 -3.74 -11.27
C SER C 224 -3.33 -3.51 -10.69
N ASN C 225 -3.38 -3.19 -9.40
CA ASN C 225 -4.63 -3.16 -8.63
C ASN C 225 -5.24 -4.57 -8.59
N GLU C 226 -4.37 -5.57 -8.73
CA GLU C 226 -4.70 -6.92 -8.31
C GLU C 226 -4.10 -7.07 -6.91
N LYS C 227 -4.63 -8.00 -6.11
CA LYS C 227 -4.18 -8.09 -4.73
C LYS C 227 -3.77 -9.51 -4.36
N LEU C 228 -2.71 -9.58 -3.56
CA LEU C 228 -1.89 -10.76 -3.39
C LEU C 228 -2.29 -11.60 -2.17
N GLU C 229 -1.96 -12.89 -2.21
CA GLU C 229 -2.05 -13.77 -1.04
C GLU C 229 -0.90 -14.77 -1.09
N ILE C 230 -0.68 -15.53 -0.01
CA ILE C 230 0.46 -16.44 0.09
C ILE C 230 0.21 -17.63 1.00
N ILE C 231 0.18 -18.84 0.46
CA ILE C 231 -0.03 -19.98 1.33
C ILE C 231 1.25 -20.75 1.57
N TYR C 232 1.69 -20.77 2.82
CA TYR C 232 2.84 -21.59 3.17
C TYR C 232 2.36 -23.04 3.17
N LEU C 233 2.76 -23.81 2.16
CA LEU C 233 2.45 -25.24 2.15
C LEU C 233 3.56 -26.00 2.86
N ASN C 234 3.46 -26.07 4.19
CA ASN C 234 4.51 -26.70 5.00
C ASN C 234 4.20 -28.17 5.30
N SER C 235 4.85 -28.74 6.33
CA SER C 235 4.67 -30.16 6.64
C SER C 235 3.84 -30.38 7.91
N ALA C 236 2.68 -31.03 7.71
CA ALA C 236 1.61 -31.30 8.70
C ALA C 236 0.89 -30.05 9.19
N GLY C 237 1.37 -28.90 8.72
CA GLY C 237 0.93 -27.62 9.24
C GLY C 237 -0.46 -27.22 8.88
N VAL C 238 -0.92 -26.19 9.56
CA VAL C 238 -2.20 -25.60 9.25
C VAL C 238 -1.86 -24.21 8.71
N LYS C 239 -2.84 -23.33 8.58
CA LYS C 239 -2.51 -21.92 8.38
C LYS C 239 -2.56 -21.31 9.78
N GLU C 240 -2.08 -20.06 9.91
CA GLU C 240 -1.55 -19.34 11.04
C GLU C 240 -0.54 -19.92 12.04
N VAL C 241 0.69 -20.18 11.58
CA VAL C 241 1.61 -20.85 12.48
C VAL C 241 1.72 -20.01 13.75
N HIS C 242 1.83 -20.70 14.87
CA HIS C 242 1.98 -20.06 16.16
C HIS C 242 2.58 -21.05 17.15
N GLU C 243 3.82 -20.77 17.54
CA GLU C 243 4.55 -21.52 18.56
C GLU C 243 4.89 -22.95 18.11
N GLU C 244 5.98 -23.49 18.68
CA GLU C 244 6.39 -24.86 18.40
C GLU C 244 5.55 -25.84 19.22
N ASN C 245 4.45 -25.30 19.77
CA ASN C 245 3.43 -26.05 20.52
C ASN C 245 3.05 -27.33 19.80
N LEU C 246 2.46 -27.15 18.62
CA LEU C 246 1.84 -28.21 17.85
C LEU C 246 2.85 -28.90 16.94
N ILE C 247 3.80 -28.11 16.43
CA ILE C 247 4.51 -28.44 15.21
C ILE C 247 5.78 -29.27 15.40
N ARG C 248 6.56 -28.99 16.43
CA ARG C 248 7.78 -29.76 16.68
C ARG C 248 7.43 -31.22 16.98
N GLU C 249 6.15 -31.46 17.22
CA GLU C 249 5.65 -32.81 17.41
C GLU C 249 4.90 -33.27 16.16
N LYS C 250 4.24 -32.36 15.46
CA LYS C 250 3.53 -32.69 14.22
C LYS C 250 4.47 -33.33 13.19
N LEU C 251 5.70 -32.80 13.11
CA LEU C 251 6.73 -33.35 12.23
C LEU C 251 7.14 -34.74 12.67
N LYS C 252 7.41 -34.88 13.96
CA LYS C 252 7.73 -36.17 14.54
C LYS C 252 6.60 -37.15 14.26
N ASN C 253 5.38 -36.61 14.22
CA ASN C 253 4.19 -37.40 14.03
C ASN C 253 4.09 -38.01 12.63
N ARG C 254 4.23 -37.18 11.60
CA ARG C 254 4.13 -37.65 10.23
C ARG C 254 5.37 -38.45 9.79
N LEU C 255 6.39 -38.50 10.65
CA LEU C 255 7.63 -39.21 10.32
C LEU C 255 7.72 -40.57 11.00
N THR C 256 6.85 -40.80 11.98
CA THR C 256 6.77 -42.09 12.67
C THR C 256 5.83 -43.00 11.90
N LYS C 257 4.60 -42.56 11.69
CA LYS C 257 3.71 -43.20 10.72
C LYS C 257 4.17 -42.71 9.35
N SER C 258 3.63 -43.30 8.29
CA SER C 258 4.08 -42.99 6.92
C SER C 258 5.61 -43.14 6.85
N LEU C 259 6.08 -44.32 7.23
CA LEU C 259 7.51 -44.66 7.20
C LEU C 259 7.70 -45.86 6.30
N THR C 260 6.60 -46.58 6.07
CA THR C 260 6.58 -47.69 5.11
C THR C 260 6.84 -47.15 3.71
N LEU C 261 6.13 -46.07 3.37
CA LEU C 261 6.32 -45.40 2.10
C LEU C 261 7.73 -44.82 2.00
N ASP C 262 8.29 -44.43 3.14
CA ASP C 262 9.67 -43.94 3.21
C ASP C 262 10.66 -45.04 2.78
N LEU C 263 10.20 -46.29 2.77
CA LEU C 263 11.08 -47.43 2.49
C LEU C 263 10.87 -48.04 1.10
N LYS C 264 9.79 -47.66 0.42
CA LYS C 264 9.54 -48.12 -0.94
C LYS C 264 10.16 -47.17 -1.96
N TYR C 265 10.74 -46.08 -1.47
CA TYR C 265 11.45 -45.11 -2.30
C TYR C 265 12.87 -44.88 -1.78
N LEU C 266 13.10 -45.32 -0.54
CA LEU C 266 14.36 -45.10 0.19
C LEU C 266 14.77 -43.62 0.29
N SER C 267 13.83 -42.79 0.75
CA SER C 267 14.02 -41.35 0.85
C SER C 267 12.97 -40.72 1.78
N THR C 268 13.38 -39.70 2.53
CA THR C 268 12.50 -39.03 3.49
C THR C 268 11.44 -38.19 2.78
N GLN C 269 10.18 -38.38 3.15
CA GLN C 269 9.08 -37.75 2.42
C GLN C 269 8.37 -36.66 3.22
N VAL C 270 8.63 -36.59 4.51
CA VAL C 270 8.05 -35.52 5.33
C VAL C 270 9.14 -34.59 5.86
N GLY C 271 8.95 -33.28 5.68
CA GLY C 271 9.88 -32.28 6.18
C GLY C 271 9.90 -30.99 5.38
N PRO C 272 10.69 -30.00 5.84
CA PRO C 272 10.86 -28.73 5.10
C PRO C 272 11.60 -28.87 3.76
N HIS C 273 12.24 -30.02 3.52
CA HIS C 273 12.95 -30.24 2.26
C HIS C 273 11.99 -30.51 1.10
N ARG C 274 10.72 -30.72 1.40
CA ARG C 274 9.70 -30.68 0.36
C ARG C 274 8.45 -29.94 0.83
N GLU C 275 8.58 -28.62 0.93
CA GLU C 275 7.48 -27.71 1.20
C GLU C 275 7.44 -26.74 0.05
N ASP C 276 6.42 -25.88 0.04
CA ASP C 276 6.33 -24.90 -1.02
C ASP C 276 5.57 -23.69 -0.50
N PHE C 277 5.56 -22.62 -1.27
CA PHE C 277 4.57 -21.60 -1.04
C PHE C 277 3.98 -21.13 -2.36
N LYS C 278 2.65 -20.96 -2.37
CA LYS C 278 1.91 -20.46 -3.53
C LYS C 278 1.78 -18.95 -3.51
N ILE C 279 1.90 -18.34 -4.69
CA ILE C 279 1.61 -16.91 -4.86
C ILE C 279 0.28 -16.70 -5.61
N LEU C 280 -0.85 -16.59 -4.90
CA LEU C 280 -2.17 -16.42 -5.54
C LEU C 280 -2.48 -14.98 -5.94
N ILE C 281 -2.58 -14.72 -7.24
CA ILE C 281 -3.04 -13.41 -7.71
C ILE C 281 -4.54 -13.43 -7.97
N ASN C 282 -5.26 -12.56 -7.27
CA ASN C 282 -6.72 -12.52 -7.28
C ASN C 282 -7.35 -13.89 -7.00
N GLY C 283 -6.98 -14.51 -5.89
CA GLY C 283 -7.58 -15.76 -5.49
C GLY C 283 -7.14 -16.97 -6.28
N TYR C 284 -6.40 -16.73 -7.37
CA TYR C 284 -5.98 -17.81 -8.26
C TYR C 284 -4.43 -17.96 -8.12
N ASP C 285 -4.01 -19.23 -8.00
CA ASP C 285 -2.60 -19.64 -8.02
C ASP C 285 -1.79 -19.19 -9.25
N SER C 286 -0.95 -18.17 -9.13
CA SER C 286 -0.33 -17.55 -10.30
C SER C 286 0.66 -18.46 -11.04
N ARG C 287 0.78 -19.69 -10.59
CA ARG C 287 1.67 -20.63 -11.26
C ARG C 287 0.90 -21.41 -12.32
N VAL C 288 -0.36 -21.72 -11.99
CA VAL C 288 -1.26 -22.49 -12.85
C VAL C 288 -2.11 -21.59 -13.77
N TYR C 289 -2.45 -20.41 -13.28
CA TYR C 289 -3.32 -19.48 -13.99
C TYR C 289 -2.76 -18.05 -14.02
N SER C 290 -2.08 -17.65 -15.09
CA SER C 290 -1.63 -16.25 -15.20
C SER C 290 -0.97 -15.87 -16.52
N SER C 291 -1.25 -14.66 -16.97
CA SER C 291 -0.64 -14.06 -18.15
C SER C 291 0.88 -13.94 -17.99
N GLN C 292 1.59 -13.74 -19.09
CA GLN C 292 3.05 -13.60 -19.03
C GLN C 292 3.43 -12.22 -18.49
N GLY C 293 2.69 -11.19 -18.88
CA GLY C 293 2.87 -9.88 -18.29
C GLY C 293 2.37 -9.86 -16.85
N GLN C 294 1.49 -10.81 -16.54
CA GLN C 294 0.97 -11.00 -15.20
C GLN C 294 2.03 -11.68 -14.33
N LYS C 295 2.92 -12.43 -14.97
CA LYS C 295 4.03 -13.06 -14.27
C LYS C 295 5.21 -12.11 -14.14
N ARG C 296 5.36 -11.19 -15.09
CA ARG C 296 6.43 -10.20 -15.03
C ARG C 296 6.30 -9.31 -13.81
N THR C 297 5.09 -8.81 -13.56
CA THR C 297 4.89 -7.95 -12.41
C THR C 297 4.93 -8.76 -11.11
N ALA C 298 4.40 -9.98 -11.13
CA ALA C 298 4.51 -10.86 -9.97
C ALA C 298 5.98 -11.02 -9.56
N ALA C 299 6.82 -11.34 -10.54
CA ALA C 299 8.25 -11.53 -10.31
C ALA C 299 9.04 -10.21 -10.25
N LEU C 300 8.33 -9.09 -10.30
CA LEU C 300 8.96 -7.80 -10.07
C LEU C 300 8.68 -7.38 -8.65
N CYS C 301 7.48 -7.68 -8.19
CA CYS C 301 7.09 -7.38 -6.83
C CYS C 301 7.88 -8.22 -5.86
N LEU C 302 8.03 -9.50 -6.20
CA LEU C 302 8.82 -10.42 -5.40
C LEU C 302 10.19 -9.84 -5.14
N LYS C 303 10.75 -9.21 -6.18
CA LYS C 303 12.10 -8.66 -6.08
C LYS C 303 12.14 -7.32 -5.32
N LEU C 304 11.23 -6.41 -5.62
CA LEU C 304 11.14 -5.16 -4.87
C LEU C 304 10.87 -5.44 -3.39
N SER C 305 10.04 -6.45 -3.12
CA SER C 305 9.85 -6.95 -1.76
C SER C 305 11.17 -7.37 -1.14
N GLU C 306 11.88 -8.27 -1.83
CA GLU C 306 13.16 -8.79 -1.36
C GLU C 306 13.99 -7.62 -0.90
N LEU C 307 14.22 -6.65 -1.78
CA LEU C 307 15.02 -5.48 -1.46
C LEU C 307 14.46 -4.73 -0.24
N GLU C 308 13.16 -4.53 -0.20
CA GLU C 308 12.52 -3.85 0.92
C GLU C 308 12.74 -4.61 2.23
N ILE C 309 12.28 -5.85 2.29
CA ILE C 309 12.44 -6.69 3.48
C ILE C 309 13.91 -6.85 3.91
N LEU C 310 14.84 -6.63 2.98
CA LEU C 310 16.27 -6.73 3.28
C LEU C 310 16.80 -5.40 3.78
N GLU C 311 16.40 -4.32 3.13
CA GLU C 311 16.88 -2.98 3.46
C GLU C 311 16.44 -2.56 4.87
N GLU C 312 15.40 -3.22 5.40
CA GLU C 312 14.97 -2.96 6.77
C GLU C 312 15.51 -3.96 7.77
N GLU C 313 15.22 -5.25 7.55
CA GLU C 313 15.67 -6.32 8.44
C GLU C 313 17.17 -6.34 8.79
N THR C 314 18.01 -5.66 8.00
CA THR C 314 19.42 -5.57 8.34
C THR C 314 19.89 -4.13 8.44
N GLY C 315 19.02 -3.20 8.11
CA GLY C 315 19.36 -1.79 8.21
C GLY C 315 20.38 -1.33 7.18
N GLU C 316 21.01 -2.29 6.50
CA GLU C 316 21.94 -1.96 5.43
C GLU C 316 21.19 -1.57 4.16
N LYS C 317 21.88 -0.91 3.24
CA LYS C 317 21.26 -0.53 1.96
C LYS C 317 22.12 -1.06 0.81
N PRO C 318 21.71 -2.22 0.26
CA PRO C 318 22.55 -3.07 -0.58
C PRO C 318 22.81 -2.52 -1.96
N VAL C 319 23.70 -3.20 -2.69
CA VAL C 319 24.00 -2.89 -4.09
C VAL C 319 23.00 -3.59 -5.02
N LEU C 320 22.61 -2.91 -6.09
CA LEU C 320 21.62 -3.47 -7.00
C LEU C 320 22.25 -3.88 -8.32
N LEU C 321 21.92 -5.09 -8.76
CA LEU C 321 22.42 -5.62 -10.02
C LEU C 321 21.27 -5.75 -10.99
N LEU C 322 21.28 -4.93 -12.03
CA LEU C 322 20.23 -4.91 -13.04
C LEU C 322 20.66 -5.56 -14.35
N ASP C 323 20.31 -6.83 -14.51
CA ASP C 323 20.79 -7.60 -15.66
C ASP C 323 19.74 -7.70 -16.77
N ASP C 324 19.86 -6.86 -17.79
CA ASP C 324 19.00 -6.90 -18.99
C ASP C 324 17.51 -6.69 -18.70
N VAL C 325 17.16 -5.50 -18.22
CA VAL C 325 15.75 -5.14 -18.02
C VAL C 325 15.61 -3.63 -18.32
N MET C 326 16.23 -3.23 -19.42
CA MET C 326 16.31 -1.82 -19.79
C MET C 326 15.87 -1.60 -21.23
N SER C 327 15.99 -2.64 -22.05
CA SER C 327 15.37 -2.65 -23.36
C SER C 327 13.98 -3.26 -23.20
N GLU C 328 13.81 -3.99 -22.11
CA GLU C 328 12.53 -4.57 -21.73
C GLU C 328 11.48 -3.48 -21.50
N LEU C 329 11.95 -2.35 -20.99
CA LEU C 329 11.09 -1.20 -20.68
C LEU C 329 11.45 0.03 -21.52
N ASP C 330 10.47 0.89 -21.71
CA ASP C 330 10.71 2.06 -22.54
C ASP C 330 10.15 3.34 -21.98
N ASP C 331 10.80 4.43 -22.37
CA ASP C 331 10.35 5.77 -22.07
C ASP C 331 10.23 5.95 -20.56
N ASN C 332 9.21 6.66 -20.11
CA ASN C 332 9.07 7.03 -18.71
C ASN C 332 9.10 5.96 -17.65
N ARG C 333 8.69 4.76 -17.98
CA ARG C 333 9.14 3.62 -17.18
C ARG C 333 10.66 3.61 -16.92
N LYS C 334 11.45 3.86 -17.97
CA LYS C 334 12.92 3.85 -17.88
C LYS C 334 13.52 5.14 -17.31
N LYS C 335 12.85 6.27 -17.58
CA LYS C 335 13.23 7.56 -16.99
C LYS C 335 12.83 7.57 -15.51
N TYR C 336 11.77 6.82 -15.19
CA TYR C 336 11.47 6.44 -13.81
C TYR C 336 12.48 5.36 -13.43
N ILE C 337 12.37 4.81 -12.22
CA ILE C 337 13.37 3.87 -11.73
C ILE C 337 14.75 4.53 -11.68
N LEU C 338 15.22 5.09 -12.79
CA LEU C 338 16.40 5.96 -12.79
C LEU C 338 16.22 7.10 -11.78
N LYS C 339 14.96 7.37 -11.46
CA LYS C 339 14.61 8.23 -10.33
C LYS C 339 14.81 7.47 -9.02
N LYS C 340 14.18 6.30 -8.92
CA LYS C 340 14.16 5.51 -7.69
C LYS C 340 15.47 4.75 -7.43
N LEU C 341 16.50 5.05 -8.20
CA LEU C 341 17.75 4.32 -8.13
C LEU C 341 18.89 5.12 -7.50
N GLU C 342 18.59 6.30 -6.99
CA GLU C 342 19.64 7.16 -6.48
C GLU C 342 19.98 6.83 -5.03
N GLY C 343 21.19 7.16 -4.62
CA GLY C 343 21.71 6.72 -3.34
C GLY C 343 22.27 5.33 -3.50
N PHE C 344 21.40 4.39 -3.89
CA PHE C 344 21.80 3.03 -4.25
C PHE C 344 23.00 3.03 -5.18
N GLN C 345 23.96 2.15 -4.95
CA GLN C 345 24.90 1.90 -6.03
C GLN C 345 24.33 0.78 -6.89
N SER C 346 24.06 1.09 -8.15
CA SER C 346 23.46 0.10 -9.04
C SER C 346 24.32 -0.20 -10.26
N PHE C 347 24.30 -1.47 -10.67
CA PHE C 347 24.93 -1.91 -11.92
C PHE C 347 23.86 -2.22 -12.94
N ILE C 348 24.01 -1.69 -14.14
CA ILE C 348 22.95 -1.80 -15.13
C ILE C 348 23.48 -2.29 -16.46
N THR C 349 23.14 -3.52 -16.81
CA THR C 349 23.64 -4.09 -18.06
C THR C 349 22.70 -3.72 -19.18
N HIS C 350 23.24 -3.24 -20.29
CA HIS C 350 22.41 -2.96 -21.44
C HIS C 350 23.10 -3.26 -22.75
N THR C 351 22.30 -3.56 -23.77
CA THR C 351 22.83 -3.81 -25.12
C THR C 351 23.25 -2.48 -25.76
N SER C 352 22.32 -1.54 -25.86
CA SER C 352 22.60 -0.23 -26.46
C SER C 352 23.33 0.74 -25.50
N LYS C 353 23.94 1.76 -26.09
CA LYS C 353 24.88 2.65 -25.40
C LYS C 353 24.29 4.02 -25.04
N SER C 354 24.32 4.93 -26.01
CA SER C 354 23.86 6.31 -25.82
C SER C 354 22.32 6.37 -25.69
N ASP C 355 21.81 5.77 -24.61
CA ASP C 355 20.38 5.71 -24.36
C ASP C 355 20.09 6.09 -22.91
N VAL C 356 20.88 5.56 -21.99
CA VAL C 356 20.68 5.80 -20.57
C VAL C 356 21.96 6.31 -19.92
N GLU C 357 22.13 7.63 -19.84
CA GLU C 357 23.33 8.19 -19.23
C GLU C 357 23.28 8.06 -17.71
N GLY C 358 24.25 7.35 -17.16
CA GLY C 358 24.43 7.24 -15.71
C GLY C 358 25.63 8.09 -15.30
N ASP C 359 26.01 8.06 -14.03
CA ASP C 359 27.09 8.92 -13.59
C ASP C 359 28.43 8.50 -14.20
N CYS C 360 28.70 7.20 -14.23
CA CYS C 360 29.85 6.71 -14.98
C CYS C 360 29.45 5.46 -15.77
N CYS C 361 30.28 5.09 -16.74
CA CYS C 361 29.86 4.17 -17.80
C CYS C 361 30.99 3.36 -18.41
N PHE C 362 30.77 2.06 -18.53
CA PHE C 362 31.76 1.13 -19.07
C PHE C 362 31.27 0.44 -20.36
N LYS C 363 32.19 0.16 -21.27
CA LYS C 363 31.90 -0.66 -22.44
C LYS C 363 32.59 -2.00 -22.25
N ILE C 364 31.95 -3.08 -22.67
CA ILE C 364 32.54 -4.39 -22.46
C ILE C 364 32.55 -5.20 -23.75
N TYR C 365 33.74 -5.62 -24.15
CA TYR C 365 33.92 -6.39 -25.38
C TYR C 365 34.93 -7.50 -25.15
N ASP C 366 34.62 -8.69 -25.66
CA ASP C 366 35.53 -9.82 -25.63
C ASP C 366 36.04 -10.19 -24.24
N GLY C 367 35.53 -9.53 -23.21
CA GLY C 367 35.94 -9.83 -21.84
C GLY C 367 36.80 -8.74 -21.25
N ILE C 368 36.90 -7.62 -21.96
CA ILE C 368 37.65 -6.46 -21.49
C ILE C 368 36.66 -5.30 -21.23
N VAL C 369 36.76 -4.70 -20.06
CA VAL C 369 35.85 -3.62 -19.71
C VAL C 369 36.57 -2.27 -19.64
N ASP C 370 36.42 -1.46 -20.69
CA ASP C 370 37.01 -0.13 -20.74
C ASP C 370 35.98 0.91 -20.27
N LYS C 371 36.43 1.87 -19.46
CA LYS C 371 35.55 2.92 -18.94
C LYS C 371 35.25 4.01 -19.99
N LEU C 372 34.19 4.78 -19.76
CA LEU C 372 33.87 5.99 -20.52
C LEU C 372 33.42 5.69 -21.95
N ALA C 373 32.20 5.14 -22.10
CA ALA C 373 31.54 4.87 -23.38
C ALA C 373 32.49 4.43 -24.50
N TYR D 6 0.06 -25.72 -54.43
CA TYR D 6 -0.97 -24.80 -53.96
C TYR D 6 -1.63 -25.29 -52.66
N TYR D 7 -2.69 -24.60 -52.26
CA TYR D 7 -3.51 -24.96 -51.10
C TYR D 7 -2.69 -25.12 -49.81
N SER D 8 -2.31 -24.01 -49.22
CA SER D 8 -1.62 -23.99 -47.94
C SER D 8 -2.60 -24.03 -46.75
N MET D 9 -2.21 -24.68 -45.64
CA MET D 9 -3.09 -24.77 -44.44
C MET D 9 -3.64 -23.46 -44.00
N TYR D 10 -4.79 -23.52 -43.34
CA TYR D 10 -5.62 -22.34 -43.18
C TYR D 10 -6.80 -22.57 -42.25
N LEU D 11 -6.81 -21.90 -41.10
CA LEU D 11 -7.92 -22.04 -40.17
C LEU D 11 -9.02 -21.06 -40.54
N LYS D 12 -10.04 -21.56 -41.24
CA LYS D 12 -11.19 -20.76 -41.70
C LYS D 12 -11.89 -20.09 -40.53
N GLU D 13 -12.22 -20.88 -39.51
CA GLU D 13 -12.84 -20.33 -38.32
C GLU D 13 -12.59 -21.21 -37.11
N ILE D 14 -12.82 -20.66 -35.92
CA ILE D 14 -12.78 -21.47 -34.71
C ILE D 14 -13.99 -21.12 -33.83
N PHE D 15 -14.37 -22.07 -32.98
CA PHE D 15 -15.43 -21.88 -32.01
C PHE D 15 -14.94 -22.35 -30.65
N VAL D 16 -14.86 -21.44 -29.69
CA VAL D 16 -14.45 -21.82 -28.35
C VAL D 16 -15.68 -21.80 -27.45
N ASP D 17 -15.70 -22.67 -26.46
CA ASP D 17 -16.77 -22.60 -25.49
C ASP D 17 -16.19 -23.09 -24.19
N ASN D 18 -16.17 -22.21 -23.19
CA ASN D 18 -15.59 -22.53 -21.90
C ASN D 18 -14.11 -22.86 -22.00
N PHE D 19 -13.43 -22.20 -22.93
CA PHE D 19 -12.00 -22.36 -23.05
C PHE D 19 -11.39 -21.22 -22.29
N ARG D 20 -11.04 -21.50 -21.03
CA ARG D 20 -10.34 -20.56 -20.18
C ARG D 20 -11.02 -19.19 -20.05
N ASN D 21 -10.29 -18.17 -20.47
CA ASN D 21 -10.72 -16.80 -20.41
C ASN D 21 -11.73 -16.48 -21.50
N LEU D 22 -11.59 -17.14 -22.63
CA LEU D 22 -12.47 -16.91 -23.77
C LEU D 22 -13.94 -17.12 -23.42
N LYS D 23 -14.78 -16.23 -23.88
CA LYS D 23 -16.22 -16.48 -23.78
C LYS D 23 -16.62 -17.28 -25.02
N LYS D 24 -17.88 -17.73 -25.06
CA LYS D 24 -18.39 -18.53 -26.18
C LYS D 24 -18.52 -17.70 -27.45
N GLN D 25 -17.67 -17.94 -28.43
CA GLN D 25 -17.67 -17.05 -29.60
C GLN D 25 -17.07 -17.70 -30.85
N LYS D 26 -17.90 -17.90 -31.87
CA LYS D 26 -17.40 -18.27 -33.19
C LYS D 26 -16.57 -17.08 -33.73
N LEU D 27 -15.38 -17.37 -34.22
CA LEU D 27 -14.54 -16.33 -34.81
C LEU D 27 -14.06 -16.75 -36.19
N GLU D 28 -14.01 -15.82 -37.13
CA GLU D 28 -13.71 -16.18 -38.50
C GLU D 28 -12.50 -15.41 -38.93
N PHE D 29 -11.46 -16.11 -39.33
CA PHE D 29 -10.17 -15.46 -39.58
C PHE D 29 -9.96 -15.28 -41.05
N CYS D 30 -9.15 -14.31 -41.42
CA CYS D 30 -8.85 -14.07 -42.82
C CYS D 30 -7.55 -14.78 -43.18
N GLU D 31 -7.08 -14.54 -44.41
CA GLU D 31 -5.77 -15.03 -44.83
C GLU D 31 -4.71 -13.98 -44.54
N GLY D 32 -3.48 -14.41 -44.30
CA GLY D 32 -2.41 -13.50 -43.93
C GLY D 32 -2.32 -13.18 -42.44
N VAL D 33 -1.80 -12.01 -42.11
CA VAL D 33 -1.58 -11.67 -40.72
C VAL D 33 -2.86 -11.37 -39.99
N ASN D 34 -3.20 -12.19 -39.00
CA ASN D 34 -4.25 -11.83 -38.05
C ASN D 34 -3.67 -11.20 -36.80
N LEU D 35 -3.62 -9.88 -36.80
CA LEU D 35 -3.14 -9.12 -35.68
C LEU D 35 -4.09 -9.16 -34.51
N ILE D 36 -4.11 -10.26 -33.76
CA ILE D 36 -4.87 -10.26 -32.51
C ILE D 36 -4.15 -9.30 -31.57
N TYR D 37 -4.88 -8.53 -30.78
CA TYR D 37 -4.21 -7.59 -29.86
C TYR D 37 -5.07 -7.06 -28.73
N GLY D 38 -4.41 -6.30 -27.84
CA GLY D 38 -5.02 -5.80 -26.62
C GLY D 38 -4.02 -5.61 -25.50
N LEU D 39 -4.36 -6.10 -24.31
CA LEU D 39 -3.53 -5.98 -23.10
C LEU D 39 -3.44 -7.36 -22.43
N ASN D 40 -3.11 -7.40 -21.14
CA ASN D 40 -3.01 -8.65 -20.38
C ASN D 40 -4.36 -9.14 -19.83
N ALA D 41 -5.32 -8.23 -19.78
CA ALA D 41 -6.71 -8.59 -19.54
C ALA D 41 -7.34 -8.83 -20.89
N GLN D 42 -6.99 -9.96 -21.49
CA GLN D 42 -7.44 -10.29 -22.84
C GLN D 42 -7.76 -11.76 -23.01
N GLY D 43 -6.77 -12.54 -23.45
CA GLY D 43 -6.99 -13.93 -23.78
C GLY D 43 -6.16 -14.30 -24.99
N LYS D 44 -5.44 -13.33 -25.54
CA LYS D 44 -4.58 -13.53 -26.71
C LYS D 44 -3.89 -14.91 -26.76
N SER D 45 -3.15 -15.24 -25.70
CA SER D 45 -2.43 -16.51 -25.62
C SER D 45 -3.40 -17.65 -25.35
N ASN D 46 -4.41 -17.41 -24.51
CA ASN D 46 -5.49 -18.36 -24.33
C ASN D 46 -6.18 -18.70 -25.64
N LEU D 47 -6.13 -17.77 -26.59
CA LEU D 47 -6.70 -18.04 -27.90
C LEU D 47 -5.76 -18.92 -28.68
N LEU D 48 -4.53 -18.45 -28.85
CA LEU D 48 -3.48 -19.22 -29.54
C LEU D 48 -3.41 -20.62 -28.95
N GLU D 49 -3.66 -20.72 -27.65
CA GLU D 49 -3.72 -22.01 -26.99
C GLU D 49 -4.82 -22.85 -27.60
N ALA D 50 -6.02 -22.30 -27.68
CA ALA D 50 -7.16 -23.00 -28.33
C ALA D 50 -6.84 -23.44 -29.77
N ILE D 51 -6.50 -22.47 -30.64
CA ILE D 51 -6.00 -22.78 -31.98
C ILE D 51 -5.01 -23.93 -32.10
N ARG D 52 -3.93 -23.85 -31.35
CA ARG D 52 -2.95 -24.93 -31.32
C ARG D 52 -3.48 -26.24 -30.71
N LEU D 53 -4.38 -26.18 -29.74
CA LEU D 53 -4.92 -27.41 -29.16
C LEU D 53 -5.36 -28.42 -30.24
N LEU D 54 -6.00 -27.90 -31.30
CA LEU D 54 -6.52 -28.67 -32.46
C LEU D 54 -5.44 -29.33 -33.26
N SER D 55 -4.30 -28.64 -33.24
CA SER D 55 -3.05 -29.04 -33.89
C SER D 55 -2.39 -30.23 -33.17
N MET D 56 -2.60 -30.35 -31.85
CA MET D 56 -1.85 -31.34 -31.07
C MET D 56 -2.41 -31.95 -29.79
N GLY D 57 -3.68 -31.77 -29.47
CA GLY D 57 -4.24 -32.48 -28.33
C GLY D 57 -3.78 -31.99 -26.96
N ARG D 58 -3.04 -30.87 -26.92
CA ARG D 58 -2.36 -30.40 -25.70
C ARG D 58 -2.14 -28.90 -25.55
N SER D 59 -1.93 -28.47 -24.32
CA SER D 59 -1.55 -27.08 -24.09
C SER D 59 -0.07 -26.89 -24.43
N PHE D 60 0.26 -25.82 -25.14
CA PHE D 60 1.65 -25.58 -25.50
C PHE D 60 2.37 -24.91 -24.34
N ARG D 61 1.57 -24.53 -23.36
CA ARG D 61 2.07 -24.00 -22.10
C ARG D 61 1.95 -25.12 -21.07
N GLY D 62 2.00 -26.35 -21.56
CA GLY D 62 2.15 -27.53 -20.73
C GLY D 62 1.01 -27.95 -19.83
N SER D 63 0.00 -27.08 -19.71
CA SER D 63 -1.02 -27.20 -18.66
C SER D 63 -1.78 -28.50 -18.68
N LYS D 64 -2.37 -28.85 -17.55
CA LYS D 64 -3.18 -30.05 -17.48
C LYS D 64 -4.53 -29.72 -18.15
N MET D 65 -5.28 -30.74 -18.52
CA MET D 65 -6.57 -30.53 -19.21
C MET D 65 -7.55 -29.88 -18.26
N SER D 66 -7.62 -30.42 -17.03
CA SER D 66 -8.23 -29.75 -15.87
C SER D 66 -8.17 -28.22 -15.96
N GLU D 67 -6.94 -27.70 -16.02
CA GLU D 67 -6.70 -26.26 -16.01
C GLU D 67 -7.36 -25.48 -17.16
N LEU D 68 -7.91 -26.18 -18.13
CA LEU D 68 -8.38 -25.52 -19.33
C LEU D 68 -9.85 -25.09 -19.23
N VAL D 69 -10.66 -26.00 -18.68
CA VAL D 69 -12.03 -25.71 -18.32
C VAL D 69 -12.11 -24.35 -17.64
N LYS D 70 -12.86 -23.42 -18.23
CA LYS D 70 -13.12 -22.13 -17.62
C LYS D 70 -13.59 -22.33 -16.18
N PHE D 71 -13.25 -21.38 -15.30
CA PHE D 71 -13.45 -21.50 -13.86
C PHE D 71 -14.83 -21.96 -13.43
N ASP D 72 -14.84 -23.10 -12.73
CA ASP D 72 -16.04 -23.71 -12.18
C ASP D 72 -17.09 -24.10 -13.24
N GLU D 73 -16.63 -24.34 -14.47
CA GLU D 73 -17.45 -24.96 -15.51
C GLU D 73 -17.19 -26.47 -15.52
N GLU D 74 -17.96 -27.23 -16.29
CA GLU D 74 -17.84 -28.68 -16.25
C GLU D 74 -17.35 -29.32 -17.55
N TYR D 75 -16.82 -28.51 -18.45
CA TYR D 75 -16.44 -28.94 -19.80
C TYR D 75 -15.89 -27.79 -20.63
N PHE D 76 -15.09 -28.12 -21.63
CA PHE D 76 -14.82 -27.15 -22.69
C PHE D 76 -14.85 -27.87 -24.04
N TYR D 77 -15.19 -27.12 -25.09
CA TYR D 77 -15.32 -27.64 -26.45
C TYR D 77 -14.72 -26.63 -27.42
N VAL D 78 -13.86 -27.12 -28.32
CA VAL D 78 -13.32 -26.27 -29.38
C VAL D 78 -13.45 -26.93 -30.72
N ARG D 79 -14.00 -26.19 -31.68
CA ARG D 79 -14.16 -26.67 -33.05
C ARG D 79 -13.54 -25.71 -34.05
N GLY D 80 -12.72 -26.25 -34.95
CA GLY D 80 -12.11 -25.44 -35.98
C GLY D 80 -12.45 -26.02 -37.35
N LEU D 81 -12.42 -25.16 -38.36
CA LEU D 81 -12.57 -25.61 -39.72
C LEU D 81 -11.33 -25.15 -40.49
N VAL D 82 -10.64 -26.08 -41.15
CA VAL D 82 -9.43 -25.74 -41.92
C VAL D 82 -9.42 -26.29 -43.34
N ARG D 83 -8.77 -25.57 -44.27
CA ARG D 83 -8.38 -26.19 -45.54
C ARG D 83 -7.01 -26.82 -45.37
N SER D 84 -6.79 -27.94 -46.03
CA SER D 84 -5.50 -28.61 -46.04
C SER D 84 -5.06 -28.59 -47.50
N ALA D 85 -4.05 -29.38 -47.85
CA ALA D 85 -3.69 -29.49 -49.26
C ALA D 85 -4.66 -30.43 -49.98
N ASP D 86 -5.45 -31.15 -49.21
CA ASP D 86 -6.46 -31.87 -49.90
C ASP D 86 -7.73 -32.08 -49.04
N PHE D 87 -8.12 -31.00 -48.37
CA PHE D 87 -9.45 -30.81 -47.80
C PHE D 87 -9.93 -29.39 -48.04
N TYR D 88 -11.14 -29.25 -48.57
CA TYR D 88 -11.80 -27.98 -48.75
C TYR D 88 -12.20 -27.42 -47.40
N GLU D 89 -12.77 -28.25 -46.53
CA GLU D 89 -13.08 -27.77 -45.19
C GLU D 89 -13.32 -28.90 -44.22
N LYS D 90 -12.30 -29.12 -43.38
CA LYS D 90 -12.21 -30.19 -42.37
C LYS D 90 -12.66 -29.71 -41.02
N LYS D 91 -13.47 -30.51 -40.34
CA LYS D 91 -14.01 -30.11 -39.05
C LYS D 91 -13.21 -30.82 -37.95
N ILE D 92 -12.64 -30.05 -37.04
CA ILE D 92 -11.92 -30.65 -35.93
C ILE D 92 -12.54 -30.23 -34.61
N GLU D 93 -12.88 -31.22 -33.80
CA GLU D 93 -13.51 -30.97 -32.52
C GLU D 93 -12.67 -31.55 -31.40
N PHE D 94 -12.44 -30.73 -30.38
CA PHE D 94 -11.78 -31.17 -29.16
C PHE D 94 -12.73 -30.95 -28.00
N GLY D 95 -13.03 -32.00 -27.27
CA GLY D 95 -13.92 -31.87 -26.12
C GLY D 95 -13.45 -32.59 -24.87
N TYR D 96 -13.42 -31.86 -23.76
CA TYR D 96 -13.08 -32.44 -22.47
C TYR D 96 -14.16 -32.16 -21.40
N LYS D 97 -14.58 -33.20 -20.68
CA LYS D 97 -15.44 -33.03 -19.52
C LYS D 97 -14.61 -33.37 -18.27
N VAL D 98 -14.85 -32.67 -17.15
CA VAL D 98 -13.97 -32.77 -15.97
C VAL D 98 -13.88 -34.16 -15.35
N ASN D 99 -14.71 -35.09 -15.80
CA ASN D 99 -14.59 -36.49 -15.37
C ASN D 99 -13.18 -36.99 -15.67
N GLY D 100 -12.67 -36.61 -16.83
CA GLY D 100 -11.34 -37.00 -17.26
C GLY D 100 -11.42 -37.88 -18.49
N ASN D 101 -12.04 -37.36 -19.54
CA ASN D 101 -12.18 -38.09 -20.80
C ASN D 101 -11.92 -37.19 -21.98
N LYS D 102 -10.69 -37.20 -22.47
CA LYS D 102 -10.35 -36.48 -23.69
C LYS D 102 -11.12 -37.10 -24.87
N VAL D 103 -11.86 -36.26 -25.60
CA VAL D 103 -12.64 -36.73 -26.75
C VAL D 103 -12.41 -35.86 -27.98
N ILE D 104 -11.91 -36.47 -29.05
CA ILE D 104 -11.60 -35.74 -30.29
C ILE D 104 -12.32 -36.27 -31.54
N LYS D 105 -12.83 -35.35 -32.37
CA LYS D 105 -13.42 -35.74 -33.64
C LYS D 105 -12.67 -35.10 -34.82
N VAL D 106 -12.51 -35.88 -35.89
CA VAL D 106 -12.15 -35.33 -37.18
C VAL D 106 -13.20 -35.75 -38.24
N ASN D 107 -13.85 -34.76 -38.84
CA ASN D 107 -14.95 -34.98 -39.78
C ASN D 107 -15.99 -35.84 -39.11
N GLY D 108 -16.14 -35.63 -37.81
CA GLY D 108 -17.21 -36.26 -37.05
C GLY D 108 -16.86 -37.69 -36.72
N ASN D 109 -15.64 -38.06 -37.06
CA ASN D 109 -15.11 -39.35 -36.68
C ASN D 109 -14.32 -39.26 -35.36
N LYS D 110 -14.72 -40.05 -34.35
CA LYS D 110 -14.08 -40.02 -33.03
C LYS D 110 -12.76 -40.80 -32.98
N LEU D 111 -11.65 -40.10 -32.80
CA LEU D 111 -10.34 -40.77 -32.75
C LEU D 111 -10.20 -41.69 -31.53
N LYS D 112 -9.59 -42.85 -31.73
CA LYS D 112 -9.37 -43.83 -30.66
C LYS D 112 -8.17 -43.46 -29.76
N SER D 113 -7.03 -43.11 -30.35
CA SER D 113 -5.92 -42.55 -29.60
C SER D 113 -6.16 -41.05 -29.55
N THR D 114 -5.22 -40.29 -29.00
CA THR D 114 -5.43 -38.87 -28.72
C THR D 114 -4.33 -38.21 -29.50
N GLY D 115 -3.49 -39.06 -30.05
CA GLY D 115 -2.33 -38.58 -30.78
C GLY D 115 -2.64 -38.82 -32.22
N GLU D 116 -3.84 -39.33 -32.46
CA GLU D 116 -4.28 -39.45 -33.83
C GLU D 116 -4.59 -38.06 -34.39
N ILE D 117 -4.76 -37.08 -33.51
CA ILE D 117 -5.22 -35.77 -33.94
C ILE D 117 -4.15 -35.01 -34.68
N LEU D 118 -2.91 -35.45 -34.57
CA LEU D 118 -1.90 -34.58 -35.15
C LEU D 118 -1.49 -35.10 -36.52
N GLY D 119 -1.19 -34.13 -37.39
CA GLY D 119 -1.06 -34.34 -38.81
C GLY D 119 -2.09 -33.45 -39.45
N HIS D 120 -3.28 -33.43 -38.87
CA HIS D 120 -4.47 -32.87 -39.53
C HIS D 120 -4.50 -31.35 -39.70
N PHE D 121 -4.33 -30.63 -38.61
CA PHE D 121 -4.14 -29.17 -38.66
C PHE D 121 -2.67 -28.81 -38.29
N LEU D 122 -1.83 -28.52 -39.28
CA LEU D 122 -0.42 -28.20 -38.98
C LEU D 122 -0.20 -26.77 -38.47
N THR D 123 0.22 -26.65 -37.22
CA THR D 123 0.65 -25.35 -36.72
C THR D 123 2.13 -25.39 -36.33
N VAL D 124 2.76 -24.22 -36.28
CA VAL D 124 4.11 -24.04 -35.72
C VAL D 124 4.08 -22.76 -34.87
N ILE D 125 4.10 -22.92 -33.55
CA ILE D 125 3.97 -21.75 -32.68
C ILE D 125 5.31 -21.17 -32.17
N PHE D 126 5.50 -19.87 -32.42
CA PHE D 126 6.65 -19.10 -31.95
C PHE D 126 6.33 -18.48 -30.60
N SER D 127 7.06 -18.86 -29.55
CA SER D 127 6.76 -18.39 -28.20
C SER D 127 8.00 -17.92 -27.44
N PRO D 128 7.77 -17.12 -26.38
CA PRO D 128 8.88 -16.83 -25.47
C PRO D 128 9.33 -18.10 -24.75
N GLU D 129 8.37 -18.96 -24.39
CA GLU D 129 8.69 -20.19 -23.66
C GLU D 129 9.53 -21.18 -24.49
N ASP D 130 9.87 -20.80 -25.72
CA ASP D 130 10.71 -21.64 -26.60
C ASP D 130 12.14 -21.77 -26.07
N ILE D 131 12.50 -20.82 -25.22
CA ILE D 131 13.81 -20.75 -24.62
C ILE D 131 14.03 -22.00 -23.77
N GLU D 132 12.97 -22.53 -23.17
CA GLU D 132 13.08 -23.65 -22.26
C GLU D 132 13.60 -24.93 -22.92
N ILE D 133 13.69 -24.93 -24.25
CA ILE D 133 14.19 -26.12 -24.94
C ILE D 133 15.70 -26.05 -25.00
N ILE D 134 16.23 -24.83 -25.07
CA ILE D 134 17.66 -24.62 -24.90
C ILE D 134 18.11 -24.91 -23.46
N LYS D 135 17.31 -24.46 -22.50
CA LYS D 135 17.67 -24.50 -21.10
C LYS D 135 17.46 -25.81 -20.34
N GLU D 136 16.50 -26.64 -20.74
CA GLU D 136 16.05 -27.66 -19.78
C GLU D 136 16.53 -29.08 -20.04
N GLY D 137 15.95 -30.02 -19.30
CA GLY D 137 16.46 -31.37 -19.20
C GLY D 137 16.49 -32.23 -20.46
N PRO D 138 16.81 -33.52 -20.31
CA PRO D 138 16.62 -34.40 -21.46
C PRO D 138 15.15 -34.71 -21.71
N SER D 139 14.38 -34.80 -20.63
CA SER D 139 12.96 -35.04 -20.76
C SER D 139 12.35 -33.95 -21.65
N ARG D 140 12.68 -32.69 -21.41
CA ARG D 140 12.15 -31.63 -22.24
C ARG D 140 12.54 -31.81 -23.71
N ARG D 141 13.82 -31.90 -24.00
CA ARG D 141 14.28 -31.98 -25.38
C ARG D 141 13.74 -33.25 -26.04
N ARG D 142 13.57 -34.30 -25.27
CA ARG D 142 13.04 -35.53 -25.81
C ARG D 142 11.61 -35.30 -26.28
N LYS D 143 10.77 -34.81 -25.39
CA LYS D 143 9.40 -34.46 -25.71
C LYS D 143 9.31 -33.56 -26.93
N TYR D 144 10.23 -32.62 -27.07
CA TYR D 144 10.17 -31.70 -28.21
C TYR D 144 10.52 -32.42 -29.51
N LEU D 145 11.57 -33.22 -29.48
CA LEU D 145 12.00 -33.95 -30.66
C LEU D 145 10.91 -34.91 -31.11
N ASP D 146 10.31 -35.62 -30.16
CA ASP D 146 9.20 -36.52 -30.44
C ASP D 146 8.05 -35.77 -31.10
N ALA D 147 7.58 -34.74 -30.43
CA ALA D 147 6.42 -34.04 -30.96
C ALA D 147 6.70 -33.35 -32.30
N CYS D 148 7.94 -33.31 -32.75
CA CYS D 148 8.30 -32.68 -33.99
C CYS D 148 8.17 -33.66 -35.07
N ILE D 149 8.64 -34.86 -34.73
CA ILE D 149 8.85 -35.89 -35.72
C ILE D 149 7.53 -36.59 -36.02
N SER D 150 6.76 -36.88 -34.97
CA SER D 150 5.42 -37.43 -35.09
C SER D 150 4.49 -36.61 -36.00
N VAL D 151 4.43 -35.31 -35.78
CA VAL D 151 3.67 -34.42 -36.67
C VAL D 151 4.06 -34.62 -38.14
N ILE D 152 5.22 -35.20 -38.39
CA ILE D 152 5.67 -35.42 -39.76
C ILE D 152 5.62 -36.89 -40.17
N ASP D 153 5.40 -37.79 -39.22
CA ASP D 153 5.60 -39.19 -39.55
C ASP D 153 4.87 -40.13 -38.61
N LYS D 154 3.74 -40.65 -39.08
CA LYS D 154 2.89 -41.46 -38.24
C LYS D 154 3.56 -42.80 -38.00
N ASN D 155 4.44 -43.15 -38.92
CA ASN D 155 5.33 -44.30 -38.75
C ASN D 155 6.14 -44.26 -37.47
N TYR D 156 6.85 -43.14 -37.27
CA TYR D 156 7.59 -42.89 -36.03
C TYR D 156 6.63 -42.94 -34.85
N PHE D 157 5.53 -42.19 -34.96
CA PHE D 157 4.62 -42.10 -33.85
C PHE D 157 4.05 -43.47 -33.49
N PHE D 158 3.88 -44.32 -34.51
CA PHE D 158 3.35 -45.66 -34.28
C PHE D 158 4.37 -46.45 -33.45
N ASP D 159 5.61 -46.44 -33.93
CA ASP D 159 6.73 -47.06 -33.23
C ASP D 159 6.83 -46.59 -31.78
N LEU D 160 6.74 -45.27 -31.61
CA LEU D 160 6.85 -44.66 -30.31
C LEU D 160 5.83 -45.17 -29.34
N LEU D 161 4.59 -45.26 -29.80
CA LEU D 161 3.48 -45.68 -28.97
C LEU D 161 3.72 -47.10 -28.53
N GLN D 162 4.08 -47.92 -29.50
CA GLN D 162 4.33 -49.33 -29.27
C GLN D 162 5.50 -49.51 -28.32
N TYR D 163 6.53 -48.69 -28.51
CA TYR D 163 7.70 -48.71 -27.65
C TYR D 163 7.37 -48.41 -26.19
N ASN D 164 6.62 -47.35 -25.92
CA ASN D 164 6.42 -46.99 -24.53
C ASN D 164 5.51 -47.97 -23.84
N LYS D 165 4.53 -48.49 -24.58
CA LYS D 165 3.60 -49.47 -24.05
C LYS D 165 4.33 -50.78 -23.75
N THR D 166 5.23 -51.18 -24.66
CA THR D 166 6.13 -52.29 -24.43
C THR D 166 6.95 -52.08 -23.17
N LEU D 167 7.53 -50.87 -23.09
CA LEU D 167 8.37 -50.42 -21.99
C LEU D 167 7.65 -50.52 -20.65
N SER D 168 6.42 -50.02 -20.59
CA SER D 168 5.66 -50.09 -19.35
C SER D 168 5.42 -51.54 -18.99
N ASN D 169 5.25 -52.36 -20.01
CA ASN D 169 4.98 -53.78 -19.82
C ASN D 169 6.26 -54.54 -19.44
N ARG D 170 7.42 -54.02 -19.86
CA ARG D 170 8.70 -54.60 -19.43
C ARG D 170 8.97 -54.24 -17.97
N ASN D 171 8.68 -53.00 -17.58
CA ASN D 171 8.91 -52.54 -16.21
C ASN D 171 8.06 -53.28 -15.18
N SER D 172 6.96 -53.89 -15.64
CA SER D 172 6.10 -54.65 -14.76
C SER D 172 6.58 -56.09 -14.67
N LEU D 173 7.27 -56.54 -15.73
CA LEU D 173 8.00 -57.81 -15.69
C LEU D 173 9.25 -57.69 -14.82
N LEU D 174 9.56 -56.48 -14.38
CA LEU D 174 10.67 -56.29 -13.46
C LEU D 174 10.14 -56.40 -12.03
N LYS D 175 8.81 -56.52 -11.91
CA LYS D 175 8.27 -57.24 -10.77
C LYS D 175 8.44 -58.70 -11.12
N LYS D 176 7.79 -59.61 -10.40
CA LYS D 176 8.24 -61.00 -10.41
C LYS D 176 9.73 -61.00 -10.08
N ILE D 177 10.07 -60.14 -9.11
CA ILE D 177 11.30 -60.26 -8.34
C ILE D 177 10.97 -61.21 -7.19
N LYS D 178 9.84 -61.91 -7.35
CA LYS D 178 9.35 -62.94 -6.45
C LYS D 178 9.81 -64.33 -6.90
N GLY D 183 10.84 -66.39 -12.84
CA GLY D 183 9.78 -66.04 -13.76
C GLY D 183 10.21 -65.01 -14.78
N GLU D 184 11.28 -65.30 -15.51
CA GLU D 184 11.83 -64.37 -16.49
C GLU D 184 12.21 -65.03 -17.81
N ASP D 185 11.38 -65.96 -18.27
CA ASP D 185 11.44 -66.44 -19.64
C ASP D 185 10.65 -65.46 -20.50
N LEU D 186 10.06 -64.47 -19.82
CA LEU D 186 9.16 -63.49 -20.42
C LEU D 186 9.91 -62.30 -21.05
N LEU D 187 10.98 -61.85 -20.40
CA LEU D 187 11.85 -60.80 -20.94
C LEU D 187 12.41 -61.16 -22.31
N GLU D 188 12.39 -62.45 -22.61
CA GLU D 188 13.02 -63.00 -23.81
C GLU D 188 12.72 -62.23 -25.10
N ILE D 189 11.60 -61.53 -25.15
CA ILE D 189 11.21 -60.87 -26.40
C ILE D 189 10.54 -59.50 -26.21
N PHE D 190 10.16 -59.18 -24.97
CA PHE D 190 9.99 -57.77 -24.61
C PHE D 190 11.28 -57.04 -24.91
N ASP D 191 12.39 -57.66 -24.55
CA ASP D 191 13.70 -57.09 -24.81
C ASP D 191 13.98 -57.11 -26.29
N GLU D 192 13.48 -58.12 -27.00
CA GLU D 192 13.70 -58.15 -28.44
C GLU D 192 12.94 -57.03 -29.08
N LYS D 193 11.78 -56.73 -28.50
CA LYS D 193 10.83 -55.79 -29.09
C LYS D 193 11.25 -54.35 -28.82
N LEU D 194 11.77 -54.13 -27.60
CA LEU D 194 12.37 -52.86 -27.22
C LEU D 194 13.53 -52.53 -28.13
N ALA D 195 14.34 -53.54 -28.41
CA ALA D 195 15.52 -53.38 -29.25
C ALA D 195 15.18 -53.03 -30.68
N GLU D 196 14.12 -53.66 -31.18
CA GLU D 196 13.70 -53.54 -32.59
C GLU D 196 12.96 -52.23 -32.83
N TYR D 197 12.09 -51.88 -31.89
CA TYR D 197 11.42 -50.58 -31.91
C TYR D 197 12.40 -49.43 -31.70
N GLY D 198 13.21 -49.53 -30.63
CA GLY D 198 14.24 -48.55 -30.38
C GLY D 198 15.14 -48.35 -31.57
N ALA D 199 15.50 -49.43 -32.24
CA ALA D 199 16.40 -49.31 -33.38
C ALA D 199 15.76 -48.46 -34.48
N ARG D 200 14.44 -48.53 -34.57
CA ARG D 200 13.69 -47.72 -35.53
C ARG D 200 13.49 -46.29 -35.04
N ILE D 201 13.02 -46.15 -33.79
CA ILE D 201 13.00 -44.84 -33.14
C ILE D 201 14.35 -44.09 -33.29
N ILE D 202 15.45 -44.75 -32.92
CA ILE D 202 16.78 -44.17 -33.04
C ILE D 202 17.13 -43.76 -34.48
N LYS D 203 16.90 -44.64 -35.47
CA LYS D 203 17.44 -44.40 -36.82
C LYS D 203 16.82 -43.14 -37.40
N VAL D 204 15.58 -42.86 -36.97
CA VAL D 204 14.80 -41.70 -37.43
C VAL D 204 15.09 -40.40 -36.65
N ARG D 205 15.23 -40.52 -35.32
CA ARG D 205 15.70 -39.39 -34.51
C ARG D 205 17.03 -38.85 -35.06
N ASN D 206 17.88 -39.73 -35.56
CA ASN D 206 19.12 -39.27 -36.14
C ASN D 206 18.81 -38.54 -37.44
N ASN D 207 17.89 -39.11 -38.20
CA ASN D 207 17.54 -38.54 -39.50
C ASN D 207 17.03 -37.11 -39.35
N TYR D 208 16.19 -36.91 -38.33
CA TYR D 208 15.68 -35.58 -38.05
C TYR D 208 16.81 -34.64 -37.65
N LEU D 209 17.60 -35.09 -36.69
CA LEU D 209 18.66 -34.27 -36.14
C LEU D 209 19.72 -33.86 -37.16
N GLU D 210 20.03 -34.70 -38.14
CA GLU D 210 20.95 -34.22 -39.19
C GLU D 210 20.30 -33.03 -39.89
N LYS D 211 19.01 -33.13 -40.17
CA LYS D 211 18.32 -32.06 -40.91
C LYS D 211 18.26 -30.79 -40.04
N LEU D 212 17.97 -30.99 -38.76
CA LEU D 212 17.93 -29.90 -37.81
C LEU D 212 19.29 -29.23 -37.77
N LYS D 213 20.34 -30.04 -37.77
CA LYS D 213 21.69 -29.50 -37.66
C LYS D 213 22.02 -28.74 -38.93
N ASN D 214 21.67 -29.31 -40.08
CA ASN D 214 21.93 -28.65 -41.34
C ASN D 214 21.18 -27.32 -41.42
N SER D 215 19.98 -27.31 -40.87
CA SER D 215 19.12 -26.16 -41.05
C SER D 215 19.54 -25.03 -40.08
N MET D 216 19.64 -25.35 -38.79
CA MET D 216 20.03 -24.37 -37.78
C MET D 216 21.36 -23.69 -38.09
N SER D 217 22.32 -24.45 -38.58
CA SER D 217 23.63 -23.90 -38.93
CA SER D 217 23.62 -23.90 -38.92
C SER D 217 23.50 -22.77 -39.95
N LYS D 218 22.61 -22.94 -40.91
CA LYS D 218 22.41 -21.90 -41.90
C LYS D 218 21.85 -20.66 -41.19
N PHE D 219 20.85 -20.87 -40.34
CA PHE D 219 20.17 -19.77 -39.68
C PHE D 219 21.08 -19.02 -38.73
N LEU D 220 21.76 -19.79 -37.87
CA LEU D 220 22.69 -19.25 -36.88
C LEU D 220 23.81 -18.49 -37.55
N MET D 221 24.33 -19.03 -38.65
CA MET D 221 25.46 -18.42 -39.34
C MET D 221 25.07 -17.10 -39.98
N GLU D 222 23.79 -16.95 -40.30
CA GLU D 222 23.32 -15.72 -40.93
C GLU D 222 22.84 -14.69 -39.91
N ILE D 223 22.21 -15.15 -38.82
CA ILE D 223 21.75 -14.25 -37.78
C ILE D 223 22.87 -13.66 -36.91
N SER D 224 23.88 -14.47 -36.54
CA SER D 224 24.99 -13.93 -35.73
C SER D 224 26.35 -14.65 -35.86
N ASN D 225 26.68 -15.12 -37.06
CA ASN D 225 28.00 -15.71 -37.37
C ASN D 225 28.56 -16.70 -36.33
N GLU D 226 27.72 -17.61 -35.85
CA GLU D 226 28.18 -18.64 -34.91
C GLU D 226 28.16 -20.03 -35.55
N LYS D 227 29.06 -20.90 -35.08
CA LYS D 227 29.06 -22.29 -35.53
C LYS D 227 28.16 -23.13 -34.65
N LEU D 228 27.26 -23.88 -35.30
CA LEU D 228 26.25 -24.69 -34.63
C LEU D 228 26.62 -26.16 -34.77
N GLU D 229 26.37 -26.96 -33.73
CA GLU D 229 26.63 -28.39 -33.84
C GLU D 229 25.75 -29.19 -32.88
N ILE D 230 25.32 -30.37 -33.32
CA ILE D 230 24.33 -31.12 -32.57
C ILE D 230 24.92 -32.49 -32.28
N ILE D 231 24.61 -33.06 -31.12
CA ILE D 231 25.20 -34.35 -30.73
C ILE D 231 24.11 -35.34 -30.43
N TYR D 232 23.82 -36.30 -31.30
CA TYR D 232 22.70 -37.14 -30.94
C TYR D 232 23.30 -38.21 -30.01
N LEU D 233 23.20 -37.87 -28.73
CA LEU D 233 23.56 -38.72 -27.61
C LEU D 233 22.67 -39.94 -27.41
N ASN D 234 22.75 -40.91 -28.32
CA ASN D 234 21.75 -41.99 -28.32
C ASN D 234 22.03 -43.07 -27.32
N SER D 235 21.08 -44.00 -27.18
CA SER D 235 21.18 -44.99 -26.11
C SER D 235 21.85 -46.25 -26.61
N ALA D 236 22.21 -46.25 -27.89
CA ALA D 236 22.91 -47.38 -28.45
C ALA D 236 24.40 -47.17 -28.51
N GLY D 237 24.81 -45.93 -28.22
CA GLY D 237 26.20 -45.58 -28.36
C GLY D 237 27.17 -45.44 -29.51
N VAL D 238 26.77 -44.80 -30.60
CA VAL D 238 27.23 -45.01 -31.98
C VAL D 238 27.83 -43.79 -32.70
N LYS D 239 28.85 -44.11 -33.50
CA LYS D 239 29.75 -43.17 -34.19
C LYS D 239 29.29 -42.02 -35.09
N GLU D 240 28.65 -42.42 -36.17
CA GLU D 240 27.45 -41.96 -36.85
C GLU D 240 26.66 -43.26 -37.05
N VAL D 241 25.34 -43.19 -37.07
CA VAL D 241 24.53 -44.42 -37.09
C VAL D 241 24.98 -45.41 -38.17
N HIS D 242 24.57 -46.66 -38.01
CA HIS D 242 24.72 -47.64 -39.07
C HIS D 242 23.33 -47.96 -39.58
N GLU D 243 23.14 -49.18 -40.09
CA GLU D 243 21.81 -49.64 -40.41
C GLU D 243 21.19 -50.26 -39.16
N GLU D 244 19.86 -50.30 -39.15
CA GLU D 244 19.04 -50.67 -38.00
C GLU D 244 19.47 -51.90 -37.16
N ASN D 245 19.93 -52.98 -37.80
CA ASN D 245 20.16 -54.21 -37.03
C ASN D 245 21.49 -54.16 -36.33
N LEU D 246 22.42 -53.42 -36.90
CA LEU D 246 23.67 -53.10 -36.22
C LEU D 246 23.34 -52.35 -34.92
N ILE D 247 22.26 -51.58 -34.96
CA ILE D 247 21.80 -50.81 -33.81
C ILE D 247 20.88 -51.61 -32.88
N ARG D 248 20.10 -52.56 -33.41
CA ARG D 248 19.18 -53.29 -32.54
C ARG D 248 19.94 -54.37 -31.79
N GLU D 249 21.00 -54.90 -32.38
CA GLU D 249 21.81 -55.90 -31.69
C GLU D 249 22.39 -55.22 -30.48
N LYS D 250 22.90 -54.02 -30.68
CA LYS D 250 23.51 -53.27 -29.59
C LYS D 250 22.51 -53.05 -28.48
N LEU D 251 21.32 -52.57 -28.81
CA LEU D 251 20.28 -52.34 -27.79
C LEU D 251 19.87 -53.66 -27.15
N LYS D 252 20.02 -54.75 -27.90
CA LYS D 252 19.66 -56.05 -27.37
C LYS D 252 20.66 -56.42 -26.28
N ASN D 253 21.95 -56.35 -26.62
CA ASN D 253 23.05 -56.64 -25.70
C ASN D 253 23.05 -55.77 -24.44
N ARG D 254 22.97 -54.45 -24.63
CA ARG D 254 22.85 -53.51 -23.53
C ARG D 254 21.67 -53.82 -22.61
N LEU D 255 20.69 -54.54 -23.13
CA LEU D 255 19.47 -54.82 -22.39
C LEU D 255 19.58 -56.06 -21.54
N THR D 256 20.49 -56.94 -21.92
CA THR D 256 20.84 -58.12 -21.12
C THR D 256 21.71 -57.66 -19.95
N LYS D 257 22.68 -56.82 -20.24
CA LYS D 257 23.59 -56.28 -19.23
C LYS D 257 22.84 -55.39 -18.24
N SER D 258 21.91 -54.58 -18.77
CA SER D 258 21.11 -53.69 -17.94
C SER D 258 20.42 -54.45 -16.81
N LEU D 259 20.03 -55.69 -17.12
CA LEU D 259 19.14 -56.50 -16.30
C LEU D 259 19.36 -56.41 -14.80
N THR D 260 20.61 -56.59 -14.38
CA THR D 260 20.96 -56.64 -12.96
C THR D 260 20.53 -55.39 -12.21
N LEU D 261 20.79 -54.23 -12.79
CA LEU D 261 20.45 -52.96 -12.16
C LEU D 261 19.01 -52.59 -12.44
N ASP D 262 18.43 -53.27 -13.43
CA ASP D 262 17.07 -52.99 -13.86
C ASP D 262 16.04 -53.61 -12.92
N LEU D 263 16.43 -54.68 -12.23
CA LEU D 263 15.53 -55.32 -11.28
C LEU D 263 15.93 -55.06 -9.82
N LYS D 264 16.63 -53.96 -9.58
CA LYS D 264 16.93 -53.54 -8.23
C LYS D 264 16.57 -52.07 -8.07
N TYR D 265 16.69 -51.31 -9.16
CA TYR D 265 16.32 -49.91 -9.15
C TYR D 265 14.96 -49.71 -9.85
N LEU D 266 14.17 -50.78 -9.86
CA LEU D 266 12.74 -50.74 -10.21
C LEU D 266 12.39 -50.49 -11.69
N SER D 267 13.37 -50.19 -12.54
CA SER D 267 13.08 -49.68 -13.87
C SER D 267 14.00 -50.14 -15.00
N THR D 268 13.65 -49.77 -16.23
CA THR D 268 14.46 -50.13 -17.39
C THR D 268 15.51 -49.06 -17.63
N GLN D 269 16.78 -49.44 -17.70
CA GLN D 269 17.83 -48.44 -17.71
C GLN D 269 18.21 -47.97 -19.11
N VAL D 270 18.32 -48.90 -20.05
CA VAL D 270 18.72 -48.56 -21.41
C VAL D 270 17.52 -48.25 -22.31
N GLY D 271 17.73 -47.46 -23.36
CA GLY D 271 16.68 -47.15 -24.29
C GLY D 271 16.56 -45.70 -24.73
N PRO D 272 15.84 -45.47 -25.84
CA PRO D 272 15.46 -44.15 -26.37
C PRO D 272 14.71 -43.25 -25.38
N HIS D 273 14.11 -43.85 -24.35
CA HIS D 273 13.35 -43.07 -23.39
C HIS D 273 14.25 -42.35 -22.41
N ARG D 274 15.55 -42.57 -22.58
CA ARG D 274 16.60 -42.03 -21.73
C ARG D 274 17.70 -41.45 -22.61
N GLU D 275 17.37 -40.63 -23.59
CA GLU D 275 18.37 -40.09 -24.49
C GLU D 275 18.27 -38.57 -24.48
N ASP D 276 19.02 -37.95 -25.39
CA ASP D 276 19.08 -36.51 -25.46
C ASP D 276 19.96 -36.10 -26.64
N PHE D 277 19.84 -34.85 -27.05
CA PHE D 277 20.78 -34.28 -27.98
C PHE D 277 21.24 -32.94 -27.42
N LYS D 278 22.55 -32.69 -27.47
CA LYS D 278 23.08 -31.44 -26.96
C LYS D 278 23.20 -30.43 -28.08
N ILE D 279 22.82 -29.18 -27.81
CA ILE D 279 23.03 -28.12 -28.78
C ILE D 279 24.29 -27.33 -28.46
N LEU D 280 25.26 -27.35 -29.37
CA LEU D 280 26.54 -26.67 -29.15
C LEU D 280 26.75 -25.45 -30.02
N ILE D 281 26.95 -24.31 -29.38
CA ILE D 281 27.33 -23.11 -30.12
C ILE D 281 28.80 -22.81 -29.85
N ASN D 282 29.52 -22.51 -30.93
CA ASN D 282 30.95 -22.26 -30.93
C ASN D 282 31.80 -23.37 -30.32
N GLY D 283 31.18 -24.49 -29.96
CA GLY D 283 31.93 -25.63 -29.49
C GLY D 283 31.49 -25.97 -28.09
N TYR D 284 30.66 -25.14 -27.49
CA TYR D 284 30.30 -25.38 -26.09
C TYR D 284 28.79 -25.60 -25.92
N ASP D 285 28.45 -26.50 -25.00
CA ASP D 285 27.05 -26.87 -24.75
C ASP D 285 26.27 -25.70 -24.20
N SER D 286 25.34 -25.19 -24.99
CA SER D 286 24.61 -23.97 -24.67
C SER D 286 23.59 -24.17 -23.56
N ARG D 287 23.42 -25.40 -23.12
CA ARG D 287 22.55 -25.63 -21.99
C ARG D 287 23.20 -25.04 -20.73
N VAL D 288 24.53 -24.95 -20.74
CA VAL D 288 25.30 -24.48 -19.58
C VAL D 288 26.32 -23.34 -19.86
N TYR D 289 26.68 -23.11 -21.11
CA TYR D 289 27.50 -21.95 -21.46
C TYR D 289 26.91 -21.19 -22.64
N SER D 290 26.09 -20.18 -22.37
CA SER D 290 25.63 -19.27 -23.44
C SER D 290 24.82 -18.17 -22.80
N SER D 291 24.98 -16.94 -23.32
CA SER D 291 24.28 -15.81 -22.75
C SER D 291 22.79 -15.97 -22.99
N GLN D 292 21.97 -15.20 -22.29
CA GLN D 292 20.53 -15.25 -22.55
C GLN D 292 20.27 -14.88 -24.01
N GLY D 293 20.95 -13.85 -24.50
CA GLY D 293 20.83 -13.45 -25.88
C GLY D 293 21.21 -14.54 -26.86
N GLN D 294 22.12 -15.42 -26.43
CA GLN D 294 22.54 -16.52 -27.28
C GLN D 294 21.46 -17.60 -27.26
N LYS D 295 20.86 -17.83 -26.10
CA LYS D 295 19.79 -18.79 -26.02
C LYS D 295 18.61 -18.33 -26.84
N ARG D 296 18.23 -17.05 -26.71
CA ARG D 296 17.15 -16.47 -27.49
C ARG D 296 17.37 -16.78 -28.97
N THR D 297 18.51 -16.38 -29.54
CA THR D 297 18.70 -16.67 -30.96
C THR D 297 19.07 -18.14 -31.23
N ALA D 298 19.26 -18.95 -30.20
CA ALA D 298 19.30 -20.38 -30.47
C ALA D 298 17.88 -20.87 -30.68
N ALA D 299 16.96 -20.44 -29.81
CA ALA D 299 15.55 -20.85 -29.88
C ALA D 299 14.86 -20.34 -31.14
N LEU D 300 15.17 -19.11 -31.55
CA LEU D 300 14.61 -18.61 -32.79
C LEU D 300 15.14 -19.44 -33.95
N CYS D 301 16.43 -19.72 -33.95
CA CYS D 301 17.02 -20.57 -34.98
C CYS D 301 16.44 -21.99 -34.93
N LEU D 302 16.04 -22.44 -33.75
CA LEU D 302 15.49 -23.79 -33.60
C LEU D 302 14.11 -23.88 -34.23
N LYS D 303 13.27 -22.89 -33.93
CA LYS D 303 11.90 -22.91 -34.41
C LYS D 303 11.89 -22.69 -35.90
N LEU D 304 12.62 -21.70 -36.39
CA LEU D 304 12.74 -21.45 -37.82
C LEU D 304 13.03 -22.74 -38.55
N SER D 305 13.95 -23.51 -37.96
CA SER D 305 14.42 -24.75 -38.51
C SER D 305 13.34 -25.81 -38.52
N GLU D 306 12.51 -25.89 -37.48
CA GLU D 306 11.45 -26.91 -37.46
C GLU D 306 10.41 -26.61 -38.54
N LEU D 307 10.17 -25.32 -38.78
CA LEU D 307 9.30 -24.87 -39.84
C LEU D 307 9.77 -25.39 -41.17
N GLU D 308 11.02 -25.12 -41.49
CA GLU D 308 11.58 -25.44 -42.79
C GLU D 308 11.48 -26.91 -43.08
N ILE D 309 11.43 -27.70 -42.02
CA ILE D 309 11.46 -29.15 -42.17
C ILE D 309 10.06 -29.73 -42.36
N LEU D 310 9.02 -29.08 -41.82
CA LEU D 310 7.61 -29.46 -42.11
C LEU D 310 7.24 -29.23 -43.56
N GLU D 311 7.45 -27.99 -43.99
CA GLU D 311 7.19 -27.60 -45.37
C GLU D 311 7.91 -28.52 -46.32
N GLU D 312 9.16 -28.83 -45.99
CA GLU D 312 9.96 -29.74 -46.79
C GLU D 312 9.38 -31.15 -46.78
N GLU D 313 9.25 -31.74 -45.61
CA GLU D 313 8.80 -33.11 -45.53
C GLU D 313 7.34 -33.28 -45.93
N THR D 314 6.39 -32.71 -45.18
CA THR D 314 4.97 -32.99 -45.46
C THR D 314 4.45 -32.32 -46.72
N GLY D 315 5.14 -31.29 -47.19
CA GLY D 315 4.74 -30.62 -48.42
C GLY D 315 3.61 -29.64 -48.15
N GLU D 316 3.00 -29.78 -46.99
CA GLU D 316 1.98 -28.85 -46.55
C GLU D 316 2.64 -27.52 -46.15
N LYS D 317 1.87 -26.60 -45.60
CA LYS D 317 2.38 -25.28 -45.22
C LYS D 317 1.53 -24.76 -44.07
N PRO D 318 2.11 -24.72 -42.87
CA PRO D 318 1.37 -24.60 -41.61
C PRO D 318 0.85 -23.20 -41.35
N VAL D 319 -0.08 -23.10 -40.41
CA VAL D 319 -0.41 -21.83 -39.80
C VAL D 319 0.64 -21.50 -38.75
N LEU D 320 1.12 -20.27 -38.77
CA LEU D 320 2.11 -19.79 -37.78
C LEU D 320 1.41 -19.05 -36.66
N LEU D 321 1.67 -19.48 -35.43
CA LEU D 321 1.26 -18.74 -34.24
C LEU D 321 2.48 -17.98 -33.69
N LEU D 322 2.28 -16.72 -33.29
CA LEU D 322 3.37 -15.84 -32.84
C LEU D 322 2.98 -15.12 -31.56
N ASP D 323 3.17 -15.77 -30.43
CA ASP D 323 2.80 -15.24 -29.12
C ASP D 323 3.92 -14.38 -28.51
N ASP D 324 3.65 -13.09 -28.27
CA ASP D 324 4.64 -12.15 -27.72
C ASP D 324 5.97 -12.22 -28.45
N VAL D 325 6.06 -11.63 -29.63
CA VAL D 325 7.26 -11.74 -30.45
C VAL D 325 7.51 -10.41 -31.16
N MET D 326 6.44 -9.67 -31.41
CA MET D 326 6.57 -8.37 -32.03
C MET D 326 6.92 -7.31 -30.98
N SER D 327 6.17 -7.30 -29.86
CA SER D 327 6.44 -6.37 -28.75
C SER D 327 7.86 -6.54 -28.23
N GLU D 328 8.26 -7.77 -27.96
CA GLU D 328 9.64 -8.06 -27.57
C GLU D 328 10.58 -7.90 -28.75
N LEU D 329 10.54 -6.76 -29.44
CA LEU D 329 11.41 -6.54 -30.60
C LEU D 329 11.44 -5.10 -31.12
N ASP D 330 12.21 -4.91 -32.20
CA ASP D 330 12.55 -3.60 -32.78
C ASP D 330 11.98 -3.50 -34.19
N ASP D 331 11.95 -2.31 -34.77
CA ASP D 331 11.45 -2.16 -36.15
C ASP D 331 12.57 -2.42 -37.15
N ASN D 332 12.31 -2.18 -38.45
CA ASN D 332 13.11 -2.69 -39.57
C ASN D 332 13.00 -4.21 -39.59
N ARG D 333 13.39 -4.85 -38.49
CA ARG D 333 13.12 -6.27 -38.25
C ARG D 333 11.63 -6.62 -38.44
N LYS D 334 10.73 -5.86 -37.81
CA LYS D 334 9.31 -6.15 -37.91
C LYS D 334 8.85 -6.21 -39.37
N LYS D 335 9.31 -5.26 -40.17
CA LYS D 335 8.95 -5.25 -41.57
C LYS D 335 9.66 -6.39 -42.30
N TYR D 336 10.82 -6.80 -41.81
CA TYR D 336 11.48 -7.96 -42.40
C TYR D 336 10.65 -9.20 -42.12
N ILE D 337 10.10 -9.27 -40.91
CA ILE D 337 9.23 -10.38 -40.53
C ILE D 337 7.95 -10.44 -41.39
N LEU D 338 7.12 -9.41 -41.31
CA LEU D 338 5.85 -9.40 -42.02
C LEU D 338 6.00 -9.58 -43.54
N LYS D 339 7.18 -9.27 -44.08
CA LYS D 339 7.45 -9.46 -45.50
C LYS D 339 7.92 -10.89 -45.77
N LYS D 340 8.32 -11.55 -44.69
CA LYS D 340 8.78 -12.92 -44.79
C LYS D 340 7.62 -13.84 -44.46
N LEU D 341 6.69 -13.31 -43.68
CA LEU D 341 5.47 -14.02 -43.27
C LEU D 341 4.38 -14.12 -44.35
N GLU D 342 4.74 -13.84 -45.60
CA GLU D 342 3.74 -13.42 -46.57
C GLU D 342 2.79 -14.53 -47.06
N GLY D 343 3.34 -15.70 -47.36
CA GLY D 343 2.50 -16.81 -47.83
C GLY D 343 1.56 -17.43 -46.80
N PHE D 344 1.85 -17.23 -45.52
CA PHE D 344 1.22 -18.00 -44.45
C PHE D 344 -0.01 -17.34 -43.86
N GLN D 345 -0.91 -18.13 -43.30
CA GLN D 345 -1.92 -17.56 -42.42
C GLN D 345 -1.28 -17.43 -41.07
N SER D 346 -1.19 -16.22 -40.52
CA SER D 346 -0.43 -16.00 -39.31
C SER D 346 -1.19 -15.31 -38.19
N PHE D 347 -1.25 -15.95 -37.05
CA PHE D 347 -1.76 -15.32 -35.84
C PHE D 347 -0.63 -14.63 -35.02
N ILE D 348 -0.65 -13.31 -34.95
CA ILE D 348 0.36 -12.54 -34.23
C ILE D 348 -0.22 -11.72 -33.09
N THR D 349 -0.05 -12.18 -31.85
CA THR D 349 -0.49 -11.40 -30.68
C THR D 349 0.46 -10.25 -30.37
N HIS D 350 -0.10 -9.10 -29.99
CA HIS D 350 0.67 -7.88 -29.69
C HIS D 350 -0.08 -6.98 -28.70
N THR D 351 0.48 -5.79 -28.48
CA THR D 351 0.03 -4.84 -27.46
C THR D 351 -0.60 -3.58 -28.07
N SER D 352 -0.01 -3.08 -29.17
CA SER D 352 -0.63 -2.00 -29.94
C SER D 352 -1.08 -2.47 -31.33
N LYS D 353 -1.94 -1.69 -31.99
CA LYS D 353 -2.37 -1.99 -33.35
C LYS D 353 -1.54 -1.18 -34.33
N SER D 354 -0.65 -0.36 -33.79
CA SER D 354 -0.05 0.75 -34.52
C SER D 354 1.08 0.36 -35.48
N ASP D 355 2.24 0.03 -34.93
CA ASP D 355 3.48 -0.14 -35.70
C ASP D 355 3.43 -1.32 -36.70
N VAL D 356 2.59 -2.30 -36.41
CA VAL D 356 2.60 -3.56 -37.15
C VAL D 356 1.60 -3.63 -38.32
N GLU D 357 0.38 -3.12 -38.12
CA GLU D 357 -0.72 -3.27 -39.09
C GLU D 357 -0.98 -4.74 -39.37
N GLY D 358 -0.73 -5.16 -40.60
CA GLY D 358 -0.91 -6.56 -40.95
C GLY D 358 -1.95 -6.78 -42.02
N ASP D 359 -2.92 -7.66 -41.77
CA ASP D 359 -3.95 -8.03 -42.74
C ASP D 359 -5.38 -7.99 -42.17
N CYS D 360 -5.49 -8.09 -40.85
CA CYS D 360 -6.74 -7.77 -40.14
C CYS D 360 -6.48 -7.71 -38.64
N CYS D 361 -7.41 -7.11 -37.90
CA CYS D 361 -7.21 -6.91 -36.48
C CYS D 361 -8.36 -7.42 -35.65
N PHE D 362 -8.04 -8.07 -34.55
CA PHE D 362 -9.04 -8.51 -33.60
C PHE D 362 -8.62 -7.99 -32.24
N LYS D 363 -9.22 -6.90 -31.78
CA LYS D 363 -8.88 -6.44 -30.44
C LYS D 363 -9.60 -7.37 -29.45
N ILE D 364 -8.93 -7.68 -28.34
CA ILE D 364 -9.50 -8.59 -27.35
C ILE D 364 -9.44 -7.96 -25.97
N TYR D 365 -10.56 -8.04 -25.24
CA TYR D 365 -10.66 -7.55 -23.87
C TYR D 365 -11.63 -8.39 -23.05
N ASP D 366 -11.15 -9.02 -21.98
CA ASP D 366 -12.03 -9.78 -21.07
C ASP D 366 -12.75 -10.89 -21.82
N GLY D 367 -12.01 -11.60 -22.65
CA GLY D 367 -12.57 -12.58 -23.57
C GLY D 367 -13.03 -11.72 -24.73
N ILE D 368 -14.00 -12.20 -25.50
CA ILE D 368 -14.77 -11.34 -26.38
C ILE D 368 -13.96 -10.56 -27.43
N VAL D 369 -13.43 -11.35 -28.35
CA VAL D 369 -12.65 -10.86 -29.48
C VAL D 369 -13.62 -10.25 -30.48
N ASP D 370 -13.31 -9.02 -30.91
CA ASP D 370 -14.16 -8.25 -31.83
C ASP D 370 -13.34 -7.76 -33.02
N LYS D 371 -13.84 -7.94 -34.25
CA LYS D 371 -13.00 -7.69 -35.42
C LYS D 371 -12.83 -6.20 -35.72
N LEU D 372 -11.72 -5.87 -36.39
CA LEU D 372 -11.42 -4.53 -36.91
C LEU D 372 -11.46 -3.46 -35.82
PG ATP E . 5.57 19.01 12.46
O1G ATP E . 6.95 18.53 12.09
O2G ATP E . 5.68 20.40 13.09
O3G ATP E . 4.38 18.81 11.52
PB ATP E . 5.85 18.65 14.91
O1B ATP E . 7.31 18.81 14.56
O2B ATP E . 5.00 19.81 15.38
O3B ATP E . 5.21 18.01 13.64
PA ATP E . 5.29 18.14 17.43
O1A ATP E . 6.30 19.22 17.78
O2A ATP E . 3.80 18.47 17.49
O3A ATP E . 5.61 17.53 15.98
O5' ATP E . 5.63 16.77 18.18
C5' ATP E . 6.33 15.82 17.39
C4' ATP E . 6.27 14.50 18.13
O4' ATP E . 6.22 14.78 19.52
C3' ATP E . 4.99 13.78 17.83
O3' ATP E . 5.37 12.46 17.43
C2' ATP E . 4.27 13.70 19.16
O2' ATP E . 3.54 12.47 19.24
C1' ATP E . 5.45 13.77 20.12
N9 ATP E . 5.14 14.11 21.53
C8 ATP E . 4.20 14.95 22.02
N7 ATP E . 4.22 14.98 23.38
C5 ATP E . 5.19 14.15 23.76
C6 ATP E . 5.76 13.69 25.04
N6 ATP E . 5.28 14.14 26.21
N1 ATP E . 6.76 12.81 25.00
C2 ATP E . 7.26 12.33 23.85
N3 ATP E . 6.79 12.69 22.65
C4 ATP E . 5.78 13.57 22.55
N1 IMD F . -3.10 22.46 33.38
C2 IMD F . -3.07 21.22 33.92
N3 IMD F . -2.00 21.12 34.76
C4 IMD F . -1.36 22.31 34.75
C5 IMD F . -2.04 23.14 33.87
N1 IMD G . -1.82 31.04 23.39
C2 IMD G . -2.75 31.93 23.81
N3 IMD G . -2.90 31.81 25.15
C4 IMD G . -2.08 30.84 25.60
C5 IMD G . -1.40 30.37 24.48
N1 IMD H . -1.04 28.32 38.67
C2 IMD H . -0.69 29.22 39.63
N3 IMD H . -0.47 28.55 40.78
C4 IMD H . -0.69 27.24 40.55
C5 IMD H . -1.06 27.08 39.21
N1 IMD I . -17.43 47.58 21.18
C2 IMD I . -16.49 47.56 20.19
N3 IMD I . -17.08 47.87 19.01
C4 IMD I . -18.39 48.10 19.25
C5 IMD I . -18.61 47.92 20.61
N1 IMD J . -6.51 47.26 26.66
C2 IMD J . -6.81 47.06 27.97
N3 IMD J . -5.98 47.79 28.74
C4 IMD J . -5.14 48.47 27.91
C5 IMD J . -5.47 48.13 26.60
N1 IMD K . 3.88 46.64 11.63
C2 IMD K . 4.38 45.49 11.10
N3 IMD K . 3.48 44.49 11.30
C4 IMD K . 2.40 45.00 11.95
C5 IMD K . 2.65 46.36 12.17
MG MG L . 2.65 20.21 14.98
PG ATP M . -13.89 28.80 0.25
O1G ATP M . -12.84 28.45 -0.78
O2G ATP M . -13.48 30.00 1.08
O3G ATP M . -14.50 27.59 0.93
PB ATP M . -16.65 28.98 -0.73
O1B ATP M . -16.72 27.48 -0.89
O2B ATP M . -16.96 29.82 -1.93
O3B ATP M . -15.13 29.48 -0.52
PA ATP M . -19.17 29.14 0.66
O1A ATP M . -19.46 27.89 -0.13
O2A ATP M . -19.74 29.20 2.08
O3A ATP M . -17.57 29.49 0.52
O5' ATP M . -19.87 30.40 -0.02
C5' ATP M . -19.29 31.70 0.05
C4' ATP M . -20.38 32.64 0.56
O4' ATP M . -21.52 31.91 1.00
C3' ATP M . -19.90 33.43 1.77
O3' ATP M . -19.59 34.79 1.42
C2' ATP M . -21.07 33.34 2.75
O2' ATP M . -21.37 34.59 3.40
C1' ATP M . -22.19 32.81 1.86
N9 ATP M . -23.38 32.28 2.59
C8 ATP M . -23.45 31.41 3.62
N7 ATP M . -24.73 31.20 4.03
C5 ATP M . -25.51 31.97 3.23
C6 ATP M . -26.95 32.23 3.08
N6 ATP M . -27.88 31.65 3.88
N1 ATP M . -27.34 33.10 2.11
C2 ATP M . -26.43 33.69 1.30
N3 ATP M . -25.11 33.51 1.38
C4 ATP M . -24.60 32.66 2.31
N1 IMD N . -32.60 33.91 -6.57
C2 IMD N . -31.74 34.78 -7.14
N3 IMD N . -31.49 34.40 -8.41
C4 IMD N . -32.20 33.26 -8.65
C5 IMD N . -32.91 32.96 -7.48
N1 IMD O . -32.60 22.72 12.77
C2 IMD O . -32.05 22.15 11.67
N3 IMD O . -31.77 20.85 11.95
C4 IMD O . -32.16 20.61 13.22
C5 IMD O . -32.67 21.79 13.74
N1 IMD P . -22.01 14.42 7.02
C2 IMD P . -21.96 13.68 8.15
N3 IMD P . -22.94 14.11 8.97
C4 IMD P . -23.63 15.12 8.41
C5 IMD P . -23.04 15.30 7.18
N1 IMD Q . -37.77 17.28 11.40
C2 IMD Q . -36.64 16.54 11.44
N3 IMD Q . -36.97 15.27 11.79
C4 IMD Q . -38.30 15.21 11.99
C5 IMD Q . -38.81 16.49 11.73
N1 IMD R . -19.06 16.11 24.91
C2 IMD R . -17.89 15.45 25.04
N3 IMD R . -16.91 16.15 24.43
C4 IMD R . -17.47 17.26 23.91
C5 IMD R . -18.82 17.24 24.21
MG MG S . -14.88 25.45 0.15
PG ATP T . 23.74 -11.06 -23.27
O1G ATP T . 23.33 -12.04 -24.33
O2G ATP T . 23.18 -11.37 -21.90
O3G ATP T . 23.64 -9.62 -23.72
PB ATP T . 26.28 -11.29 -21.88
O1B ATP T . 27.65 -11.05 -22.42
O2B ATP T . 25.62 -10.40 -20.86
O3B ATP T . 25.32 -11.39 -23.19
PA ATP T . 27.37 -13.47 -20.47
O1A ATP T . 26.93 -14.86 -20.09
O2A ATP T . 27.87 -12.56 -19.39
O3A ATP T . 26.19 -12.75 -21.26
O5' ATP T . 28.52 -13.68 -21.56
C5' ATP T . 28.78 -15.04 -21.79
C4' ATP T . 29.84 -15.25 -22.84
O4' ATP T . 30.92 -15.85 -22.13
C3' ATP T . 29.35 -16.35 -23.75
O3' ATP T . 30.23 -16.43 -24.88
C2' ATP T . 29.54 -17.56 -22.88
O2' ATP T . 29.43 -18.79 -23.60
C1' ATP T . 30.95 -17.25 -22.38
N9 ATP T . 31.31 -18.07 -21.20
C8 ATP T . 30.49 -18.55 -20.26
N7 ATP T . 31.13 -19.31 -19.36
C5 ATP T . 32.42 -19.34 -19.75
C6 ATP T . 33.68 -19.93 -19.24
N6 ATP T . 33.72 -20.69 -18.12
N1 ATP T . 34.81 -19.69 -19.94
C2 ATP T . 34.81 -18.92 -21.06
N3 ATP T . 33.70 -18.36 -21.57
C4 ATP T . 32.51 -18.53 -20.97
N1 IMD U . 20.53 -17.18 -4.70
C2 IMD U . 20.54 -16.20 -5.63
N3 IMD U . 21.75 -16.17 -6.22
C4 IMD U . 22.51 -17.15 -5.67
C5 IMD U . 21.74 -17.78 -4.70
N1 IMD V . 43.26 -12.27 -19.55
C2 IMD V . 43.37 -13.14 -18.51
N3 IMD V . 44.10 -14.21 -18.92
C4 IMD V . 44.43 -14.01 -20.21
C5 IMD V . 43.90 -12.79 -20.62
N1 IMD W . 11.69 -29.16 -8.76
C2 IMD W . 10.68 -28.71 -9.52
N3 IMD W . 9.51 -29.23 -9.06
C4 IMD W . 9.79 -30.01 -8.00
C5 IMD W . 11.17 -29.97 -7.81
N1 IMD X . 12.48 1.65 -1.77
C2 IMD X . 12.20 0.40 -2.22
N3 IMD X . 12.66 0.29 -3.49
C4 IMD X . 13.22 1.47 -3.85
C5 IMD X . 13.10 2.32 -2.77
MG MG Y . 23.82 -12.26 -19.97
PG ATP Z . -0.12 -11.65 -22.50
O1G ATP Z . 0.34 -12.58 -23.61
O2G ATP Z . -0.65 -10.31 -22.94
O3G ATP Z . 0.88 -11.49 -21.37
PB ATP Z . -2.76 -12.67 -22.57
O1B ATP Z . -2.45 -13.71 -23.61
O2B ATP Z . -3.34 -11.36 -23.04
O3B ATP Z . -1.38 -12.36 -21.78
PA ATP Z . -3.74 -14.97 -21.36
O1A ATP Z . -4.39 -15.59 -22.57
O2A ATP Z . -2.38 -15.43 -20.90
O3A ATP Z . -3.70 -13.37 -21.49
O5' ATP Z . -4.80 -15.13 -20.18
C5' ATP Z . -5.41 -13.92 -19.80
C4' ATP Z . -6.32 -14.31 -18.69
O4' ATP Z . -6.65 -15.69 -18.85
C3' ATP Z . -5.57 -14.22 -17.39
O3' ATP Z . -6.08 -13.10 -16.67
C2' ATP Z . -5.84 -15.56 -16.71
O2' ATP Z . -6.18 -15.42 -15.34
C1' ATP Z . -6.99 -16.10 -17.53
N9 ATP Z . -7.17 -17.56 -17.40
C8 ATP Z . -6.28 -18.53 -17.62
N7 ATP Z . -6.82 -19.75 -17.37
C5 ATP Z . -8.09 -19.56 -17.00
C6 ATP Z . -9.23 -20.42 -16.60
N6 ATP Z . -9.11 -21.77 -16.55
N1 ATP Z . -10.38 -19.80 -16.28
C2 ATP Z . -10.50 -18.46 -16.32
N3 ATP Z . -9.52 -17.62 -16.67
C4 ATP Z . -8.31 -18.11 -17.01
N1 IMD AA . 3.04 -29.30 -27.82
C2 IMD AA . 4.35 -29.44 -28.13
N3 IMD AA . 4.86 -28.22 -28.43
C4 IMD AA . 3.87 -27.31 -28.30
C5 IMD AA . 2.73 -28.00 -27.92
N1 IMD BA . -4.40 -39.80 -24.33
C2 IMD BA . -4.95 -38.93 -23.44
N3 IMD BA . -4.02 -38.00 -23.10
C4 IMD BA . -2.87 -38.26 -23.76
C5 IMD BA . -3.11 -39.39 -24.54
N1 IMD CA . -3.62 -34.13 -19.83
C2 IMD CA . -4.70 -34.67 -19.25
N3 IMD CA . -4.65 -34.40 -17.93
C4 IMD CA . -3.51 -33.70 -17.67
C5 IMD CA . -2.86 -33.52 -18.89
N1 IMD DA . 14.84 -34.92 -17.17
C2 IMD DA . 15.94 -34.94 -16.39
N3 IMD DA . 16.19 -33.69 -15.94
C4 IMD DA . 15.25 -32.87 -16.46
C5 IMD DA . 14.40 -33.64 -17.23
N1 IMD EA . 15.77 -39.00 -17.97
C2 IMD EA . 16.76 -39.91 -18.19
N3 IMD EA . 17.94 -39.27 -18.35
C4 IMD EA . 17.71 -37.95 -18.24
C5 IMD EA . 16.34 -37.77 -18.01
N1 IMD FA . 9.71 -17.67 -44.15
C2 IMD FA . 10.37 -18.42 -45.06
N3 IMD FA . 11.08 -19.38 -44.41
C4 IMD FA . 10.87 -19.22 -43.07
C5 IMD FA . 9.99 -18.14 -42.90
MG MG GA . 0.50 -14.36 -22.86
#